data_8YK5
#
_entry.id   8YK5
#
_cell.length_a   143.742
_cell.length_b   179.184
_cell.length_c   88.450
_cell.angle_alpha   90.00
_cell.angle_beta   120.44
_cell.angle_gamma   90.00
#
_symmetry.space_group_name_H-M   'C 1 2 1'
#
loop_
_entity.id
_entity.type
_entity.pdbx_description
1 polymer 'phospholipase C'
2 non-polymer 'CALCIUM ION'
3 non-polymer GLYCEROL
4 water water
#
_entity_poly.entity_id   1
_entity_poly.type   'polypeptide(L)'
_entity_poly.pdbx_seq_one_letter_code
;DGLGAIKHVVILMQENRSFDHYFGTLRGVRGFGDRNAVELPSGKPVFEQPAALGTSVLPFPVRDAAETQKKDLQYIGALD
HSWSGGGKAWAGGWMNGWVSAKTAATMAYYDRRDIPLHYELADTFTVCDAYHSSIHTSTSPNRNHLWSGKTGNEPNGKRA
VGNDAYNEGTHPGYDWGTYAERLEKAGRSWRTYTEWENFTDNQIEFFATFKAVARKALAKTGGHTFMESFYAAVRDADAT
ERERLFGLLEEGVATLDKTERSLFERALRRVETGTLADEFAKDVAAGTLPEVSYLVPSAVDSEHPSVSSPIHSATIVYKV
LDALGKHPDVWRHTAVFINYDENDGFFDHVPPPVASPEVTEEQWEGKPTGLGMRVPMLVVSPWTIGGYVCSEVFDHTSVV
RFLERWTGVAEPNISDWRRTVTGDLTSAFDFSHARRRPEVEQPGAIPPFSGRWSPKPPAVQHMPVQEPGARPARALPYQP
DAQATVEDGAVRVDLSNTGRSSAHFALYPYAGEFPVPQHRDVKGTARWTVPVTGAAYRFTVTGPNGFRREFAGPAKDGAS
AGAEVASRVDARERDLHLTLRNTGRTTLTFTVRPLGYVDEADLRDWTRTVKVKPGRSRTVVHSAADAHGWYDLDVTVDGD
DAFRRRLMGHIENGRASVSGHHHHHH
;
_entity_poly.pdbx_strand_id   A,B
#
loop_
_chem_comp.id
_chem_comp.type
_chem_comp.name
_chem_comp.formula
CA non-polymer 'CALCIUM ION' 'Ca 2'
GOL non-polymer GLYCEROL 'C3 H8 O3'
#
# COMPACT_ATOMS: atom_id res chain seq x y z
N ASP A 1 23.29 3.63 9.43
CA ASP A 1 22.28 4.62 9.09
C ASP A 1 21.33 4.16 7.98
N GLY A 2 21.62 2.99 7.40
CA GLY A 2 20.71 2.33 6.46
C GLY A 2 20.42 3.08 5.17
N LEU A 3 21.08 4.22 4.94
CA LEU A 3 20.85 4.97 3.70
C LEU A 3 21.38 4.22 2.47
N GLY A 4 22.21 3.20 2.67
CA GLY A 4 22.66 2.41 1.55
C GLY A 4 21.58 1.61 0.86
N ALA A 5 20.41 1.51 1.46
CA ALA A 5 19.27 0.88 0.79
C ALA A 5 18.71 1.75 -0.34
N ILE A 6 18.95 3.05 -0.33
CA ILE A 6 18.40 3.96 -1.33
C ILE A 6 19.29 3.96 -2.56
N LYS A 7 18.67 3.77 -3.73
CA LYS A 7 19.35 3.90 -5.01
C LYS A 7 18.80 5.04 -5.86
N HIS A 8 17.63 5.56 -5.53
CA HIS A 8 17.00 6.58 -6.34
C HIS A 8 16.24 7.50 -5.40
N VAL A 9 16.37 8.81 -5.62
CA VAL A 9 15.53 9.80 -4.97
C VAL A 9 14.80 10.57 -6.06
N VAL A 10 13.50 10.75 -5.87
CA VAL A 10 12.63 11.38 -6.83
C VAL A 10 11.98 12.55 -6.11
N ILE A 11 12.13 13.75 -6.66
CA ILE A 11 11.62 14.96 -6.02
C ILE A 11 10.52 15.52 -6.90
N LEU A 12 9.34 15.70 -6.32
CA LEU A 12 8.18 16.19 -7.04
C LEU A 12 7.63 17.34 -6.22
N MET A 13 7.95 18.57 -6.62
CA MET A 13 7.45 19.75 -5.94
C MET A 13 6.29 20.31 -6.74
N GLN A 14 5.11 20.33 -6.11
CA GLN A 14 3.90 20.93 -6.62
C GLN A 14 3.83 22.38 -6.11
N GLU A 15 2.71 23.07 -6.35
CA GLU A 15 2.65 24.52 -6.25
C GLU A 15 1.53 25.02 -5.35
N ASN A 16 1.87 25.90 -4.41
CA ASN A 16 0.93 26.91 -3.87
C ASN A 16 -0.22 26.34 -3.04
N ARG A 17 0.09 25.51 -2.04
CA ARG A 17 -0.91 25.03 -1.10
C ARG A 17 -0.31 25.03 0.30
N SER A 18 -1.07 25.52 1.28
CA SER A 18 -0.57 25.50 2.65
C SER A 18 -1.01 24.22 3.37
N PHE A 19 -0.34 23.93 4.49
CA PHE A 19 -0.60 22.67 5.19
C PHE A 19 -2.04 22.59 5.70
N ASP A 20 -2.49 23.61 6.46
CA ASP A 20 -3.86 23.59 6.98
C ASP A 20 -4.87 23.60 5.85
N HIS A 21 -4.56 24.33 4.77
CA HIS A 21 -5.44 24.39 3.61
C HIS A 21 -5.82 23.00 3.11
N TYR A 22 -4.90 22.04 3.23
CA TYR A 22 -5.15 20.66 2.80
C TYR A 22 -5.36 19.70 3.95
N PHE A 23 -4.57 19.82 5.01
CA PHE A 23 -4.50 18.79 6.05
C PHE A 23 -4.87 19.32 7.43
N GLY A 24 -5.52 20.48 7.53
CA GLY A 24 -5.95 20.97 8.83
C GLY A 24 -6.89 20.03 9.54
N THR A 25 -7.68 19.26 8.80
CA THR A 25 -8.62 18.32 9.40
C THR A 25 -8.06 16.89 9.45
N LEU A 26 -6.84 16.65 8.98
CA LEU A 26 -6.30 15.31 8.93
C LEU A 26 -6.00 14.81 10.34
N ARG A 27 -6.39 13.56 10.63
CA ARG A 27 -6.13 12.98 11.94
C ARG A 27 -4.65 12.97 12.27
N GLY A 28 -4.30 13.35 13.49
CA GLY A 28 -2.99 13.10 14.05
C GLY A 28 -1.86 13.98 13.57
N VAL A 29 -2.16 15.11 12.92
CA VAL A 29 -1.15 16.10 12.58
C VAL A 29 -1.51 17.40 13.29
N ARG A 30 -0.56 18.33 13.35
CA ARG A 30 -0.80 19.66 13.88
C ARG A 30 -1.74 20.40 12.95
N GLY A 31 -3.02 20.46 13.30
CA GLY A 31 -4.03 20.99 12.40
C GLY A 31 -5.02 21.90 13.09
N PHE A 32 -6.30 21.80 12.73
CA PHE A 32 -7.28 22.72 13.29
C PHE A 32 -7.55 22.46 14.78
N GLY A 33 -7.18 21.29 15.29
CA GLY A 33 -7.33 21.03 16.72
C GLY A 33 -6.09 21.27 17.57
N ASP A 34 -5.12 22.01 17.04
CA ASP A 34 -3.81 22.12 17.68
C ASP A 34 -3.93 22.75 19.06
N ARG A 35 -3.51 22.01 20.09
CA ARG A 35 -3.57 22.56 21.44
C ARG A 35 -2.36 23.39 21.81
N ASN A 36 -1.36 23.49 20.93
CA ASN A 36 -0.27 24.45 21.09
C ASN A 36 -0.47 25.69 20.23
N ALA A 37 -1.70 25.93 19.73
CA ALA A 37 -1.98 27.14 18.97
C ALA A 37 -1.64 28.38 19.79
N VAL A 38 -1.20 29.42 19.10
CA VAL A 38 -0.85 30.67 19.77
C VAL A 38 -2.10 31.54 19.88
N GLU A 39 -2.19 32.27 20.98
CA GLU A 39 -3.26 33.23 21.16
C GLU A 39 -2.81 34.57 20.58
N LEU A 40 -3.70 35.21 19.83
CA LEU A 40 -3.41 36.49 19.19
C LEU A 40 -3.29 37.59 20.25
N PRO A 41 -2.77 38.78 19.89
CA PRO A 41 -2.75 39.86 20.90
C PRO A 41 -4.13 40.22 21.41
N SER A 42 -5.17 40.08 20.58
CA SER A 42 -6.55 40.27 21.02
C SER A 42 -7.00 39.22 22.03
N GLY A 43 -6.15 38.26 22.38
CA GLY A 43 -6.55 37.17 23.26
C GLY A 43 -7.25 36.02 22.56
N LYS A 44 -7.64 36.17 21.30
CA LYS A 44 -8.34 35.13 20.56
C LYS A 44 -7.36 34.15 19.95
N PRO A 45 -7.78 32.92 19.66
CA PRO A 45 -6.87 31.95 19.05
C PRO A 45 -6.57 32.30 17.61
N VAL A 46 -5.36 31.92 17.17
CA VAL A 46 -4.86 32.25 15.84
C VAL A 46 -5.85 31.89 14.74
N PHE A 47 -6.68 30.86 14.96
CA PHE A 47 -7.66 30.48 13.95
C PHE A 47 -8.73 31.53 13.73
N GLU A 48 -8.89 32.46 14.68
CA GLU A 48 -9.96 33.45 14.61
C GLU A 48 -9.33 34.73 14.08
N GLN A 49 -9.29 34.85 12.77
CA GLN A 49 -8.49 35.89 12.14
C GLN A 49 -9.23 37.22 12.13
N PRO A 50 -8.59 38.31 12.55
CA PRO A 50 -9.25 39.62 12.51
C PRO A 50 -9.62 40.00 11.08
N ALA A 51 -10.85 40.44 10.90
CA ALA A 51 -11.32 40.98 9.63
C ALA A 51 -11.68 42.47 9.84
N ALA A 52 -12.31 43.05 8.84
CA ALA A 52 -12.66 44.47 8.92
C ALA A 52 -13.85 44.69 9.86
N LEU A 53 -13.86 45.87 10.48
CA LEU A 53 -14.99 46.33 11.30
C LEU A 53 -15.20 45.44 12.53
N GLY A 54 -14.11 45.05 13.18
CA GLY A 54 -14.21 44.24 14.38
C GLY A 54 -14.80 42.87 14.21
N THR A 55 -14.87 42.34 12.99
CA THR A 55 -15.38 41.00 12.74
C THR A 55 -14.22 39.99 12.71
N SER A 56 -14.55 38.74 12.39
CA SER A 56 -13.57 37.66 12.39
C SER A 56 -13.91 36.69 11.28
N VAL A 57 -12.89 36.02 10.77
CA VAL A 57 -13.05 34.90 9.85
C VAL A 57 -12.41 33.67 10.47
N LEU A 58 -13.18 32.61 10.62
CA LEU A 58 -12.69 31.29 10.98
C LEU A 58 -12.41 30.49 9.73
N PRO A 59 -11.58 29.45 9.81
CA PRO A 59 -11.47 28.51 8.68
C PRO A 59 -12.85 28.03 8.24
N PHE A 60 -13.05 27.88 6.93
CA PHE A 60 -14.33 27.41 6.43
C PHE A 60 -14.10 26.52 5.22
N PRO A 61 -14.97 25.53 5.00
CA PRO A 61 -14.71 24.55 3.94
C PRO A 61 -15.06 25.05 2.56
N VAL A 62 -14.16 24.75 1.61
CA VAL A 62 -14.38 25.13 0.22
C VAL A 62 -15.66 24.49 -0.32
N ARG A 63 -15.94 23.25 0.08
CA ARG A 63 -17.10 22.54 -0.47
C ARG A 63 -18.40 23.32 -0.25
N ASP A 64 -18.59 23.86 0.96
CA ASP A 64 -19.81 24.59 1.25
C ASP A 64 -19.88 25.89 0.46
N ALA A 65 -18.78 26.64 0.43
CA ALA A 65 -18.74 27.87 -0.34
C ALA A 65 -18.96 27.59 -1.82
N ALA A 66 -18.44 26.47 -2.32
CA ALA A 66 -18.67 26.09 -3.71
C ALA A 66 -20.14 25.83 -3.96
N GLU A 67 -20.82 25.19 -3.01
CA GLU A 67 -22.27 24.99 -3.12
C GLU A 67 -22.99 26.33 -3.03
N THR A 68 -22.63 27.15 -2.04
CA THR A 68 -23.27 28.45 -1.86
C THR A 68 -23.15 29.32 -3.12
N GLN A 69 -21.93 29.45 -3.65
CA GLN A 69 -21.65 30.29 -4.80
C GLN A 69 -21.79 29.57 -6.13
N LYS A 70 -22.25 28.31 -6.10
CA LYS A 70 -22.53 27.51 -7.30
C LYS A 70 -21.32 27.44 -8.24
N LYS A 71 -20.17 27.03 -7.67
CA LYS A 71 -18.92 26.88 -8.39
C LYS A 71 -18.27 25.56 -8.03
N ASP A 72 -17.19 25.22 -8.73
CA ASP A 72 -16.53 23.92 -8.54
C ASP A 72 -15.40 24.04 -7.51
N LEU A 73 -15.37 23.13 -6.53
CA LEU A 73 -14.35 23.21 -5.49
C LEU A 73 -12.95 22.97 -6.03
N GLN A 74 -12.83 22.28 -7.16
CA GLN A 74 -11.52 22.05 -7.76
C GLN A 74 -10.84 23.32 -8.27
N TYR A 75 -11.60 24.37 -8.62
CA TYR A 75 -11.05 25.48 -9.39
C TYR A 75 -11.10 26.81 -8.65
N ILE A 76 -10.77 26.83 -7.36
CA ILE A 76 -10.53 28.11 -6.68
C ILE A 76 -9.30 28.76 -7.30
N GLY A 77 -9.25 30.10 -7.24
CA GLY A 77 -8.17 30.86 -7.83
C GLY A 77 -7.06 31.12 -6.84
N ALA A 78 -6.02 31.79 -7.33
CA ALA A 78 -4.86 32.10 -6.50
C ALA A 78 -5.07 33.39 -5.72
N LEU A 79 -4.33 33.52 -4.63
CA LEU A 79 -4.30 34.71 -3.80
C LEU A 79 -2.89 35.30 -3.82
N ASP A 80 -2.73 36.43 -3.13
CA ASP A 80 -1.43 37.08 -3.11
C ASP A 80 -0.39 36.16 -2.49
N HIS A 81 0.74 36.04 -3.16
CA HIS A 81 1.85 35.25 -2.66
C HIS A 81 3.15 36.02 -2.84
N SER A 82 3.12 37.31 -2.52
CA SER A 82 4.27 38.19 -2.68
C SER A 82 5.03 38.35 -1.37
N TRP A 83 6.27 38.83 -1.51
CA TRP A 83 7.11 39.08 -0.34
C TRP A 83 6.46 40.09 0.60
N SER A 84 5.87 41.15 0.05
CA SER A 84 5.24 42.18 0.88
C SER A 84 3.93 41.70 1.49
N GLY A 85 3.09 41.06 0.68
CA GLY A 85 1.88 40.47 1.22
C GLY A 85 2.17 39.48 2.35
N GLY A 86 3.25 38.72 2.23
CA GLY A 86 3.58 37.78 3.28
C GLY A 86 3.94 38.47 4.58
N GLY A 87 4.74 39.54 4.49
CA GLY A 87 5.08 40.28 5.68
C GLY A 87 3.87 40.90 6.35
N LYS A 88 2.83 41.22 5.56
CA LYS A 88 1.61 41.78 6.14
C LYS A 88 0.81 40.71 6.88
N ALA A 89 0.61 39.55 6.24
CA ALA A 89 -0.02 38.43 6.94
C ALA A 89 0.76 38.06 8.19
N TRP A 90 2.09 37.95 8.07
CA TRP A 90 2.91 37.55 9.19
C TRP A 90 2.90 38.59 10.30
N ALA A 91 2.82 39.88 9.97
CA ALA A 91 2.59 40.98 10.93
C ALA A 91 3.59 40.95 12.08
N GLY A 92 4.88 40.99 11.74
CA GLY A 92 5.91 41.05 12.76
C GLY A 92 5.99 39.85 13.68
N GLY A 93 5.34 38.75 13.32
CA GLY A 93 5.38 37.55 14.13
C GLY A 93 4.10 37.28 14.88
N TRP A 94 3.13 38.20 14.84
CA TRP A 94 1.86 38.04 15.54
C TRP A 94 0.84 37.29 14.72
N MET A 95 1.10 37.05 13.44
CA MET A 95 0.31 36.12 12.63
C MET A 95 -1.17 36.46 12.62
N ASN A 96 -1.49 37.75 12.60
CA ASN A 96 -2.89 38.19 12.67
C ASN A 96 -3.27 39.15 11.56
N GLY A 97 -2.56 39.12 10.43
CA GLY A 97 -2.90 40.00 9.32
C GLY A 97 -3.37 39.27 8.08
N TRP A 98 -3.93 38.07 8.24
CA TRP A 98 -4.17 37.22 7.09
C TRP A 98 -5.32 37.73 6.22
N VAL A 99 -6.45 38.08 6.85
CA VAL A 99 -7.60 38.53 6.06
C VAL A 99 -7.28 39.83 5.34
N SER A 100 -6.61 40.77 6.02
CA SER A 100 -6.29 42.04 5.39
C SER A 100 -5.34 41.86 4.22
N ALA A 101 -4.30 41.03 4.42
CA ALA A 101 -3.28 40.87 3.39
C ALA A 101 -3.75 40.00 2.23
N LYS A 102 -4.64 39.03 2.50
CA LYS A 102 -4.91 37.98 1.51
C LYS A 102 -6.36 37.85 1.09
N THR A 103 -7.29 38.62 1.69
CA THR A 103 -8.74 38.45 1.61
C THR A 103 -9.22 37.26 2.45
N ALA A 104 -10.54 37.13 2.62
CA ALA A 104 -11.09 36.12 3.50
C ALA A 104 -10.99 34.72 2.90
N ALA A 105 -10.78 34.63 1.59
CA ALA A 105 -10.53 33.34 0.95
C ALA A 105 -9.28 32.66 1.49
N THR A 106 -8.44 33.37 2.25
CA THR A 106 -7.25 32.76 2.82
C THR A 106 -7.59 31.65 3.83
N MET A 107 -8.82 31.62 4.35
CA MET A 107 -9.19 30.68 5.40
C MET A 107 -9.87 29.45 4.86
N ALA A 108 -10.08 29.38 3.56
CA ALA A 108 -10.77 28.24 2.97
C ALA A 108 -9.88 27.00 3.00
N TYR A 109 -10.51 25.83 3.21
CA TYR A 109 -9.77 24.56 3.33
C TYR A 109 -10.55 23.41 2.70
N TYR A 110 -9.80 22.38 2.31
CA TYR A 110 -10.32 21.12 1.80
C TYR A 110 -10.26 20.05 2.91
N ASP A 111 -11.03 18.98 2.72
CA ASP A 111 -10.97 17.87 3.67
C ASP A 111 -10.96 16.55 2.89
N ARG A 112 -11.08 15.44 3.63
CA ARG A 112 -10.83 14.13 3.05
C ARG A 112 -11.82 13.79 1.94
N ARG A 113 -13.07 14.27 2.04
CA ARG A 113 -14.00 14.03 0.94
C ARG A 113 -13.58 14.78 -0.33
N ASP A 114 -12.94 15.93 -0.16
CA ASP A 114 -12.54 16.73 -1.31
C ASP A 114 -11.30 16.14 -1.99
N ILE A 115 -10.28 15.80 -1.21
CA ILE A 115 -9.01 15.35 -1.78
C ILE A 115 -8.66 13.98 -1.21
N PRO A 116 -9.37 12.91 -1.60
CA PRO A 116 -9.14 11.63 -0.94
C PRO A 116 -7.78 11.02 -1.25
N LEU A 117 -7.23 11.21 -2.45
CA LEU A 117 -5.90 10.67 -2.71
C LEU A 117 -4.85 11.32 -1.80
N HIS A 118 -4.97 12.62 -1.56
CA HIS A 118 -4.03 13.29 -0.67
C HIS A 118 -4.09 12.69 0.74
N TYR A 119 -5.31 12.48 1.25
CA TYR A 119 -5.47 11.97 2.60
C TYR A 119 -5.02 10.53 2.71
N GLU A 120 -5.35 9.72 1.69
CA GLU A 120 -4.95 8.31 1.73
C GLU A 120 -3.44 8.17 1.67
N LEU A 121 -2.75 9.10 1.02
CA LEU A 121 -1.29 9.02 0.94
C LEU A 121 -0.65 9.32 2.29
N ALA A 122 -1.18 10.32 2.99
CA ALA A 122 -0.71 10.61 4.33
C ALA A 122 -0.99 9.45 5.30
N ASP A 123 -2.14 8.77 5.12
CA ASP A 123 -2.53 7.65 5.99
C ASP A 123 -1.71 6.40 5.72
N THR A 124 -1.10 6.29 4.55
CA THR A 124 -0.37 5.11 4.12
C THR A 124 1.12 5.25 4.33
N PHE A 125 1.65 6.46 4.17
CA PHE A 125 3.08 6.63 4.18
C PHE A 125 3.45 7.50 5.38
N THR A 126 4.24 8.56 5.18
CA THR A 126 4.65 9.43 6.29
C THR A 126 4.45 10.88 5.89
N VAL A 127 3.82 11.66 6.76
CA VAL A 127 3.50 13.06 6.50
C VAL A 127 4.28 13.92 7.49
N CYS A 128 4.83 15.03 7.01
CA CYS A 128 5.62 15.94 7.82
C CYS A 128 4.77 17.16 8.13
N ASP A 129 4.57 17.43 9.43
CA ASP A 129 3.73 18.56 9.84
C ASP A 129 4.53 19.66 10.52
N ALA A 130 5.86 19.66 10.36
CA ALA A 130 6.72 20.79 10.65
C ALA A 130 7.65 21.07 9.46
N TYR A 131 7.11 20.90 8.26
CA TYR A 131 7.85 21.11 7.03
C TYR A 131 7.46 22.48 6.48
N HIS A 132 8.41 23.39 6.42
CA HIS A 132 8.12 24.75 5.99
C HIS A 132 8.66 25.02 4.59
N SER A 133 7.94 25.82 3.81
CA SER A 133 8.60 26.47 2.69
C SER A 133 9.79 27.29 3.20
N SER A 134 10.71 27.58 2.30
CA SER A 134 11.96 28.15 2.76
C SER A 134 11.86 29.64 3.07
N ILE A 135 10.93 30.35 2.41
CA ILE A 135 10.84 31.80 2.55
C ILE A 135 9.41 32.23 2.24
N HIS A 136 8.89 33.16 3.04
CA HIS A 136 7.49 33.57 2.88
C HIS A 136 7.40 34.56 1.73
N THR A 137 7.26 34.02 0.52
CA THR A 137 7.17 34.80 -0.71
C THR A 137 6.79 33.84 -1.83
N SER A 138 7.12 34.16 -3.08
CA SER A 138 6.55 33.50 -4.25
C SER A 138 7.41 32.29 -4.67
N THR A 139 7.23 31.81 -5.92
CA THR A 139 7.79 30.52 -6.34
C THR A 139 9.29 30.55 -6.47
N SER A 140 9.81 31.52 -7.23
CA SER A 140 11.22 31.47 -7.61
C SER A 140 12.16 31.45 -6.40
N PRO A 141 11.99 32.28 -5.35
CA PRO A 141 12.94 32.18 -4.23
C PRO A 141 12.83 30.87 -3.49
N ASN A 142 11.64 30.29 -3.42
CA ASN A 142 11.47 29.00 -2.78
C ASN A 142 12.13 27.90 -3.59
N ARG A 143 11.88 27.88 -4.90
CA ARG A 143 12.52 26.88 -5.75
C ARG A 143 14.03 27.04 -5.78
N ASN A 144 14.53 28.26 -5.61
CA ASN A 144 15.98 28.46 -5.44
C ASN A 144 16.54 27.61 -4.30
N HIS A 145 15.82 27.51 -3.18
CA HIS A 145 16.38 26.74 -2.06
C HIS A 145 16.46 25.26 -2.40
N LEU A 146 15.44 24.72 -3.07
CA LEU A 146 15.43 23.29 -3.40
C LEU A 146 16.56 22.95 -4.37
N TRP A 147 16.85 23.83 -5.33
CA TRP A 147 17.82 23.52 -6.39
C TRP A 147 19.24 23.92 -6.02
N SER A 148 19.42 24.80 -5.04
CA SER A 148 20.74 25.34 -4.80
C SER A 148 21.03 25.58 -3.32
N GLY A 149 20.07 25.40 -2.42
CA GLY A 149 20.31 25.58 -1.01
C GLY A 149 20.16 27.00 -0.51
N LYS A 150 19.93 27.97 -1.39
CA LYS A 150 19.68 29.33 -0.93
C LYS A 150 19.00 30.13 -2.02
N THR A 151 18.54 31.32 -1.62
CA THR A 151 18.28 32.38 -2.56
C THR A 151 19.23 33.51 -2.22
N GLY A 152 20.05 33.91 -3.19
CA GLY A 152 21.08 34.91 -2.95
C GLY A 152 20.60 36.29 -3.34
N ASN A 153 21.42 37.02 -4.10
CA ASN A 153 21.09 38.39 -4.48
C ASN A 153 20.80 38.50 -5.97
N GLU A 154 19.96 39.47 -6.32
CA GLU A 154 19.77 39.88 -7.70
C GLU A 154 21.03 40.59 -8.22
N PRO A 155 21.13 40.82 -9.53
CA PRO A 155 22.30 41.56 -10.03
C PRO A 155 22.43 42.95 -9.45
N ASN A 156 21.30 43.66 -9.26
CA ASN A 156 21.25 44.93 -8.54
C ASN A 156 21.62 44.80 -7.07
N GLY A 157 22.04 43.64 -6.56
CA GLY A 157 22.49 43.51 -5.20
C GLY A 157 21.41 43.35 -4.15
N LYS A 158 20.14 43.53 -4.51
CA LYS A 158 19.04 43.25 -3.59
C LYS A 158 18.84 41.74 -3.42
N ARG A 159 18.28 41.37 -2.28
CA ARG A 159 17.97 39.97 -2.02
C ARG A 159 16.94 39.46 -3.02
N ALA A 160 17.14 38.23 -3.49
CA ALA A 160 16.25 37.64 -4.49
C ALA A 160 15.01 37.08 -3.79
N VAL A 161 13.98 37.92 -3.65
CA VAL A 161 12.75 37.58 -2.96
C VAL A 161 11.54 37.65 -3.88
N GLY A 162 11.76 37.79 -5.19
CA GLY A 162 10.66 37.82 -6.13
C GLY A 162 10.92 36.96 -7.35
N ASN A 163 10.05 37.03 -8.35
CA ASN A 163 10.16 36.22 -9.56
C ASN A 163 10.88 36.94 -10.69
N ASP A 164 11.87 37.80 -10.37
CA ASP A 164 12.52 38.59 -11.40
C ASP A 164 13.18 37.71 -12.47
N ALA A 165 13.60 36.50 -12.11
CA ALA A 165 14.30 35.64 -13.05
C ALA A 165 13.44 35.24 -14.24
N TYR A 166 12.11 35.39 -14.13
CA TYR A 166 11.23 34.93 -15.20
C TYR A 166 11.31 35.78 -16.46
N ASN A 167 11.90 36.97 -16.40
CA ASN A 167 12.20 37.76 -17.59
C ASN A 167 13.51 37.21 -18.15
N GLU A 168 13.40 36.06 -18.82
CA GLU A 168 14.59 35.29 -19.16
C GLU A 168 15.44 35.94 -20.24
N GLY A 169 14.84 36.80 -21.08
CA GLY A 169 15.62 37.51 -22.07
C GLY A 169 16.57 38.54 -21.48
N THR A 170 16.14 39.23 -20.42
CA THR A 170 16.95 40.30 -19.85
C THR A 170 17.68 39.91 -18.57
N HIS A 171 17.15 38.99 -17.78
CA HIS A 171 17.83 38.58 -16.55
C HIS A 171 19.06 37.73 -16.91
N PRO A 172 20.22 38.00 -16.31
CA PRO A 172 21.42 37.22 -16.64
C PRO A 172 21.52 35.89 -15.90
N GLY A 173 20.58 35.56 -15.01
CA GLY A 173 20.60 34.31 -14.29
C GLY A 173 21.38 34.39 -12.99
N TYR A 174 21.10 33.46 -12.09
CA TYR A 174 21.72 33.51 -10.78
C TYR A 174 23.09 32.86 -10.82
N ASP A 175 24.01 33.38 -10.00
CA ASP A 175 25.42 33.06 -10.14
C ASP A 175 26.01 32.27 -8.97
N TRP A 176 25.21 31.86 -7.99
CA TRP A 176 25.75 31.16 -6.83
C TRP A 176 25.77 29.63 -6.98
N GLY A 177 25.38 29.09 -8.12
CA GLY A 177 25.60 27.67 -8.34
C GLY A 177 24.50 26.74 -7.85
N THR A 178 24.22 25.66 -8.58
CA THR A 178 23.19 24.70 -8.22
C THR A 178 23.80 23.44 -7.63
N TYR A 179 22.99 22.71 -6.86
CA TYR A 179 23.41 21.41 -6.35
C TYR A 179 23.64 20.40 -7.49
N ALA A 180 22.78 20.42 -8.53
CA ALA A 180 22.97 19.48 -9.64
C ALA A 180 24.35 19.63 -10.29
N GLU A 181 24.92 20.84 -10.30
CA GLU A 181 26.26 21.00 -10.86
C GLU A 181 27.30 20.31 -9.99
N ARG A 182 27.09 20.27 -8.69
CA ARG A 182 28.00 19.52 -7.84
C ARG A 182 27.82 18.02 -8.02
N LEU A 183 26.56 17.56 -8.17
CA LEU A 183 26.31 16.16 -8.49
C LEU A 183 27.01 15.78 -9.79
N GLU A 184 26.93 16.65 -10.79
CA GLU A 184 27.60 16.44 -12.07
C GLU A 184 29.11 16.28 -11.88
N LYS A 185 29.75 17.24 -11.18
CA LYS A 185 31.19 17.16 -10.95
C LYS A 185 31.59 15.91 -10.19
N ALA A 186 30.75 15.45 -9.27
CA ALA A 186 31.07 14.28 -8.46
C ALA A 186 30.77 12.96 -9.17
N GLY A 187 30.27 13.00 -10.41
CA GLY A 187 29.96 11.78 -11.13
C GLY A 187 28.64 11.14 -10.80
N ARG A 188 27.78 11.79 -10.02
CA ARG A 188 26.48 11.21 -9.69
C ARG A 188 25.47 11.50 -10.79
N SER A 189 24.60 10.54 -11.05
CA SER A 189 23.63 10.69 -12.13
C SER A 189 22.39 11.45 -11.65
N TRP A 190 21.82 12.23 -12.55
CA TRP A 190 20.62 13.00 -12.26
C TRP A 190 19.93 13.34 -13.58
N ARG A 191 18.64 13.67 -13.48
CA ARG A 191 17.86 14.01 -14.67
C ARG A 191 16.64 14.80 -14.25
N THR A 192 16.27 15.77 -15.08
CA THR A 192 15.02 16.51 -14.96
C THR A 192 14.01 15.95 -15.94
N TYR A 193 12.82 15.65 -15.43
CA TYR A 193 11.70 15.20 -16.24
C TYR A 193 10.70 16.34 -16.29
N THR A 194 10.50 16.88 -17.49
CA THR A 194 9.72 18.11 -17.63
C THR A 194 9.25 18.23 -19.08
N GLU A 195 8.04 18.73 -19.26
CA GLU A 195 7.38 18.77 -20.57
C GLU A 195 7.58 20.12 -21.27
N TRP A 196 7.15 20.17 -22.55
CA TRP A 196 7.29 21.38 -23.36
C TRP A 196 6.81 22.61 -22.60
N GLU A 197 5.70 22.50 -21.89
CA GLU A 197 5.23 23.55 -21.01
C GLU A 197 5.57 23.18 -19.56
N ASN A 198 6.27 24.07 -18.84
CA ASN A 198 6.57 23.73 -17.46
C ASN A 198 6.47 24.93 -16.52
N PHE A 199 5.76 26.00 -16.92
CA PHE A 199 5.24 26.98 -15.97
C PHE A 199 6.36 27.67 -15.17
N THR A 200 7.50 27.89 -15.83
CA THR A 200 8.71 28.51 -15.24
C THR A 200 9.04 27.87 -13.90
N ASP A 201 8.84 26.54 -13.77
CA ASP A 201 9.09 25.84 -12.53
C ASP A 201 10.37 25.02 -12.54
N ASN A 202 11.01 24.87 -13.69
CA ASN A 202 12.31 24.20 -13.77
C ASN A 202 13.37 25.24 -13.41
N GLN A 203 13.63 25.39 -12.11
CA GLN A 203 14.38 26.54 -11.59
C GLN A 203 15.83 26.56 -12.08
N ILE A 204 16.39 25.39 -12.37
CA ILE A 204 17.76 25.26 -12.87
C ILE A 204 17.97 26.09 -14.14
N GLU A 205 16.88 26.35 -14.88
CA GLU A 205 16.97 27.12 -16.13
C GLU A 205 17.35 28.57 -15.90
N PHE A 206 17.20 29.06 -14.67
CA PHE A 206 17.45 30.45 -14.31
C PHE A 206 18.82 30.66 -13.72
N PHE A 207 19.68 29.65 -13.77
CA PHE A 207 21.03 29.78 -13.26
C PHE A 207 21.99 29.97 -14.44
N ALA A 208 23.05 30.76 -14.19
CA ALA A 208 23.82 31.35 -15.28
C ALA A 208 24.53 30.29 -16.12
N THR A 209 25.07 29.23 -15.49
CA THR A 209 25.69 28.16 -16.26
C THR A 209 24.73 27.59 -17.29
N PHE A 210 23.47 27.42 -16.91
CA PHE A 210 22.50 26.79 -17.79
C PHE A 210 21.94 27.74 -18.84
N LYS A 211 21.94 29.05 -18.55
CA LYS A 211 21.57 30.02 -19.59
C LYS A 211 22.61 30.02 -20.71
N ALA A 212 23.88 29.93 -20.35
CA ALA A 212 24.93 29.82 -21.36
C ALA A 212 24.78 28.54 -22.17
N VAL A 213 24.42 27.43 -21.53
CA VAL A 213 24.22 26.19 -22.28
C VAL A 213 23.07 26.36 -23.27
N ALA A 214 21.93 26.86 -22.78
CA ALA A 214 20.75 27.00 -23.63
C ALA A 214 21.04 27.90 -24.83
N ARG A 215 21.70 29.03 -24.60
CA ARG A 215 21.97 29.97 -25.67
C ARG A 215 22.78 29.32 -26.78
N LYS A 216 23.83 28.58 -26.41
CA LYS A 216 24.62 27.87 -27.42
C LYS A 216 23.80 26.76 -28.08
N ALA A 217 23.00 26.03 -27.30
CA ALA A 217 22.23 24.92 -27.90
C ALA A 217 21.21 25.44 -28.89
N LEU A 218 20.73 26.67 -28.70
CA LEU A 218 19.70 27.27 -29.52
C LEU A 218 20.26 28.12 -30.67
N ALA A 219 21.59 28.15 -30.85
CA ALA A 219 22.23 29.15 -31.72
C ALA A 219 21.68 29.12 -33.14
N LYS A 220 21.17 27.99 -33.60
CA LYS A 220 20.77 27.88 -34.99
C LYS A 220 19.29 28.09 -35.20
N THR A 221 18.52 28.36 -34.14
CA THR A 221 17.07 28.29 -34.20
C THR A 221 16.42 29.60 -34.63
N GLY A 222 17.22 30.59 -35.01
CA GLY A 222 16.68 31.83 -35.57
C GLY A 222 16.37 32.92 -34.57
N GLY A 223 16.95 32.88 -33.39
CA GLY A 223 16.79 34.00 -32.48
C GLY A 223 16.46 33.62 -31.05
N HIS A 224 16.06 32.37 -30.82
CA HIS A 224 15.75 31.95 -29.47
C HIS A 224 17.02 31.90 -28.63
N THR A 225 16.99 32.52 -27.45
CA THR A 225 18.16 32.47 -26.58
C THR A 225 17.93 31.73 -25.27
N PHE A 226 16.69 31.40 -24.91
CA PHE A 226 16.42 30.57 -23.73
C PHE A 226 15.36 29.55 -24.11
N MET A 227 15.36 28.41 -23.40
CA MET A 227 14.56 27.27 -23.83
C MET A 227 13.07 27.60 -23.91
N GLU A 228 12.55 28.36 -22.95
CA GLU A 228 11.11 28.60 -22.97
C GLU A 228 10.68 29.34 -24.23
N SER A 229 11.54 30.24 -24.74
CA SER A 229 11.28 30.88 -26.02
C SER A 229 11.12 29.85 -27.12
N PHE A 230 12.08 28.93 -27.22
CA PHE A 230 12.06 27.88 -28.23
C PHE A 230 10.83 26.98 -28.10
N TYR A 231 10.55 26.52 -26.89
CA TYR A 231 9.45 25.60 -26.68
C TYR A 231 8.10 26.27 -26.81
N ALA A 232 8.02 27.58 -26.57
CA ALA A 232 6.79 28.29 -26.91
C ALA A 232 6.52 28.22 -28.41
N ALA A 233 7.57 28.37 -29.22
CA ALA A 233 7.43 28.24 -30.67
C ALA A 233 7.05 26.82 -31.06
N VAL A 234 7.66 25.82 -30.42
CA VAL A 234 7.30 24.42 -30.70
C VAL A 234 5.82 24.20 -30.43
N ARG A 235 5.36 24.65 -29.26
CA ARG A 235 3.98 24.42 -28.85
C ARG A 235 2.99 25.01 -29.86
N ASP A 236 3.33 26.16 -30.47
CA ASP A 236 2.46 26.85 -31.45
C ASP A 236 2.63 26.34 -32.87
N ALA A 237 3.67 25.57 -33.15
CA ALA A 237 4.00 25.15 -34.50
C ALA A 237 3.10 24.01 -34.95
N ASP A 238 2.88 23.94 -36.27
CA ASP A 238 2.31 22.74 -36.87
C ASP A 238 3.40 21.67 -37.01
N ALA A 239 3.00 20.49 -37.47
CA ALA A 239 3.93 19.37 -37.56
C ALA A 239 5.17 19.73 -38.36
N THR A 240 5.00 20.49 -39.44
CA THR A 240 6.12 20.79 -40.32
C THR A 240 7.11 21.74 -39.66
N GLU A 241 6.60 22.74 -38.95
CA GLU A 241 7.45 23.73 -38.34
C GLU A 241 8.12 23.20 -37.07
N ARG A 242 7.47 22.22 -36.40
CA ARG A 242 8.10 21.54 -35.27
C ARG A 242 9.31 20.75 -35.71
N GLU A 243 9.15 19.93 -36.75
CA GLU A 243 10.27 19.18 -37.29
C GLU A 243 11.45 20.10 -37.62
N ARG A 244 11.16 21.23 -38.28
CA ARG A 244 12.22 22.18 -38.60
C ARG A 244 12.88 22.70 -37.33
N LEU A 245 12.07 23.15 -36.36
CA LEU A 245 12.64 23.65 -35.11
C LEU A 245 13.51 22.59 -34.45
N PHE A 246 13.00 21.35 -34.30
CA PHE A 246 13.77 20.35 -33.57
C PHE A 246 15.03 19.97 -34.33
N GLY A 247 14.99 19.99 -35.66
CA GLY A 247 16.22 19.74 -36.41
C GLY A 247 17.26 20.82 -36.16
N LEU A 248 16.82 22.08 -36.02
CA LEU A 248 17.78 23.16 -35.77
C LEU A 248 18.33 23.08 -34.34
N LEU A 249 17.47 22.73 -33.37
CA LEU A 249 17.94 22.44 -32.01
C LEU A 249 19.06 21.39 -32.01
N GLU A 250 18.83 20.26 -32.66
CA GLU A 250 19.81 19.17 -32.59
C GLU A 250 21.13 19.54 -33.23
N GLU A 251 21.11 20.40 -34.26
CA GLU A 251 22.36 20.92 -34.80
C GLU A 251 23.10 21.77 -33.78
N GLY A 252 22.38 22.57 -33.00
CA GLY A 252 23.04 23.31 -31.93
C GLY A 252 23.55 22.41 -30.82
N VAL A 253 22.77 21.37 -30.48
CA VAL A 253 23.16 20.47 -29.40
C VAL A 253 24.48 19.78 -29.74
N ALA A 254 24.68 19.45 -31.02
CA ALA A 254 25.94 18.84 -31.42
C ALA A 254 27.15 19.76 -31.30
N THR A 255 26.97 21.07 -31.12
CA THR A 255 28.13 21.93 -30.88
C THR A 255 28.52 22.02 -29.40
N LEU A 256 27.74 21.46 -28.48
CA LEU A 256 28.08 21.56 -27.08
C LEU A 256 29.31 20.73 -26.75
N ASP A 257 30.15 21.22 -25.83
CA ASP A 257 31.26 20.38 -25.37
C ASP A 257 30.73 19.32 -24.41
N LYS A 258 31.63 18.47 -23.89
CA LYS A 258 31.16 17.29 -23.15
C LYS A 258 30.31 17.69 -21.94
N THR A 259 30.80 18.65 -21.15
CA THR A 259 30.08 19.09 -19.95
C THR A 259 28.79 19.80 -20.31
N GLU A 260 28.84 20.72 -21.29
CA GLU A 260 27.63 21.40 -21.73
C GLU A 260 26.59 20.40 -22.24
N ARG A 261 27.03 19.43 -23.05
CA ARG A 261 26.09 18.44 -23.59
C ARG A 261 25.39 17.69 -22.46
N SER A 262 26.16 17.26 -21.45
CA SER A 262 25.59 16.54 -20.34
C SER A 262 24.60 17.40 -19.55
N LEU A 263 24.98 18.64 -19.24
CA LEU A 263 24.06 19.54 -18.55
C LEU A 263 22.80 19.78 -19.37
N PHE A 264 22.94 19.90 -20.69
CA PHE A 264 21.76 20.10 -21.52
C PHE A 264 20.83 18.90 -21.43
N GLU A 265 21.38 17.70 -21.60
CA GLU A 265 20.55 16.49 -21.61
C GLU A 265 19.84 16.29 -20.28
N ARG A 266 20.49 16.63 -19.18
CA ARG A 266 19.93 16.34 -17.88
C ARG A 266 19.00 17.42 -17.35
N ALA A 267 19.19 18.68 -17.75
CA ALA A 267 18.42 19.80 -17.20
C ALA A 267 17.50 20.48 -18.19
N LEU A 268 17.80 20.48 -19.50
CA LEU A 268 17.16 21.41 -20.41
C LEU A 268 16.33 20.77 -21.52
N ARG A 269 16.58 19.52 -21.88
CA ARG A 269 15.77 18.86 -22.90
C ARG A 269 14.41 18.49 -22.32
N ARG A 270 13.35 19.04 -22.90
CA ARG A 270 12.00 18.77 -22.44
C ARG A 270 11.37 17.61 -23.25
N VAL A 271 10.39 16.95 -22.65
CA VAL A 271 9.64 15.91 -23.33
C VAL A 271 8.32 16.50 -23.80
N GLU A 272 7.68 15.82 -24.75
CA GLU A 272 6.42 16.26 -25.32
C GLU A 272 5.33 16.35 -24.26
N THR A 273 4.43 17.32 -24.41
CA THR A 273 3.39 17.52 -23.40
C THR A 273 2.52 16.27 -23.26
N GLY A 274 2.13 16.01 -22.01
CA GLY A 274 1.37 14.82 -21.67
C GLY A 274 2.21 13.60 -21.32
N THR A 275 3.54 13.65 -21.51
CA THR A 275 4.36 12.45 -21.40
C THR A 275 5.37 12.49 -20.27
N LEU A 276 5.21 13.37 -19.28
CA LEU A 276 6.16 13.39 -18.17
C LEU A 276 6.23 12.01 -17.49
N ALA A 277 5.08 11.46 -17.10
CA ALA A 277 5.08 10.19 -16.38
C ALA A 277 5.50 9.02 -17.27
N ASP A 278 5.13 9.04 -18.55
CA ASP A 278 5.57 7.98 -19.47
C ASP A 278 7.07 7.99 -19.67
N GLU A 279 7.67 9.19 -19.71
CA GLU A 279 9.11 9.28 -19.82
C GLU A 279 9.77 8.76 -18.55
N PHE A 280 9.24 9.16 -17.39
CA PHE A 280 9.71 8.63 -16.12
C PHE A 280 9.54 7.11 -16.08
N ALA A 281 8.37 6.62 -16.52
CA ALA A 281 8.14 5.18 -16.52
C ALA A 281 9.15 4.44 -17.40
N LYS A 282 9.47 5.00 -18.57
CA LYS A 282 10.44 4.37 -19.47
C LYS A 282 11.80 4.19 -18.81
N ASP A 283 12.30 5.22 -18.10
CA ASP A 283 13.57 5.06 -17.40
C ASP A 283 13.47 4.04 -16.26
N VAL A 284 12.35 4.03 -15.54
CA VAL A 284 12.15 3.01 -14.50
C VAL A 284 12.26 1.61 -15.10
N ALA A 285 11.51 1.36 -16.18
CA ALA A 285 11.47 0.04 -16.80
C ALA A 285 12.82 -0.37 -17.38
N ALA A 286 13.57 0.58 -17.93
CA ALA A 286 14.85 0.28 -18.54
C ALA A 286 15.97 0.07 -17.52
N GLY A 287 15.70 0.31 -16.24
CA GLY A 287 16.78 0.32 -15.26
C GLY A 287 17.71 1.51 -15.36
N THR A 288 17.29 2.60 -16.03
CA THR A 288 18.14 3.77 -16.18
C THR A 288 17.69 4.95 -15.33
N LEU A 289 16.70 4.79 -14.43
CA LEU A 289 16.36 5.88 -13.54
C LEU A 289 17.64 6.37 -12.85
N PRO A 290 17.91 7.67 -12.85
CA PRO A 290 19.16 8.17 -12.25
C PRO A 290 19.09 8.16 -10.73
N GLU A 291 20.19 8.58 -10.13
CA GLU A 291 20.21 8.67 -8.67
C GLU A 291 19.30 9.78 -8.16
N VAL A 292 19.23 10.92 -8.87
CA VAL A 292 18.40 12.05 -8.45
C VAL A 292 17.54 12.51 -9.62
N SER A 293 16.21 12.54 -9.42
CA SER A 293 15.24 12.89 -10.44
C SER A 293 14.45 14.09 -9.98
N TYR A 294 14.44 15.16 -10.79
CA TYR A 294 13.57 16.30 -10.57
C TYR A 294 12.36 16.17 -11.49
N LEU A 295 11.17 16.07 -10.91
CA LEU A 295 9.94 16.04 -11.69
C LEU A 295 9.33 17.44 -11.65
N VAL A 296 9.17 18.05 -12.83
CA VAL A 296 8.64 19.42 -12.95
C VAL A 296 7.42 19.41 -13.85
N PRO A 297 6.22 19.27 -13.30
CA PRO A 297 5.02 19.13 -14.14
C PRO A 297 4.63 20.43 -14.80
N SER A 298 3.82 20.27 -15.85
CA SER A 298 3.26 21.40 -16.56
C SER A 298 2.36 22.22 -15.65
N ALA A 299 1.94 23.38 -16.17
CA ALA A 299 1.07 24.29 -15.41
C ALA A 299 -0.20 23.59 -14.96
N VAL A 300 -0.92 22.99 -15.90
CA VAL A 300 -2.20 22.37 -15.57
C VAL A 300 -2.02 21.20 -14.61
N ASP A 301 -0.84 20.56 -14.57
CA ASP A 301 -0.59 19.43 -13.68
C ASP A 301 0.03 19.85 -12.34
N SER A 302 0.22 21.14 -12.09
CA SER A 302 1.12 21.64 -11.06
C SER A 302 0.49 21.81 -9.69
N GLU A 303 -0.83 21.74 -9.60
CA GLU A 303 -1.67 22.08 -8.45
C GLU A 303 -1.77 23.59 -8.20
N HIS A 304 -1.08 24.43 -8.98
CA HIS A 304 -1.18 25.86 -8.78
C HIS A 304 -2.63 26.31 -8.98
N PRO A 305 -3.22 27.03 -8.02
CA PRO A 305 -4.64 27.36 -8.12
C PRO A 305 -5.03 28.28 -9.29
N SER A 306 -4.08 28.90 -9.99
CA SER A 306 -4.51 29.70 -11.14
C SER A 306 -4.53 28.92 -12.44
N VAL A 307 -3.99 27.70 -12.48
CA VAL A 307 -3.92 26.97 -13.74
C VAL A 307 -4.24 25.49 -13.58
N SER A 308 -4.42 25.03 -12.34
CA SER A 308 -4.49 23.59 -12.08
C SER A 308 -5.62 23.33 -11.09
N SER A 309 -5.54 22.19 -10.37
CA SER A 309 -6.50 21.79 -9.36
C SER A 309 -5.94 20.68 -8.48
N PRO A 310 -6.60 20.37 -7.35
CA PRO A 310 -6.17 19.19 -6.60
C PRO A 310 -6.26 17.90 -7.39
N ILE A 311 -7.34 17.69 -8.15
CA ILE A 311 -7.49 16.43 -8.86
C ILE A 311 -6.50 16.32 -10.02
N HIS A 312 -6.17 17.44 -10.68
CA HIS A 312 -5.09 17.42 -11.67
C HIS A 312 -3.78 16.94 -11.04
N SER A 313 -3.46 17.44 -9.86
CA SER A 313 -2.25 17.00 -9.18
C SER A 313 -2.34 15.53 -8.77
N ALA A 314 -3.42 15.14 -8.10
CA ALA A 314 -3.56 13.74 -7.73
C ALA A 314 -3.41 12.82 -8.93
N THR A 315 -3.84 13.27 -10.10
CA THR A 315 -3.75 12.43 -11.29
C THR A 315 -2.30 12.17 -11.67
N ILE A 316 -1.47 13.23 -11.70
CA ILE A 316 -0.07 13.06 -12.08
C ILE A 316 0.70 12.32 -10.98
N VAL A 317 0.37 12.59 -9.71
CA VAL A 317 1.01 11.85 -8.63
C VAL A 317 0.74 10.35 -8.80
N TYR A 318 -0.51 10.00 -9.08
CA TYR A 318 -0.84 8.58 -9.26
C TYR A 318 -0.01 7.98 -10.38
N LYS A 319 0.07 8.67 -11.53
CA LYS A 319 0.79 8.12 -12.67
C LYS A 319 2.28 7.95 -12.36
N VAL A 320 2.85 8.88 -11.58
CA VAL A 320 4.25 8.75 -11.20
C VAL A 320 4.45 7.55 -10.27
N LEU A 321 3.60 7.42 -9.24
CA LEU A 321 3.77 6.30 -8.31
C LEU A 321 3.42 4.97 -8.97
N ASP A 322 2.45 4.99 -9.90
CA ASP A 322 2.12 3.78 -10.63
C ASP A 322 3.29 3.34 -11.51
N ALA A 323 3.93 4.31 -12.17
CA ALA A 323 5.08 3.99 -13.01
C ALA A 323 6.18 3.33 -12.18
N LEU A 324 6.38 3.80 -10.94
CA LEU A 324 7.38 3.21 -10.06
C LEU A 324 7.00 1.79 -9.67
N GLY A 325 5.76 1.58 -9.23
CA GLY A 325 5.34 0.28 -8.72
C GLY A 325 5.26 -0.80 -9.77
N LYS A 326 5.24 -0.44 -11.05
CA LYS A 326 5.27 -1.41 -12.14
C LYS A 326 6.58 -2.18 -12.19
N HIS A 327 7.65 -1.69 -11.58
CA HIS A 327 8.91 -2.42 -11.51
C HIS A 327 9.35 -2.52 -10.06
N PRO A 328 8.91 -3.58 -9.36
CA PRO A 328 9.14 -3.67 -7.92
C PRO A 328 10.59 -3.53 -7.52
N ASP A 329 11.53 -3.95 -8.35
CA ASP A 329 12.92 -3.89 -7.92
C ASP A 329 13.47 -2.46 -7.93
N VAL A 330 12.86 -1.56 -8.72
CA VAL A 330 13.20 -0.14 -8.60
C VAL A 330 12.45 0.48 -7.44
N TRP A 331 11.17 0.14 -7.30
CA TRP A 331 10.37 0.62 -6.18
C TRP A 331 11.04 0.32 -4.84
N ARG A 332 11.62 -0.87 -4.69
CA ARG A 332 12.19 -1.26 -3.40
C ARG A 332 13.37 -0.39 -2.98
N HIS A 333 13.88 0.48 -3.84
CA HIS A 333 15.07 1.25 -3.51
C HIS A 333 14.88 2.73 -3.87
N THR A 334 13.64 3.21 -3.88
CA THR A 334 13.34 4.58 -4.28
C THR A 334 12.61 5.31 -3.16
N ALA A 335 13.09 6.52 -2.83
CA ALA A 335 12.36 7.44 -1.97
C ALA A 335 11.76 8.54 -2.84
N VAL A 336 10.49 8.86 -2.61
CA VAL A 336 9.80 9.92 -3.34
C VAL A 336 9.40 11.00 -2.34
N PHE A 337 9.89 12.22 -2.57
CA PHE A 337 9.49 13.39 -1.79
C PHE A 337 8.46 14.16 -2.59
N ILE A 338 7.30 14.42 -1.98
CA ILE A 338 6.24 15.19 -2.60
C ILE A 338 5.97 16.37 -1.70
N ASN A 339 6.27 17.59 -2.18
CA ASN A 339 6.10 18.79 -1.37
C ASN A 339 5.56 19.91 -2.26
N TYR A 340 5.53 21.11 -1.69
CA TYR A 340 4.98 22.31 -2.32
C TYR A 340 5.97 23.45 -2.17
N ASP A 341 5.98 24.35 -3.16
CA ASP A 341 7.00 25.39 -3.15
C ASP A 341 6.72 26.42 -2.05
N GLU A 342 5.45 26.74 -1.83
CA GLU A 342 5.01 27.72 -0.85
C GLU A 342 3.51 27.55 -0.65
N ASN A 343 2.96 28.36 0.24
CA ASN A 343 1.57 28.26 0.67
C ASN A 343 0.60 29.11 -0.14
N ASP A 344 1.02 29.76 -1.24
CA ASP A 344 0.19 30.73 -1.98
C ASP A 344 -0.16 31.85 -0.99
N GLY A 345 -1.42 32.26 -0.88
CA GLY A 345 -1.78 33.16 0.19
C GLY A 345 -2.67 32.48 1.21
N PHE A 346 -2.62 31.15 1.27
CA PHE A 346 -3.54 30.39 2.11
C PHE A 346 -3.04 30.32 3.55
N PHE A 347 -3.95 30.55 4.48
CA PHE A 347 -3.61 30.64 5.89
C PHE A 347 -3.03 29.33 6.41
N ASP A 348 -2.06 29.45 7.32
CA ASP A 348 -1.66 28.32 8.15
C ASP A 348 -1.41 28.86 9.55
N HIS A 349 -1.77 28.05 10.56
CA HIS A 349 -1.83 28.56 11.93
C HIS A 349 -0.50 28.52 12.66
N VAL A 350 0.50 27.81 12.17
CA VAL A 350 1.76 27.64 12.86
C VAL A 350 2.66 28.83 12.53
N PRO A 351 3.02 29.67 13.49
CA PRO A 351 4.03 30.67 13.23
C PRO A 351 5.36 30.00 12.90
N PRO A 352 5.98 30.36 11.77
CA PRO A 352 7.18 29.67 11.36
C PRO A 352 8.35 30.01 12.27
N PRO A 353 9.30 29.09 12.43
CA PRO A 353 10.58 29.45 13.04
C PRO A 353 11.27 30.47 12.17
N VAL A 354 11.60 31.63 12.75
CA VAL A 354 12.22 32.70 11.97
C VAL A 354 13.59 33.01 12.52
N ALA A 355 14.42 33.54 11.66
CA ALA A 355 15.71 34.05 12.10
C ALA A 355 15.47 35.38 12.80
N SER A 356 15.99 35.50 14.02
CA SER A 356 15.93 36.76 14.76
C SER A 356 16.76 37.82 14.03
N PRO A 357 16.61 39.09 14.39
CA PRO A 357 17.35 40.14 13.67
C PRO A 357 18.88 40.07 13.81
N GLU A 358 19.43 39.34 14.78
CA GLU A 358 20.88 39.21 14.85
C GLU A 358 21.43 38.38 13.68
N VAL A 359 20.64 37.45 13.15
CA VAL A 359 21.01 36.65 11.99
C VAL A 359 20.85 37.51 10.73
N THR A 360 21.85 38.36 10.45
CA THR A 360 21.73 39.28 9.33
C THR A 360 21.73 38.56 7.99
N GLU A 361 22.36 37.37 7.92
CA GLU A 361 22.28 36.57 6.69
C GLU A 361 20.84 36.26 6.28
N GLU A 362 19.92 36.28 7.23
CA GLU A 362 18.55 35.86 6.92
C GLU A 362 17.55 36.97 7.26
N GLN A 363 17.97 38.23 7.04
CA GLN A 363 17.10 39.40 7.14
C GLN A 363 17.17 40.20 5.85
N TRP A 364 16.03 40.77 5.46
CA TRP A 364 15.95 41.65 4.31
C TRP A 364 14.87 42.67 4.57
N GLU A 365 15.22 43.95 4.56
CA GLU A 365 14.29 45.05 4.85
C GLU A 365 13.55 44.80 6.17
N GLY A 366 14.33 44.46 7.19
CA GLY A 366 13.79 44.24 8.52
C GLY A 366 12.85 43.07 8.65
N LYS A 367 12.95 42.07 7.77
CA LYS A 367 12.03 40.95 7.76
C LYS A 367 12.82 39.66 7.55
N PRO A 368 12.39 38.54 8.17
CA PRO A 368 13.15 37.29 8.03
C PRO A 368 12.96 36.69 6.65
N THR A 369 14.06 36.26 6.06
CA THR A 369 14.02 35.48 4.82
C THR A 369 13.95 33.99 5.09
N GLY A 370 13.70 33.59 6.33
CA GLY A 370 13.96 32.26 6.80
C GLY A 370 12.78 31.52 7.39
N LEU A 371 12.46 30.41 6.75
CA LEU A 371 11.28 29.58 6.92
C LEU A 371 10.02 30.41 6.74
N GLY A 372 9.32 30.12 5.64
CA GLY A 372 7.97 30.57 5.45
C GLY A 372 6.98 29.58 6.02
N MET A 373 5.77 29.61 5.48
CA MET A 373 4.69 28.89 6.10
C MET A 373 4.80 27.39 5.79
N ARG A 374 4.14 26.61 6.63
CA ARG A 374 4.07 25.17 6.43
C ARG A 374 3.40 24.83 5.11
N VAL A 375 3.93 23.84 4.43
CA VAL A 375 3.30 23.22 3.27
C VAL A 375 3.22 21.72 3.53
N PRO A 376 2.35 21.00 2.81
CA PRO A 376 2.39 19.52 2.92
C PRO A 376 3.69 18.94 2.37
N MET A 377 4.24 17.97 3.10
CA MET A 377 5.36 17.16 2.62
C MET A 377 4.98 15.71 2.89
N LEU A 378 5.00 14.88 1.85
CA LEU A 378 4.75 13.45 1.94
C LEU A 378 6.01 12.71 1.49
N VAL A 379 6.44 11.70 2.26
CA VAL A 379 7.59 10.88 1.92
C VAL A 379 7.09 9.48 1.60
N VAL A 380 7.10 9.13 0.32
CA VAL A 380 6.53 7.89 -0.20
C VAL A 380 7.66 6.97 -0.61
N SER A 381 7.75 5.81 0.02
CA SER A 381 8.92 4.95 -0.13
C SER A 381 8.68 3.64 0.60
N PRO A 382 9.48 2.59 0.36
CA PRO A 382 9.30 1.34 1.13
C PRO A 382 9.59 1.49 2.61
N TRP A 383 10.20 2.60 3.03
CA TRP A 383 10.70 2.75 4.39
C TRP A 383 9.89 3.73 5.20
N THR A 384 8.79 4.23 4.64
CA THR A 384 7.97 5.22 5.32
C THR A 384 6.52 4.79 5.38
N ILE A 385 6.22 3.51 5.13
CA ILE A 385 4.85 3.01 5.23
C ILE A 385 4.43 2.95 6.69
N GLY A 386 3.15 3.27 6.94
CA GLY A 386 2.59 3.14 8.28
C GLY A 386 1.68 4.28 8.71
N GLY A 387 1.59 5.34 7.92
CA GLY A 387 0.81 6.48 8.36
C GLY A 387 1.44 7.22 9.51
N TYR A 388 2.75 7.39 9.51
CA TYR A 388 3.44 8.10 10.57
C TYR A 388 3.38 9.61 10.33
N VAL A 389 3.51 10.37 11.42
CA VAL A 389 3.77 11.80 11.35
C VAL A 389 5.20 12.04 11.80
N CYS A 390 5.89 12.96 11.13
CA CYS A 390 7.23 13.37 11.52
C CYS A 390 7.18 14.87 11.80
N SER A 391 7.54 15.27 13.02
CA SER A 391 7.38 16.64 13.46
C SER A 391 8.71 17.38 13.59
N GLU A 392 9.75 16.91 12.91
CA GLU A 392 11.01 17.63 12.92
C GLU A 392 10.94 18.82 11.98
N VAL A 393 11.50 19.95 12.40
CA VAL A 393 11.45 21.14 11.56
C VAL A 393 12.34 20.94 10.33
N PHE A 394 11.75 21.11 9.15
CA PHE A 394 12.43 21.01 7.87
C PHE A 394 12.08 22.22 7.01
N ASP A 395 12.90 22.45 5.97
CA ASP A 395 12.46 23.30 4.86
C ASP A 395 12.97 22.69 3.55
N HIS A 396 12.87 23.44 2.45
CA HIS A 396 13.24 22.89 1.16
C HIS A 396 14.71 22.50 1.12
N THR A 397 15.58 23.23 1.83
CA THR A 397 16.97 22.80 1.88
C THR A 397 17.16 21.49 2.64
N SER A 398 16.14 21.00 3.35
CA SER A 398 16.28 19.69 4.01
C SER A 398 16.35 18.55 2.99
N VAL A 399 15.72 18.74 1.81
CA VAL A 399 15.85 17.76 0.73
C VAL A 399 17.29 17.70 0.24
N VAL A 400 17.93 18.86 0.10
CA VAL A 400 19.34 18.91 -0.29
C VAL A 400 20.19 18.27 0.79
N ARG A 401 19.84 18.49 2.05
CA ARG A 401 20.59 17.86 3.16
C ARG A 401 20.43 16.34 3.17
N PHE A 402 19.26 15.84 2.79
CA PHE A 402 19.11 14.40 2.61
C PHE A 402 20.11 13.89 1.58
N LEU A 403 20.19 14.59 0.44
CA LEU A 403 21.12 14.20 -0.62
C LEU A 403 22.57 14.31 -0.18
N GLU A 404 22.92 15.33 0.63
CA GLU A 404 24.25 15.41 1.23
C GLU A 404 24.59 14.14 2.00
N ARG A 405 23.71 13.73 2.90
CA ARG A 405 23.97 12.53 3.68
C ARG A 405 24.04 11.29 2.80
N TRP A 406 23.14 11.19 1.82
CA TRP A 406 23.11 9.99 0.99
C TRP A 406 24.29 9.92 0.04
N THR A 407 24.60 11.02 -0.67
CA THR A 407 25.64 10.98 -1.68
C THR A 407 27.01 11.41 -1.19
N GLY A 408 27.08 12.14 -0.07
CA GLY A 408 28.32 12.74 0.37
C GLY A 408 28.69 14.03 -0.31
N VAL A 409 27.86 14.55 -1.21
CA VAL A 409 28.19 15.79 -1.94
C VAL A 409 27.60 16.96 -1.17
N ALA A 410 28.47 17.83 -0.66
CA ALA A 410 28.03 18.93 0.20
C ALA A 410 27.43 20.08 -0.61
N GLU A 411 26.50 20.81 0.02
CA GLU A 411 25.96 22.05 -0.53
C GLU A 411 26.41 23.21 0.37
N PRO A 412 27.57 23.83 0.11
CA PRO A 412 28.00 24.98 0.92
C PRO A 412 27.08 26.20 0.87
N ASN A 413 26.12 26.26 -0.04
CA ASN A 413 25.22 27.42 -0.10
C ASN A 413 24.30 27.51 1.11
N ILE A 414 23.99 26.40 1.78
CA ILE A 414 23.01 26.45 2.86
C ILE A 414 23.56 27.31 3.98
N SER A 415 22.78 28.27 4.44
CA SER A 415 23.28 29.18 5.46
C SER A 415 23.44 28.46 6.79
N ASP A 416 24.30 29.03 7.65
CA ASP A 416 24.60 28.40 8.93
C ASP A 416 23.35 28.36 9.79
N TRP A 417 22.56 29.43 9.79
CA TRP A 417 21.32 29.42 10.52
C TRP A 417 20.40 28.33 10.01
N ARG A 418 20.08 28.37 8.71
CA ARG A 418 19.19 27.38 8.12
C ARG A 418 19.67 25.96 8.43
N ARG A 419 20.97 25.70 8.26
CA ARG A 419 21.49 24.37 8.57
C ARG A 419 21.28 24.01 10.04
N THR A 420 21.26 25.01 10.92
CA THR A 420 21.07 24.77 12.34
C THR A 420 19.61 24.46 12.67
N VAL A 421 18.69 25.21 12.05
CA VAL A 421 17.29 25.17 12.44
C VAL A 421 16.53 24.02 11.78
N THR A 422 16.95 23.55 10.62
CA THR A 422 16.24 22.49 9.89
C THR A 422 16.99 21.17 9.99
N GLY A 423 16.26 20.07 9.78
CA GLY A 423 16.84 18.74 9.77
C GLY A 423 17.17 18.27 8.37
N ASP A 424 17.53 16.98 8.28
CA ASP A 424 17.94 16.40 7.00
C ASP A 424 16.98 15.34 6.46
N LEU A 425 15.76 15.24 7.01
CA LEU A 425 14.71 14.36 6.54
C LEU A 425 14.97 12.87 6.80
N THR A 426 16.14 12.49 7.32
CA THR A 426 16.36 11.08 7.64
C THR A 426 15.44 10.57 8.75
N SER A 427 14.93 11.43 9.61
CA SER A 427 14.10 10.94 10.70
C SER A 427 12.72 10.47 10.23
N ALA A 428 12.30 10.85 9.02
CA ALA A 428 11.02 10.36 8.55
C ALA A 428 11.06 8.89 8.16
N PHE A 429 12.25 8.32 8.01
CA PHE A 429 12.45 6.99 7.48
C PHE A 429 12.65 5.95 8.60
N ASP A 430 12.22 4.72 8.34
CA ASP A 430 12.49 3.59 9.22
C ASP A 430 12.99 2.47 8.31
N PHE A 431 14.30 2.24 8.32
CA PHE A 431 14.95 1.30 7.42
C PHE A 431 14.99 -0.14 7.95
N SER A 432 14.26 -0.46 9.01
CA SER A 432 14.50 -1.74 9.66
C SER A 432 13.53 -2.85 9.29
N HIS A 433 12.33 -2.54 8.78
CA HIS A 433 11.32 -3.55 8.49
C HIS A 433 10.78 -3.41 7.07
N ALA A 434 10.57 -4.53 6.39
CA ALA A 434 9.92 -4.48 5.09
C ALA A 434 8.41 -4.66 5.27
N ARG A 435 7.67 -4.17 4.28
CA ARG A 435 6.21 -4.30 4.22
C ARG A 435 5.82 -4.55 2.76
N ARG A 436 4.56 -4.94 2.54
CA ARG A 436 4.10 -4.96 1.16
C ARG A 436 3.92 -3.53 0.64
N ARG A 437 4.10 -3.37 -0.66
CA ARG A 437 3.91 -2.03 -1.16
C ARG A 437 2.42 -1.76 -1.27
N PRO A 438 1.96 -0.66 -0.71
CA PRO A 438 0.54 -0.32 -0.81
C PRO A 438 0.15 0.02 -2.23
N GLU A 439 -1.09 -0.35 -2.57
CA GLU A 439 -1.72 0.04 -3.83
C GLU A 439 -2.42 1.37 -3.61
N VAL A 440 -2.21 2.32 -4.51
CA VAL A 440 -2.80 3.64 -4.41
C VAL A 440 -3.96 3.74 -5.40
N GLU A 441 -5.12 4.19 -4.91
CA GLU A 441 -6.32 4.27 -5.74
C GLU A 441 -6.18 5.34 -6.83
N GLN A 442 -6.64 4.99 -8.03
CA GLN A 442 -6.58 5.93 -9.14
C GLN A 442 -7.65 7.02 -8.98
N PRO A 443 -7.29 8.28 -9.21
CA PRO A 443 -8.26 9.37 -9.06
C PRO A 443 -9.38 9.29 -10.08
N GLY A 444 -10.49 9.97 -9.75
CA GLY A 444 -11.65 10.02 -10.62
C GLY A 444 -11.51 11.01 -11.74
N ALA A 445 -12.63 11.23 -12.43
CA ALA A 445 -12.66 12.08 -13.60
C ALA A 445 -12.43 13.55 -13.24
N ILE A 446 -11.72 14.26 -14.11
CA ILE A 446 -11.46 15.69 -13.95
C ILE A 446 -12.69 16.48 -14.38
N PRO A 447 -13.32 17.25 -13.50
CA PRO A 447 -14.55 17.95 -13.88
C PRO A 447 -14.26 18.97 -14.96
N PRO A 448 -15.25 19.29 -15.80
CA PRO A 448 -15.04 20.32 -16.81
C PRO A 448 -14.80 21.67 -16.16
N PHE A 449 -13.91 22.44 -16.75
CA PHE A 449 -13.56 23.74 -16.19
C PHE A 449 -14.73 24.72 -16.32
N SER A 450 -15.05 25.38 -15.21
CA SER A 450 -16.15 26.34 -15.16
C SER A 450 -15.72 27.62 -14.46
N GLY A 451 -14.46 28.03 -14.67
CA GLY A 451 -13.98 29.32 -14.20
C GLY A 451 -13.40 29.37 -12.81
N ARG A 452 -12.35 30.18 -12.64
CA ARG A 452 -11.78 30.45 -11.33
C ARG A 452 -12.76 31.26 -10.49
N TRP A 453 -12.65 31.10 -9.17
CA TRP A 453 -13.53 31.82 -8.27
C TRP A 453 -12.87 31.92 -6.90
N SER A 454 -13.40 32.81 -6.07
CA SER A 454 -12.85 33.10 -4.75
C SER A 454 -13.88 32.74 -3.68
N PRO A 455 -13.57 31.82 -2.76
CA PRO A 455 -14.55 31.43 -1.74
C PRO A 455 -14.77 32.51 -0.71
N LYS A 456 -16.05 32.72 -0.37
CA LYS A 456 -16.34 33.66 0.70
C LYS A 456 -16.85 32.92 1.94
N PRO A 457 -16.56 33.40 3.13
CA PRO A 457 -16.96 32.67 4.35
C PRO A 457 -18.47 32.51 4.41
N PRO A 458 -18.96 31.52 5.16
CA PRO A 458 -20.40 31.41 5.36
C PRO A 458 -20.89 32.52 6.29
N ALA A 459 -22.22 32.67 6.34
CA ALA A 459 -22.82 33.64 7.25
C ALA A 459 -22.74 33.13 8.69
N VAL A 460 -22.97 31.83 8.90
CA VAL A 460 -22.81 31.18 10.19
C VAL A 460 -21.47 30.44 10.17
N GLN A 461 -20.51 30.96 10.93
CA GLN A 461 -19.16 30.41 10.97
C GLN A 461 -19.06 29.31 12.01
N HIS A 462 -18.15 28.37 11.78
CA HIS A 462 -17.91 27.26 12.69
C HIS A 462 -16.43 26.89 12.67
N MET A 463 -15.85 26.70 13.85
CA MET A 463 -14.53 26.08 13.91
C MET A 463 -14.60 24.70 13.26
N PRO A 464 -13.65 24.34 12.39
CA PRO A 464 -13.62 22.98 11.87
C PRO A 464 -13.28 22.00 12.98
N VAL A 465 -13.71 20.76 12.78
CA VAL A 465 -13.36 19.68 13.68
C VAL A 465 -12.32 18.82 12.97
N GLN A 466 -11.13 18.74 13.55
CA GLN A 466 -10.12 17.81 13.06
C GLN A 466 -10.58 16.36 13.25
N GLU A 467 -10.25 15.50 12.30
CA GLU A 467 -10.50 14.08 12.46
C GLU A 467 -9.88 13.62 13.78
N PRO A 468 -10.64 12.97 14.65
CA PRO A 468 -10.10 12.66 15.98
C PRO A 468 -9.11 11.51 15.94
N GLY A 469 -8.21 11.52 16.92
CA GLY A 469 -7.30 10.40 17.07
C GLY A 469 -5.83 10.80 17.01
N ALA A 470 -4.97 9.92 17.50
CA ALA A 470 -3.54 10.14 17.40
C ALA A 470 -2.98 9.32 16.25
N ARG A 471 -1.70 9.52 15.98
CA ARG A 471 -1.00 8.94 14.86
C ARG A 471 0.37 8.51 15.39
N PRO A 472 0.92 7.39 14.92
CA PRO A 472 2.31 7.07 15.28
C PRO A 472 3.25 8.19 14.85
N ALA A 473 4.21 8.51 15.71
CA ALA A 473 5.09 9.65 15.48
C ALA A 473 6.55 9.20 15.50
N ARG A 474 7.34 9.76 14.59
CA ARG A 474 8.76 9.48 14.57
C ARG A 474 9.45 10.15 15.76
N ALA A 475 10.54 9.55 16.21
CA ALA A 475 11.35 10.14 17.27
C ALA A 475 12.02 11.42 16.76
N LEU A 476 12.07 12.44 17.64
CA LEU A 476 12.55 13.78 17.33
C LEU A 476 13.88 14.06 18.03
N PRO A 477 14.71 14.93 17.44
CA PRO A 477 16.04 15.17 18.01
C PRO A 477 16.08 16.32 19.02
N TYR A 478 14.97 16.54 19.72
CA TYR A 478 14.84 17.66 20.63
C TYR A 478 14.59 17.16 22.06
N GLN A 479 14.96 17.99 23.03
CA GLN A 479 14.53 17.80 24.42
C GLN A 479 14.48 19.16 25.11
N PRO A 480 13.44 19.94 24.85
CA PRO A 480 13.42 21.34 25.30
C PRO A 480 12.90 21.49 26.71
N ASP A 481 13.31 22.59 27.35
CA ASP A 481 12.75 23.01 28.62
C ASP A 481 12.95 24.52 28.79
N ALA A 482 12.11 25.11 29.62
CA ALA A 482 12.16 26.54 29.94
C ALA A 482 11.62 26.74 31.35
N GLN A 483 12.35 27.50 32.17
CA GLN A 483 11.94 27.88 33.52
C GLN A 483 12.12 29.37 33.74
N ALA A 484 11.26 29.94 34.57
CA ALA A 484 11.28 31.35 34.89
C ALA A 484 11.84 31.58 36.28
N THR A 485 12.46 32.75 36.46
CA THR A 485 12.92 33.22 37.76
C THR A 485 12.70 34.71 37.79
N VAL A 486 11.83 35.18 38.68
CA VAL A 486 11.52 36.61 38.75
C VAL A 486 12.64 37.32 39.48
N GLU A 487 13.21 38.33 38.83
CA GLU A 487 14.41 39.01 39.33
C GLU A 487 14.29 40.50 39.01
N ASP A 488 13.88 41.28 40.00
CA ASP A 488 14.02 42.73 40.05
C ASP A 488 13.94 43.46 38.70
N GLY A 489 12.72 43.75 38.25
CA GLY A 489 12.50 44.45 37.01
C GLY A 489 12.35 43.57 35.78
N ALA A 490 12.53 42.25 35.92
CA ALA A 490 12.46 41.35 34.78
C ALA A 490 12.32 39.92 35.29
N VAL A 491 11.95 39.04 34.37
CA VAL A 491 11.97 37.59 34.59
C VAL A 491 13.11 37.01 33.78
N ARG A 492 13.92 36.17 34.42
CA ARG A 492 15.00 35.47 33.73
C ARG A 492 14.47 34.11 33.27
N VAL A 493 14.32 33.94 31.97
CA VAL A 493 13.85 32.68 31.39
C VAL A 493 15.06 31.85 30.98
N ASP A 494 15.26 30.72 31.65
CA ASP A 494 16.35 29.80 31.31
C ASP A 494 15.82 28.76 30.34
N LEU A 495 16.29 28.82 29.10
CA LEU A 495 15.95 27.87 28.06
C LEU A 495 17.01 26.78 28.00
N SER A 496 16.57 25.52 27.86
CA SER A 496 17.51 24.44 27.67
C SER A 496 16.98 23.48 26.60
N ASN A 497 17.92 22.75 26.00
CA ASN A 497 17.59 21.72 25.01
C ASN A 497 18.75 20.75 24.98
N THR A 498 18.53 19.55 25.51
CA THR A 498 19.58 18.54 25.51
C THR A 498 19.52 17.62 24.30
N GLY A 499 18.69 17.92 23.30
CA GLY A 499 18.60 17.09 22.10
C GLY A 499 19.83 17.22 21.22
N ARG A 500 19.97 16.29 20.27
CA ARG A 500 21.12 16.33 19.36
C ARG A 500 20.98 17.44 18.31
N SER A 501 19.78 17.98 18.11
CA SER A 501 19.58 19.09 17.18
C SER A 501 19.07 20.31 17.92
N SER A 502 19.36 21.48 17.36
CA SER A 502 18.91 22.73 17.93
C SER A 502 17.39 22.85 17.85
N ALA A 503 16.80 23.44 18.89
CA ALA A 503 15.37 23.62 18.99
C ALA A 503 15.03 25.10 18.97
N HIS A 504 13.92 25.42 18.33
CA HIS A 504 13.48 26.79 18.14
C HIS A 504 12.45 27.17 19.19
N PHE A 505 12.70 28.25 19.92
CA PHE A 505 11.77 28.77 20.91
C PHE A 505 11.22 30.11 20.46
N ALA A 506 9.94 30.33 20.71
CA ALA A 506 9.30 31.60 20.44
C ALA A 506 8.61 32.07 21.72
N LEU A 507 8.73 33.36 22.01
CA LEU A 507 8.16 33.94 23.22
C LEU A 507 7.11 34.96 22.80
N TYR A 508 5.88 34.76 23.26
CA TYR A 508 4.78 35.63 22.91
C TYR A 508 4.39 36.51 24.11
N PRO A 509 4.61 37.82 24.06
CA PRO A 509 4.29 38.68 25.20
C PRO A 509 2.82 39.10 25.22
N TYR A 510 2.22 39.06 26.41
CA TYR A 510 0.83 39.49 26.55
C TYR A 510 0.67 40.57 27.62
N ALA A 511 1.77 41.08 28.17
CA ALA A 511 1.73 42.18 29.13
C ALA A 511 2.73 43.25 28.75
N GLY A 512 2.95 43.44 27.45
CA GLY A 512 3.83 44.48 26.97
C GLY A 512 5.29 44.26 27.26
N GLU A 513 5.71 43.02 27.49
CA GLU A 513 7.14 42.77 27.74
C GLU A 513 7.98 43.13 26.52
N PHE A 514 7.47 42.82 25.33
CA PHE A 514 8.08 43.15 24.05
C PHE A 514 6.95 43.61 23.15
N PRO A 515 7.27 44.36 22.09
CA PRO A 515 6.24 44.71 21.10
C PRO A 515 5.86 43.57 20.16
N VAL A 516 6.82 42.72 19.79
CA VAL A 516 6.55 41.57 18.91
C VAL A 516 7.06 40.30 19.57
N PRO A 517 6.68 39.12 19.08
CA PRO A 517 7.24 37.88 19.64
C PRO A 517 8.74 37.79 19.39
N GLN A 518 9.43 37.19 20.34
CA GLN A 518 10.87 36.98 20.26
C GLN A 518 11.18 35.54 19.89
N HIS A 519 12.25 35.34 19.11
CA HIS A 519 12.62 34.03 18.60
C HIS A 519 14.08 33.75 18.89
N ARG A 520 14.37 32.50 19.25
CA ARG A 520 15.72 32.09 19.55
C ARG A 520 15.88 30.61 19.23
N ASP A 521 17.08 30.24 18.81
CA ASP A 521 17.42 28.85 18.52
C ASP A 521 18.44 28.39 19.54
N VAL A 522 18.22 27.20 20.12
CA VAL A 522 18.96 26.81 21.32
C VAL A 522 19.38 25.35 21.18
N LYS A 523 20.68 25.12 21.28
CA LYS A 523 21.23 23.79 21.53
C LYS A 523 22.15 23.90 22.74
N GLY A 524 21.71 23.33 23.86
CA GLY A 524 22.41 23.51 25.11
C GLY A 524 21.62 24.38 26.06
N THR A 525 22.09 25.59 26.33
CA THR A 525 21.38 26.50 27.22
C THR A 525 21.45 27.92 26.68
N ALA A 526 20.43 28.70 26.99
CA ALA A 526 20.35 30.09 26.59
C ALA A 526 19.39 30.78 27.54
N ARG A 527 19.46 32.11 27.57
CA ARG A 527 18.81 32.93 28.59
C ARG A 527 18.09 34.07 27.89
N TRP A 528 16.78 34.17 28.12
CA TRP A 528 16.01 35.35 27.77
C TRP A 528 15.87 36.21 29.02
N THR A 529 16.15 37.50 28.89
CA THR A 529 15.84 38.46 29.95
C THR A 529 14.61 39.22 29.49
N VAL A 530 13.45 38.91 30.08
CA VAL A 530 12.20 39.52 29.65
C VAL A 530 11.88 40.67 30.62
N PRO A 531 11.89 41.92 30.16
CA PRO A 531 11.73 43.05 31.09
C PRO A 531 10.27 43.18 31.51
N VAL A 532 10.03 43.18 32.81
CA VAL A 532 8.68 43.34 33.35
C VAL A 532 8.57 44.78 33.83
N THR A 533 7.73 45.54 33.14
CA THR A 533 7.65 46.99 33.32
C THR A 533 6.51 47.42 34.23
N GLY A 534 5.52 46.56 34.45
CA GLY A 534 4.40 46.90 35.31
C GLY A 534 4.36 46.09 36.58
N ALA A 535 3.15 45.74 37.03
CA ALA A 535 3.02 44.95 38.24
C ALA A 535 2.94 43.45 37.98
N ALA A 536 2.74 43.03 36.73
CA ALA A 536 2.57 41.63 36.39
C ALA A 536 3.26 41.31 35.08
N TYR A 537 3.43 40.01 34.85
CA TYR A 537 3.93 39.49 33.58
C TYR A 537 3.00 38.38 33.12
N ARG A 538 2.93 38.21 31.80
CA ARG A 538 2.15 37.11 31.21
C ARG A 538 2.66 36.87 29.80
N PHE A 539 3.37 35.77 29.58
CA PHE A 539 3.86 35.43 28.25
C PHE A 539 3.88 33.92 28.07
N THR A 540 3.96 33.49 26.80
CA THR A 540 3.96 32.08 26.42
C THR A 540 5.20 31.77 25.59
N VAL A 541 5.89 30.69 25.92
CA VAL A 541 7.00 30.18 25.12
C VAL A 541 6.54 28.91 24.41
N THR A 542 6.69 28.87 23.09
CA THR A 542 6.44 27.65 22.33
C THR A 542 7.75 27.02 21.89
N GLY A 543 7.66 25.75 21.51
CA GLY A 543 8.76 25.00 20.96
C GLY A 543 8.22 23.89 20.07
N PRO A 544 9.12 23.06 19.56
CA PRO A 544 8.70 22.02 18.62
C PRO A 544 7.85 20.94 19.28
N ASN A 545 7.00 20.32 18.47
CA ASN A 545 6.16 19.17 18.85
C ASN A 545 5.35 19.46 20.12
N GLY A 546 4.52 20.50 20.03
CA GLY A 546 3.58 20.85 21.09
C GLY A 546 4.19 21.37 22.38
N PHE A 547 5.47 21.75 22.38
CA PHE A 547 6.10 22.22 23.61
C PHE A 547 5.54 23.58 24.01
N ARG A 548 5.13 23.73 25.27
CA ARG A 548 4.55 24.99 25.73
C ARG A 548 4.92 25.25 27.19
N ARG A 549 5.30 26.50 27.46
CA ARG A 549 5.53 27.01 28.81
C ARG A 549 4.81 28.34 28.92
N GLU A 550 3.79 28.41 29.76
CA GLU A 550 3.11 29.67 30.03
C GLU A 550 3.57 30.22 31.38
N PHE A 551 3.71 31.55 31.44
CA PHE A 551 4.25 32.24 32.61
C PHE A 551 3.36 33.43 32.93
N ALA A 552 2.86 33.49 34.17
CA ALA A 552 2.13 34.65 34.67
C ALA A 552 2.46 34.83 36.15
N GLY A 553 2.36 36.07 36.64
CA GLY A 553 2.58 36.34 38.04
C GLY A 553 2.86 37.79 38.38
N PRO A 554 3.03 38.08 39.67
CA PRO A 554 3.37 39.44 40.11
C PRO A 554 4.86 39.75 39.97
N ALA A 555 5.19 41.02 40.14
CA ALA A 555 6.50 41.58 39.81
C ALA A 555 7.54 41.51 40.93
N LYS A 556 8.03 42.66 41.39
CA LYS A 556 9.14 42.72 42.35
C LYS A 556 8.65 42.30 43.74
N ASP A 557 9.18 42.87 44.82
CA ASP A 557 8.60 42.49 46.13
C ASP A 557 7.26 43.20 46.25
N GLY A 558 6.25 42.58 45.64
CA GLY A 558 4.97 43.20 45.44
C GLY A 558 3.80 42.35 45.91
N ALA A 559 3.73 41.10 45.46
CA ALA A 559 2.68 40.21 45.94
C ALA A 559 3.28 38.83 46.22
N SER A 560 2.68 37.78 45.69
CA SER A 560 3.10 36.40 45.95
C SER A 560 4.31 36.02 45.08
N ALA A 561 5.36 36.84 45.17
CA ALA A 561 6.58 36.63 44.38
C ALA A 561 7.48 35.55 44.95
N GLY A 562 7.08 34.91 46.07
CA GLY A 562 7.86 33.83 46.62
C GLY A 562 7.85 32.55 45.79
N ALA A 563 6.88 32.40 44.88
CA ALA A 563 6.68 31.13 44.20
C ALA A 563 7.67 30.97 43.04
N GLU A 564 8.41 29.85 43.06
CA GLU A 564 9.38 29.50 42.04
C GLU A 564 9.13 28.07 41.59
N VAL A 565 8.96 27.86 40.29
CA VAL A 565 8.86 26.52 39.71
C VAL A 565 10.08 26.26 38.83
N ALA A 566 10.79 25.18 39.13
CA ALA A 566 11.88 24.67 38.31
C ALA A 566 11.49 23.29 37.80
N SER A 567 12.12 22.86 36.72
CA SER A 567 11.76 21.57 36.12
C SER A 567 12.99 20.90 35.53
N ARG A 568 12.90 19.58 35.43
CA ARG A 568 13.92 18.77 34.77
C ARG A 568 13.21 17.58 34.15
N VAL A 569 13.45 17.34 32.87
CA VAL A 569 12.91 16.14 32.22
C VAL A 569 13.94 15.04 32.31
N ASP A 570 13.45 13.83 32.51
CA ASP A 570 14.29 12.64 32.61
C ASP A 570 13.84 11.74 31.46
N ALA A 571 14.69 11.63 30.44
CA ALA A 571 14.30 10.95 29.21
C ALA A 571 14.07 9.46 29.43
N ARG A 572 14.95 8.81 30.21
CA ARG A 572 14.90 7.35 30.34
C ARG A 572 13.62 6.88 31.03
N GLU A 573 13.08 7.67 31.94
CA GLU A 573 11.83 7.31 32.60
C GLU A 573 10.63 8.08 32.07
N ARG A 574 10.85 9.15 31.31
CA ARG A 574 9.79 10.05 30.85
C ARG A 574 9.02 10.61 32.06
N ASP A 575 9.78 11.08 33.03
CA ASP A 575 9.29 11.74 34.23
C ASP A 575 9.62 13.22 34.16
N LEU A 576 8.72 14.05 34.68
CA LEU A 576 8.97 15.47 34.86
C LEU A 576 9.18 15.74 36.34
N HIS A 577 10.38 16.20 36.71
CA HIS A 577 10.71 16.52 38.10
C HIS A 577 10.46 18.01 38.34
N LEU A 578 9.40 18.32 39.07
CA LEU A 578 9.04 19.71 39.38
C LEU A 578 9.59 20.07 40.76
N THR A 579 10.51 21.03 40.80
CA THR A 579 10.99 21.58 42.07
C THR A 579 10.19 22.84 42.37
N LEU A 580 9.41 22.79 43.45
CA LEU A 580 8.56 23.90 43.86
C LEU A 580 9.24 24.63 45.00
N ARG A 581 9.58 25.90 44.78
CA ARG A 581 10.42 26.65 45.70
C ARG A 581 9.68 27.84 46.27
N ASN A 582 10.01 28.17 47.52
CA ASN A 582 9.41 29.27 48.25
C ASN A 582 10.52 30.26 48.60
N THR A 583 10.58 31.37 47.86
CA THR A 583 11.60 32.39 48.02
C THR A 583 11.11 33.56 48.86
N GLY A 584 9.93 33.44 49.47
CA GLY A 584 9.32 34.52 50.21
C GLY A 584 9.28 34.25 51.71
N ARG A 585 8.39 34.96 52.40
CA ARG A 585 8.29 34.88 53.85
C ARG A 585 7.05 34.15 54.35
N THR A 586 6.20 33.63 53.45
CA THR A 586 5.01 32.89 53.85
C THR A 586 4.96 31.48 53.24
N THR A 587 4.25 30.60 53.91
CA THR A 587 4.32 29.17 53.72
C THR A 587 3.40 28.76 52.60
N LEU A 588 3.85 28.85 51.35
CA LEU A 588 2.96 28.68 50.19
C LEU A 588 2.46 27.25 50.02
N THR A 589 1.34 27.14 49.32
CA THR A 589 0.70 25.85 49.03
C THR A 589 0.50 25.72 47.52
N PHE A 590 1.33 24.89 46.89
CA PHE A 590 1.28 24.63 45.46
C PHE A 590 0.26 23.55 45.12
N THR A 591 -0.42 23.70 43.98
CA THR A 591 -1.21 22.63 43.39
C THR A 591 -0.70 22.35 41.98
N VAL A 592 -0.53 21.07 41.66
CA VAL A 592 -0.13 20.61 40.33
C VAL A 592 -1.28 19.77 39.79
N ARG A 593 -1.92 20.24 38.72
CA ARG A 593 -3.10 19.62 38.18
C ARG A 593 -2.90 19.26 36.72
N PRO A 594 -3.20 18.03 36.31
CA PRO A 594 -3.14 17.70 34.88
C PRO A 594 -4.24 18.40 34.12
N LEU A 595 -3.86 19.06 33.02
CA LEU A 595 -4.83 19.62 32.08
C LEU A 595 -5.17 18.67 30.94
N GLY A 596 -4.40 17.61 30.74
CA GLY A 596 -4.68 16.65 29.68
C GLY A 596 -3.83 15.41 29.88
N TYR A 597 -4.15 14.38 29.09
CA TYR A 597 -3.48 13.08 29.07
C TYR A 597 -3.72 12.27 30.34
N VAL A 598 -4.70 12.67 31.16
CA VAL A 598 -5.09 11.91 32.34
C VAL A 598 -6.61 11.72 32.26
N ASP A 599 -7.05 10.47 32.30
CA ASP A 599 -8.49 10.19 32.25
C ASP A 599 -9.19 10.92 33.38
N GLU A 600 -10.35 11.50 33.06
CA GLU A 600 -10.99 12.41 34.00
C GLU A 600 -11.35 11.67 35.29
N ALA A 601 -11.79 10.44 35.18
CA ALA A 601 -12.05 9.62 36.37
C ALA A 601 -10.78 9.20 37.09
N ASP A 602 -9.80 10.11 37.23
CA ASP A 602 -8.45 9.67 37.60
C ASP A 602 -7.55 10.86 37.95
N LEU A 603 -8.02 12.08 37.65
CA LEU A 603 -7.18 13.24 37.86
C LEU A 603 -6.82 13.43 39.32
N ARG A 604 -7.72 13.08 40.24
CA ARG A 604 -7.45 13.38 41.65
C ARG A 604 -6.25 12.60 42.16
N ASP A 605 -6.06 11.37 41.67
CA ASP A 605 -4.87 10.61 42.00
C ASP A 605 -3.61 11.21 41.42
N TRP A 606 -3.73 12.03 40.39
CA TRP A 606 -2.58 12.65 39.75
C TRP A 606 -2.49 14.15 40.02
N THR A 607 -3.52 14.73 40.61
CA THR A 607 -3.42 16.09 41.13
C THR A 607 -2.71 16.05 42.48
N ARG A 608 -1.87 17.06 42.70
CA ARG A 608 -1.00 17.06 43.88
C ARG A 608 -1.04 18.42 44.54
N THR A 609 -1.30 18.43 45.84
CA THR A 609 -1.19 19.63 46.64
C THR A 609 -0.03 19.44 47.59
N VAL A 610 0.86 20.42 47.66
CA VAL A 610 2.05 20.31 48.47
C VAL A 610 2.30 21.65 49.15
N LYS A 611 2.70 21.59 50.41
CA LYS A 611 2.93 22.78 51.21
C LYS A 611 4.43 22.99 51.34
N VAL A 612 4.88 24.21 51.08
CA VAL A 612 6.28 24.58 51.12
C VAL A 612 6.43 25.82 51.98
N LYS A 613 7.27 25.75 52.99
CA LYS A 613 7.45 26.83 53.93
C LYS A 613 8.63 27.70 53.52
N PRO A 614 8.76 28.90 54.10
CA PRO A 614 9.77 29.86 53.61
C PRO A 614 11.17 29.28 53.55
N GLY A 615 11.87 29.58 52.45
CA GLY A 615 13.23 29.13 52.27
C GLY A 615 13.40 27.65 52.02
N ARG A 616 12.35 26.94 51.64
CA ARG A 616 12.40 25.50 51.42
C ARG A 616 11.93 25.17 50.00
N SER A 617 11.91 23.88 49.69
CA SER A 617 11.55 23.40 48.37
C SER A 617 11.13 21.94 48.46
N ARG A 618 10.07 21.60 47.74
CA ARG A 618 9.64 20.22 47.58
C ARG A 618 9.71 19.84 46.10
N THR A 619 9.96 18.56 45.85
CA THR A 619 9.98 18.00 44.50
C THR A 619 8.81 17.06 44.31
N VAL A 620 8.00 17.29 43.28
CA VAL A 620 6.99 16.33 42.84
C VAL A 620 7.38 15.81 41.46
N VAL A 621 7.22 14.51 41.27
CA VAL A 621 7.59 13.84 40.04
C VAL A 621 6.30 13.48 39.32
N HIS A 622 6.12 14.03 38.11
CA HIS A 622 5.01 13.65 37.25
C HIS A 622 5.50 12.62 36.24
N SER A 623 4.85 11.47 36.19
CA SER A 623 5.17 10.45 35.20
C SER A 623 4.31 10.63 33.96
N ALA A 624 4.95 10.81 32.81
CA ALA A 624 4.24 10.89 31.54
C ALA A 624 4.30 9.58 30.77
N ALA A 625 4.82 8.52 31.39
CA ALA A 625 5.08 7.28 30.65
C ALA A 625 3.78 6.61 30.22
N ASP A 626 2.74 6.67 31.05
CA ASP A 626 1.44 6.11 30.68
C ASP A 626 0.87 6.80 29.44
N ALA A 627 1.22 8.07 29.24
CA ALA A 627 0.78 8.84 28.09
C ALA A 627 1.83 8.88 26.98
N HIS A 628 2.82 7.98 27.05
CA HIS A 628 3.87 7.87 26.04
C HIS A 628 4.64 9.18 25.89
N GLY A 629 4.91 9.85 27.02
CA GLY A 629 5.75 11.03 27.02
C GLY A 629 5.01 12.36 27.04
N TRP A 630 3.72 12.37 26.75
CA TRP A 630 2.97 13.62 26.69
C TRP A 630 2.56 14.08 28.08
N TYR A 631 2.66 15.38 28.33
CA TYR A 631 2.23 15.94 29.59
C TYR A 631 1.63 17.32 29.35
N ASP A 632 0.67 17.68 30.19
CA ASP A 632 0.11 19.03 30.20
C ASP A 632 -0.29 19.33 31.64
N LEU A 633 0.49 20.17 32.31
CA LEU A 633 0.35 20.43 33.74
C LEU A 633 0.09 21.90 34.00
N ASP A 634 -0.72 22.16 35.03
CA ASP A 634 -0.98 23.49 35.54
C ASP A 634 -0.44 23.56 36.95
N VAL A 635 0.46 24.51 37.20
CA VAL A 635 1.01 24.73 38.54
C VAL A 635 0.54 26.09 39.04
N THR A 636 -0.21 26.10 40.13
CA THR A 636 -0.73 27.32 40.74
C THR A 636 -0.45 27.33 42.23
N VAL A 637 -0.70 28.48 42.84
CA VAL A 637 -0.56 28.68 44.27
C VAL A 637 -1.91 29.11 44.83
N ASP A 638 -2.32 28.49 45.93
CA ASP A 638 -3.64 28.76 46.50
C ASP A 638 -3.77 30.21 46.98
N GLY A 639 -4.93 30.79 46.67
CA GLY A 639 -5.26 32.16 47.00
C GLY A 639 -4.61 33.20 46.13
N ASP A 640 -4.07 32.82 44.98
CA ASP A 640 -3.40 33.72 44.07
C ASP A 640 -3.79 33.28 42.68
N ASP A 641 -4.34 34.20 41.89
CA ASP A 641 -4.66 33.93 40.50
C ASP A 641 -3.75 34.67 39.55
N ALA A 642 -2.81 35.46 40.07
CA ALA A 642 -1.74 35.98 39.22
C ALA A 642 -0.80 34.85 38.80
N PHE A 643 -0.28 34.10 39.78
CA PHE A 643 0.80 33.16 39.53
C PHE A 643 0.28 31.91 38.82
N ARG A 644 0.83 31.63 37.64
CA ARG A 644 0.56 30.39 36.93
C ARG A 644 1.81 29.94 36.19
N ARG A 645 1.96 28.62 36.12
CA ARG A 645 2.94 27.97 35.27
C ARG A 645 2.26 26.82 34.56
N ARG A 646 2.21 26.87 33.23
CA ARG A 646 1.73 25.74 32.45
C ARG A 646 2.92 25.03 31.82
N LEU A 647 2.86 23.70 31.82
CA LEU A 647 3.94 22.86 31.31
C LEU A 647 3.34 21.80 30.39
N MET A 648 3.49 21.99 29.09
CA MET A 648 3.04 21.02 28.11
C MET A 648 4.22 20.59 27.24
N GLY A 649 4.21 19.33 26.80
CA GLY A 649 5.31 18.87 25.99
C GLY A 649 5.24 17.38 25.79
N HIS A 650 6.27 16.87 25.10
CA HIS A 650 6.44 15.43 24.88
C HIS A 650 7.88 15.09 25.19
N ILE A 651 8.08 14.21 26.16
CA ILE A 651 9.43 13.81 26.52
C ILE A 651 9.92 12.77 25.52
N GLU A 652 11.06 13.04 24.90
CA GLU A 652 11.61 12.16 23.89
C GLU A 652 12.53 11.13 24.53
N ASN A 653 12.51 9.91 23.99
CA ASN A 653 13.41 8.87 24.49
C ASN A 653 14.18 8.20 23.37
N GLY A 654 14.19 8.78 22.17
CA GLY A 654 14.90 8.16 21.07
C GLY A 654 14.13 7.10 20.34
N ARG A 655 12.91 6.79 20.74
CA ARG A 655 12.11 5.77 20.09
C ARG A 655 10.80 6.37 19.60
N ALA A 656 10.21 5.74 18.59
CA ALA A 656 8.96 6.20 18.03
C ALA A 656 7.89 6.26 19.12
N SER A 657 6.89 7.10 18.90
CA SER A 657 5.89 7.35 19.91
C SER A 657 4.54 7.61 19.25
N VAL A 658 3.72 8.45 19.86
CA VAL A 658 2.46 8.87 19.28
C VAL A 658 2.43 10.39 19.28
N SER A 659 1.57 10.96 18.44
CA SER A 659 1.35 12.40 18.45
C SER A 659 0.52 12.78 19.67
N GLY A 660 0.39 14.09 19.87
CA GLY A 660 -0.22 14.65 21.07
C GLY A 660 -1.73 14.66 21.13
N HIS A 661 -2.41 14.04 20.16
CA HIS A 661 -3.84 14.26 19.98
C HIS A 661 -4.72 13.47 20.94
N HIS A 662 -4.18 12.59 21.79
CA HIS A 662 -4.97 11.96 22.83
C HIS A 662 -5.03 12.80 24.10
N HIS A 663 -4.99 14.13 23.96
CA HIS A 663 -5.21 15.05 25.06
C HIS A 663 -6.54 14.78 25.76
N HIS A 664 -7.60 14.57 24.98
CA HIS A 664 -8.92 14.23 25.48
C HIS A 664 -9.57 13.24 24.50
N ASP B 1 -20.39 -41.11 6.42
CA ASP B 1 -19.92 -39.76 6.15
C ASP B 1 -18.55 -39.52 6.81
N GLY B 2 -18.24 -40.27 7.88
CA GLY B 2 -16.93 -40.24 8.50
C GLY B 2 -16.51 -38.93 9.16
N LEU B 3 -17.24 -37.84 8.95
CA LEU B 3 -16.90 -36.57 9.60
C LEU B 3 -16.94 -36.66 11.12
N GLY B 4 -17.47 -37.75 11.69
CA GLY B 4 -17.56 -37.85 13.13
C GLY B 4 -16.23 -38.03 13.82
N ALA B 5 -15.25 -38.61 13.11
CA ALA B 5 -13.92 -38.81 13.71
C ALA B 5 -13.14 -37.52 13.92
N ILE B 6 -13.57 -36.41 13.34
CA ILE B 6 -12.83 -35.15 13.43
C ILE B 6 -13.27 -34.40 14.68
N LYS B 7 -12.31 -34.08 15.54
CA LYS B 7 -12.55 -33.19 16.68
C LYS B 7 -11.92 -31.83 16.51
N HIS B 8 -10.97 -31.67 15.59
CA HIS B 8 -10.20 -30.45 15.46
C HIS B 8 -9.92 -30.16 14.00
N VAL B 9 -10.19 -28.93 13.58
CA VAL B 9 -9.77 -28.44 12.27
C VAL B 9 -8.78 -27.30 12.49
N VAL B 10 -7.63 -27.40 11.84
CA VAL B 10 -6.57 -26.40 11.94
C VAL B 10 -6.38 -25.79 10.55
N ILE B 11 -6.45 -24.46 10.46
CA ILE B 11 -6.37 -23.74 9.19
C ILE B 11 -5.12 -22.89 9.22
N LEU B 12 -4.15 -23.23 8.38
CA LEU B 12 -2.89 -22.47 8.26
C LEU B 12 -2.80 -21.91 6.84
N MET B 13 -3.09 -20.63 6.66
CA MET B 13 -3.06 -20.01 5.34
C MET B 13 -1.81 -19.16 5.22
N GLN B 14 -0.93 -19.53 4.29
CA GLN B 14 0.29 -18.78 4.02
C GLN B 14 0.00 -17.77 2.89
N GLU B 15 1.04 -17.14 2.36
CA GLU B 15 0.88 -15.92 1.57
C GLU B 15 1.54 -16.01 0.21
N ASN B 16 0.78 -15.70 -0.85
CA ASN B 16 1.32 -15.15 -2.11
C ASN B 16 2.25 -16.10 -2.85
N ARG B 17 1.73 -17.29 -3.20
CA ARG B 17 2.45 -18.29 -4.01
C ARG B 17 1.42 -19.00 -4.91
N SER B 18 1.69 -19.08 -6.20
CA SER B 18 0.77 -19.75 -7.13
C SER B 18 1.06 -21.25 -7.19
N PHE B 19 0.11 -22.00 -7.76
CA PHE B 19 0.28 -23.46 -7.77
C PHE B 19 1.49 -23.85 -8.60
N ASP B 20 1.57 -23.37 -9.85
CA ASP B 20 2.68 -23.75 -10.73
C ASP B 20 4.00 -23.21 -10.21
N HIS B 21 3.99 -22.02 -9.59
CA HIS B 21 5.19 -21.44 -8.99
C HIS B 21 5.89 -22.44 -8.06
N TYR B 22 5.10 -23.23 -7.32
CA TYR B 22 5.62 -24.24 -6.39
C TYR B 22 5.57 -25.67 -6.91
N PHE B 23 4.46 -26.08 -7.54
CA PHE B 23 4.20 -27.49 -7.86
C PHE B 23 4.06 -27.77 -9.34
N GLY B 24 4.42 -26.81 -10.21
CA GLY B 24 4.36 -27.06 -11.63
C GLY B 24 5.18 -28.27 -12.06
N THR B 25 6.23 -28.62 -11.30
CA THR B 25 7.03 -29.79 -11.61
C THR B 25 6.62 -31.03 -10.81
N LEU B 26 5.69 -30.90 -9.87
CA LEU B 26 5.31 -32.02 -9.00
C LEU B 26 4.70 -33.17 -9.81
N ARG B 27 5.14 -34.40 -9.52
CA ARG B 27 4.58 -35.58 -10.16
C ARG B 27 3.07 -35.64 -9.97
N GLY B 28 2.36 -35.95 -11.05
CA GLY B 28 0.97 -36.36 -10.95
C GLY B 28 -0.04 -35.31 -10.57
N VAL B 29 0.26 -34.03 -10.80
CA VAL B 29 -0.73 -32.97 -10.64
C VAL B 29 -0.76 -32.20 -11.95
N ARG B 30 -1.78 -31.35 -12.11
CA ARG B 30 -1.84 -30.52 -13.33
C ARG B 30 -0.78 -29.44 -13.23
N GLY B 31 0.32 -29.61 -13.97
CA GLY B 31 1.46 -28.74 -13.90
C GLY B 31 1.99 -28.42 -15.28
N PHE B 32 3.32 -28.38 -15.41
CA PHE B 32 3.95 -27.93 -16.63
C PHE B 32 3.79 -28.92 -17.79
N GLY B 33 3.42 -30.16 -17.51
CA GLY B 33 3.18 -31.12 -18.57
C GLY B 33 1.73 -31.29 -18.95
N ASP B 34 0.84 -30.43 -18.47
CA ASP B 34 -0.60 -30.57 -18.57
C ASP B 34 -1.09 -30.72 -20.01
N ARG B 35 -1.58 -31.90 -20.40
CA ARG B 35 -2.02 -32.07 -21.78
C ARG B 35 -3.33 -31.34 -22.05
N ASN B 36 -4.04 -30.90 -21.02
CA ASN B 36 -5.21 -30.06 -21.22
C ASN B 36 -4.90 -28.55 -21.14
N ALA B 37 -3.64 -28.15 -21.31
CA ALA B 37 -3.30 -26.73 -21.31
C ALA B 37 -3.96 -26.02 -22.50
N VAL B 38 -4.40 -24.78 -22.27
CA VAL B 38 -5.10 -24.05 -23.32
C VAL B 38 -4.11 -23.41 -24.27
N GLU B 39 -4.54 -23.21 -25.52
CA GLU B 39 -3.70 -22.56 -26.51
C GLU B 39 -4.09 -21.07 -26.56
N LEU B 40 -3.08 -20.22 -26.74
CA LEU B 40 -3.31 -18.78 -26.76
C LEU B 40 -3.80 -18.34 -28.16
N PRO B 41 -4.31 -17.11 -28.30
CA PRO B 41 -4.70 -16.65 -29.64
C PRO B 41 -3.59 -16.74 -30.67
N SER B 42 -2.35 -16.52 -30.26
CA SER B 42 -1.21 -16.68 -31.16
C SER B 42 -1.05 -18.09 -31.69
N GLY B 43 -1.73 -19.08 -31.10
CA GLY B 43 -1.44 -20.46 -31.40
C GLY B 43 -0.44 -21.12 -30.47
N LYS B 44 0.31 -20.33 -29.68
CA LYS B 44 1.24 -20.91 -28.73
C LYS B 44 0.52 -21.44 -27.50
N PRO B 45 1.11 -22.40 -26.79
CA PRO B 45 0.52 -22.83 -25.52
C PRO B 45 0.64 -21.74 -24.46
N VAL B 46 -0.26 -21.81 -23.48
CA VAL B 46 -0.36 -20.81 -22.42
C VAL B 46 0.97 -20.65 -21.67
N PHE B 47 1.81 -21.70 -21.64
CA PHE B 47 3.09 -21.56 -20.95
C PHE B 47 4.06 -20.62 -21.65
N GLU B 48 3.82 -20.33 -22.92
CA GLU B 48 4.72 -19.51 -23.72
C GLU B 48 4.10 -18.11 -23.75
N GLN B 49 4.46 -17.28 -22.74
CA GLN B 49 3.68 -16.07 -22.52
C GLN B 49 4.26 -14.91 -23.33
N PRO B 50 3.43 -14.17 -24.06
CA PRO B 50 3.92 -13.07 -24.90
C PRO B 50 4.65 -12.02 -24.06
N ALA B 51 5.81 -11.60 -24.55
CA ALA B 51 6.52 -10.49 -23.93
C ALA B 51 6.46 -9.28 -24.86
N ALA B 52 7.61 -8.81 -25.34
CA ALA B 52 7.69 -7.62 -26.16
C ALA B 52 7.98 -8.01 -27.59
N LEU B 53 7.10 -7.61 -28.50
CA LEU B 53 7.41 -7.58 -29.94
C LEU B 53 7.71 -9.00 -30.47
N GLY B 54 6.68 -9.83 -30.44
CA GLY B 54 6.84 -11.20 -30.92
C GLY B 54 7.85 -12.04 -30.17
N THR B 55 8.17 -11.71 -28.91
CA THR B 55 8.98 -12.55 -28.05
C THR B 55 8.13 -13.15 -26.93
N SER B 56 8.67 -14.19 -26.29
CA SER B 56 7.90 -14.82 -25.23
C SER B 56 8.82 -15.29 -24.11
N VAL B 57 8.18 -15.65 -23.00
CA VAL B 57 8.88 -16.10 -21.80
C VAL B 57 8.26 -17.40 -21.36
N LEU B 58 9.05 -18.47 -21.34
CA LEU B 58 8.68 -19.76 -20.76
C LEU B 58 8.90 -19.75 -19.25
N PRO B 59 8.23 -20.65 -18.51
CA PRO B 59 8.58 -20.82 -17.09
C PRO B 59 10.07 -21.07 -16.92
N PHE B 60 10.65 -20.50 -15.87
CA PHE B 60 12.08 -20.74 -15.68
C PHE B 60 12.39 -20.90 -14.20
N PRO B 61 13.40 -21.71 -13.87
CA PRO B 61 13.68 -22.03 -12.46
C PRO B 61 14.40 -20.88 -11.75
N VAL B 62 13.85 -20.48 -10.60
CA VAL B 62 14.50 -19.46 -9.75
C VAL B 62 15.94 -19.84 -9.44
N ARG B 63 16.19 -21.12 -9.20
CA ARG B 63 17.54 -21.57 -8.80
C ARG B 63 18.59 -21.19 -9.84
N ASP B 64 18.27 -21.30 -11.12
CA ASP B 64 19.24 -20.93 -12.16
C ASP B 64 19.39 -19.41 -12.26
N ALA B 65 18.27 -18.68 -12.18
CA ALA B 65 18.34 -17.22 -12.16
C ALA B 65 19.19 -16.73 -10.99
N ALA B 66 19.14 -17.43 -9.85
CA ALA B 66 19.92 -17.02 -8.70
C ALA B 66 21.41 -17.23 -8.94
N GLU B 67 21.79 -18.30 -9.64
CA GLU B 67 23.19 -18.44 -10.02
C GLU B 67 23.63 -17.35 -10.98
N THR B 68 22.79 -17.02 -11.97
CA THR B 68 23.17 -16.01 -12.94
C THR B 68 23.29 -14.64 -12.29
N GLN B 69 22.31 -14.26 -11.48
CA GLN B 69 22.29 -12.93 -10.89
C GLN B 69 23.00 -12.87 -9.55
N LYS B 70 23.56 -14.00 -9.07
CA LYS B 70 24.29 -14.05 -7.82
C LYS B 70 23.42 -13.58 -6.64
N LYS B 71 22.25 -14.19 -6.51
CA LYS B 71 21.35 -13.90 -5.42
C LYS B 71 20.98 -15.22 -4.74
N ASP B 72 20.16 -15.15 -3.70
CA ASP B 72 19.72 -16.33 -2.98
C ASP B 72 18.29 -16.69 -3.39
N LEU B 73 18.08 -17.94 -3.82
CA LEU B 73 16.78 -18.32 -4.35
C LEU B 73 15.66 -18.14 -3.34
N GLN B 74 15.97 -18.13 -2.03
CA GLN B 74 14.92 -18.00 -1.03
C GLN B 74 14.28 -16.62 -1.04
N TYR B 75 15.02 -15.61 -1.48
CA TYR B 75 14.61 -14.22 -1.20
C TYR B 75 14.21 -13.45 -2.46
N ILE B 76 13.56 -14.10 -3.43
CA ILE B 76 12.94 -13.32 -4.49
C ILE B 76 11.89 -12.39 -3.87
N GLY B 77 11.62 -11.28 -4.54
CA GLY B 77 10.67 -10.31 -4.04
C GLY B 77 9.27 -10.49 -4.61
N ALA B 78 8.36 -9.64 -4.11
CA ALA B 78 6.98 -9.67 -4.54
C ALA B 78 6.81 -8.94 -5.89
N LEU B 79 5.70 -9.27 -6.54
CA LEU B 79 5.23 -8.70 -7.80
C LEU B 79 3.85 -8.06 -7.58
N ASP B 80 3.30 -7.45 -8.64
CA ASP B 80 1.98 -6.84 -8.53
C ASP B 80 0.93 -7.89 -8.20
N HIS B 81 -0.02 -7.53 -7.33
CA HIS B 81 -1.10 -8.43 -6.97
C HIS B 81 -2.40 -7.66 -6.78
N SER B 82 -2.59 -6.62 -7.58
CA SER B 82 -3.78 -5.79 -7.48
C SER B 82 -4.89 -6.32 -8.37
N TRP B 83 -6.10 -5.83 -8.08
CA TRP B 83 -7.27 -6.20 -8.85
C TRP B 83 -7.11 -5.81 -10.32
N SER B 84 -6.61 -4.59 -10.59
CA SER B 84 -6.50 -4.20 -11.99
C SER B 84 -5.28 -4.86 -12.65
N GLY B 85 -4.22 -5.15 -11.89
CA GLY B 85 -3.13 -5.92 -12.46
C GLY B 85 -3.52 -7.34 -12.79
N GLY B 86 -4.34 -7.96 -11.93
CA GLY B 86 -4.84 -9.30 -12.23
C GLY B 86 -5.71 -9.32 -13.48
N GLY B 87 -6.63 -8.35 -13.60
CA GLY B 87 -7.43 -8.26 -14.80
C GLY B 87 -6.60 -8.17 -16.06
N LYS B 88 -5.53 -7.37 -16.03
CA LYS B 88 -4.66 -7.28 -17.21
C LYS B 88 -4.02 -8.62 -17.55
N ALA B 89 -3.60 -9.37 -16.52
CA ALA B 89 -2.96 -10.67 -16.76
C ALA B 89 -3.95 -11.68 -17.30
N TRP B 90 -5.15 -11.70 -16.73
CA TRP B 90 -6.17 -12.65 -17.16
C TRP B 90 -6.70 -12.29 -18.55
N ALA B 91 -6.69 -11.01 -18.90
CA ALA B 91 -6.87 -10.53 -20.29
C ALA B 91 -8.22 -10.97 -20.87
N GLY B 92 -9.30 -10.66 -20.15
CA GLY B 92 -10.63 -11.07 -20.57
C GLY B 92 -10.88 -12.56 -20.59
N GLY B 93 -9.95 -13.37 -20.09
CA GLY B 93 -10.09 -14.82 -20.13
C GLY B 93 -9.11 -15.50 -21.04
N TRP B 94 -8.30 -14.74 -21.77
CA TRP B 94 -7.31 -15.28 -22.70
C TRP B 94 -5.98 -15.60 -22.05
N MET B 95 -5.72 -15.09 -20.84
CA MET B 95 -4.61 -15.54 -19.99
C MET B 95 -3.26 -15.29 -20.65
N ASN B 96 -3.13 -14.16 -21.35
CA ASN B 96 -1.89 -13.89 -22.06
C ASN B 96 -1.35 -12.48 -21.81
N GLY B 97 -1.74 -11.84 -20.70
CA GLY B 97 -1.16 -10.56 -20.33
C GLY B 97 -0.18 -10.61 -19.16
N TRP B 98 0.34 -11.82 -18.86
CA TRP B 98 1.07 -12.00 -17.60
C TRP B 98 2.33 -11.16 -17.55
N VAL B 99 3.14 -11.19 -18.62
CA VAL B 99 4.43 -10.53 -18.57
C VAL B 99 4.25 -9.03 -18.57
N SER B 100 3.28 -8.54 -19.35
CA SER B 100 3.01 -7.12 -19.38
C SER B 100 2.52 -6.63 -18.04
N ALA B 101 1.72 -7.43 -17.35
CA ALA B 101 1.13 -6.95 -16.11
C ALA B 101 2.03 -7.15 -14.90
N LYS B 102 2.90 -8.15 -14.91
CA LYS B 102 3.58 -8.60 -13.70
C LYS B 102 5.10 -8.60 -13.80
N THR B 103 5.66 -8.35 -15.00
CA THR B 103 7.07 -8.49 -15.38
C THR B 103 7.40 -9.95 -15.66
N ALA B 104 8.52 -10.18 -16.33
CA ALA B 104 8.90 -11.53 -16.71
C ALA B 104 9.17 -12.44 -15.50
N ALA B 105 9.38 -11.86 -14.31
CA ALA B 105 9.59 -12.64 -13.10
C ALA B 105 8.38 -13.48 -12.73
N THR B 106 7.21 -13.19 -13.33
CA THR B 106 5.99 -13.96 -13.07
C THR B 106 6.12 -15.44 -13.46
N MET B 107 7.02 -15.78 -14.38
CA MET B 107 7.19 -17.14 -14.87
C MET B 107 8.22 -17.93 -14.07
N ALA B 108 8.79 -17.35 -13.01
CA ALA B 108 9.82 -18.05 -12.27
C ALA B 108 9.18 -19.07 -11.31
N TYR B 109 9.80 -20.25 -11.17
CA TYR B 109 9.23 -21.30 -10.34
C TYR B 109 10.31 -22.00 -9.50
N TYR B 110 9.85 -22.72 -8.48
CA TYR B 110 10.65 -23.57 -7.61
C TYR B 110 10.34 -25.04 -7.89
N ASP B 111 11.28 -25.93 -7.54
CA ASP B 111 11.01 -27.36 -7.68
C ASP B 111 11.51 -28.11 -6.45
N ARG B 112 11.58 -29.44 -6.54
CA ARG B 112 11.84 -30.27 -5.36
C ARG B 112 13.24 -30.01 -4.81
N ARG B 113 14.19 -29.65 -5.67
CA ARG B 113 15.53 -29.36 -5.16
C ARG B 113 15.55 -28.14 -4.26
N ASP B 114 14.58 -27.23 -4.39
CA ASP B 114 14.52 -25.99 -3.62
C ASP B 114 13.56 -26.06 -2.43
N ILE B 115 12.41 -26.70 -2.59
CA ILE B 115 11.41 -26.70 -1.53
C ILE B 115 11.03 -28.14 -1.22
N PRO B 116 11.93 -28.92 -0.61
CA PRO B 116 11.64 -30.36 -0.39
C PRO B 116 10.50 -30.63 0.57
N LEU B 117 10.28 -29.79 1.59
CA LEU B 117 9.21 -30.12 2.52
C LEU B 117 7.85 -29.99 1.85
N HIS B 118 7.65 -28.93 1.05
CA HIS B 118 6.41 -28.77 0.32
C HIS B 118 6.12 -30.00 -0.53
N TYR B 119 7.12 -30.47 -1.29
CA TYR B 119 6.92 -31.64 -2.14
C TYR B 119 6.70 -32.90 -1.31
N GLU B 120 7.44 -33.05 -0.20
CA GLU B 120 7.25 -34.26 0.62
C GLU B 120 5.84 -34.32 1.18
N LEU B 121 5.32 -33.18 1.64
CA LEU B 121 3.94 -33.18 2.14
C LEU B 121 2.96 -33.58 1.05
N ALA B 122 3.18 -33.12 -0.19
CA ALA B 122 2.32 -33.55 -1.28
C ALA B 122 2.42 -35.05 -1.53
N ASP B 123 3.63 -35.61 -1.46
CA ASP B 123 3.85 -37.04 -1.72
C ASP B 123 3.26 -37.91 -0.62
N THR B 124 3.12 -37.37 0.58
CA THR B 124 2.76 -38.09 1.80
C THR B 124 1.29 -37.96 2.15
N PHE B 125 0.70 -36.78 1.94
CA PHE B 125 -0.69 -36.53 2.29
C PHE B 125 -1.51 -36.35 1.03
N THR B 126 -2.36 -35.33 0.94
CA THR B 126 -3.20 -35.12 -0.23
C THR B 126 -3.01 -33.69 -0.74
N VAL B 127 -2.80 -33.55 -2.04
CA VAL B 127 -2.65 -32.24 -2.67
C VAL B 127 -3.86 -31.97 -3.56
N CYS B 128 -4.36 -30.74 -3.50
CA CYS B 128 -5.49 -30.30 -4.32
C CYS B 128 -4.95 -29.46 -5.46
N ASP B 129 -5.17 -29.90 -6.72
CA ASP B 129 -4.66 -29.19 -7.88
C ASP B 129 -5.77 -28.50 -8.69
N ALA B 130 -6.94 -28.32 -8.09
CA ALA B 130 -7.98 -27.45 -8.62
C ALA B 130 -8.49 -26.54 -7.52
N TYR B 131 -7.63 -26.20 -6.56
CA TYR B 131 -7.97 -25.31 -5.48
C TYR B 131 -7.57 -23.89 -5.90
N HIS B 132 -8.52 -22.99 -5.97
CA HIS B 132 -8.28 -21.63 -6.43
C HIS B 132 -8.41 -20.65 -5.28
N SER B 133 -7.61 -19.58 -5.32
CA SER B 133 -7.95 -18.43 -4.51
C SER B 133 -9.34 -17.94 -4.90
N SER B 134 -9.99 -17.24 -3.97
CA SER B 134 -11.38 -16.88 -4.18
C SER B 134 -11.55 -15.78 -5.22
N ILE B 135 -10.62 -14.82 -5.28
CA ILE B 135 -10.77 -13.66 -6.16
C ILE B 135 -9.39 -13.23 -6.63
N HIS B 136 -9.30 -12.79 -7.90
CA HIS B 136 -8.02 -12.43 -8.52
C HIS B 136 -7.61 -11.02 -8.10
N THR B 137 -7.03 -10.93 -6.91
CA THR B 137 -6.59 -9.66 -6.37
C THR B 137 -5.68 -9.94 -5.17
N SER B 138 -5.63 -9.00 -4.23
CA SER B 138 -4.64 -9.00 -3.16
C SER B 138 -5.14 -9.80 -1.93
N THR B 139 -4.44 -9.62 -0.81
CA THR B 139 -4.65 -10.48 0.36
C THR B 139 -6.03 -10.30 0.97
N SER B 140 -6.39 -9.07 1.26
CA SER B 140 -7.58 -8.82 2.10
C SER B 140 -8.87 -9.39 1.51
N PRO B 141 -9.20 -9.19 0.22
CA PRO B 141 -10.45 -9.78 -0.29
C PRO B 141 -10.47 -11.30 -0.26
N ASN B 142 -9.31 -11.92 -0.46
CA ASN B 142 -9.23 -13.37 -0.37
C ASN B 142 -9.38 -13.86 1.06
N ARG B 143 -8.74 -13.20 2.03
CA ARG B 143 -8.90 -13.60 3.42
C ARG B 143 -10.31 -13.33 3.93
N ASN B 144 -10.97 -12.29 3.40
CA ASN B 144 -12.39 -12.08 3.67
C ASN B 144 -13.19 -13.35 3.39
N HIS B 145 -12.84 -14.06 2.32
CA HIS B 145 -13.61 -15.25 1.93
C HIS B 145 -13.42 -16.38 2.92
N LEU B 146 -12.18 -16.57 3.40
CA LEU B 146 -11.90 -17.62 4.37
C LEU B 146 -12.60 -17.34 5.69
N TRP B 147 -12.58 -16.10 6.14
CA TRP B 147 -13.10 -15.77 7.45
C TRP B 147 -14.60 -15.52 7.45
N SER B 148 -15.18 -15.19 6.30
CA SER B 148 -16.56 -14.70 6.27
C SER B 148 -17.40 -15.26 5.13
N GLY B 149 -16.82 -15.97 4.17
CA GLY B 149 -17.60 -16.53 3.08
C GLY B 149 -17.80 -15.63 1.87
N LYS B 150 -17.39 -14.37 1.94
CA LYS B 150 -17.52 -13.45 0.82
C LYS B 150 -16.61 -12.26 1.04
N THR B 151 -16.45 -11.45 -0.01
CA THR B 151 -15.98 -10.09 0.13
C THR B 151 -17.13 -9.17 -0.33
N GLY B 152 -17.62 -8.34 0.60
CA GLY B 152 -18.77 -7.51 0.30
C GLY B 152 -18.38 -6.15 -0.23
N ASN B 153 -19.00 -5.08 0.26
CA ASN B 153 -18.70 -3.74 -0.21
C ASN B 153 -17.96 -2.92 0.84
N GLU B 154 -17.14 -2.00 0.34
CA GLU B 154 -16.56 -0.96 1.17
C GLU B 154 -17.66 -0.01 1.64
N PRO B 155 -17.37 0.84 2.63
CA PRO B 155 -18.31 1.91 2.99
C PRO B 155 -18.73 2.82 1.84
N ASN B 156 -17.86 3.04 0.86
CA ASN B 156 -18.25 3.87 -0.27
C ASN B 156 -19.11 3.13 -1.29
N GLY B 157 -19.54 1.90 -0.98
CA GLY B 157 -20.37 1.14 -1.88
C GLY B 157 -19.64 0.39 -2.97
N LYS B 158 -18.38 0.72 -3.26
CA LYS B 158 -17.58 -0.08 -4.17
C LYS B 158 -17.31 -1.47 -3.62
N ARG B 159 -17.12 -2.43 -4.53
CA ARG B 159 -16.80 -3.79 -4.11
C ARG B 159 -15.43 -3.85 -3.43
N ALA B 160 -15.34 -4.58 -2.32
CA ALA B 160 -14.08 -4.66 -1.56
C ALA B 160 -13.14 -5.63 -2.27
N VAL B 161 -12.43 -5.11 -3.25
CA VAL B 161 -11.50 -5.87 -4.07
C VAL B 161 -10.06 -5.44 -3.83
N GLY B 162 -9.83 -4.64 -2.78
CA GLY B 162 -8.49 -4.20 -2.45
C GLY B 162 -8.18 -4.27 -0.98
N ASN B 163 -7.13 -3.62 -0.54
CA ASN B 163 -6.70 -3.68 0.83
C ASN B 163 -7.00 -2.46 1.64
N ASP B 164 -8.09 -1.81 1.34
CA ASP B 164 -8.47 -0.58 2.04
C ASP B 164 -8.52 -0.76 3.56
N ALA B 165 -8.91 -1.94 4.04
CA ALA B 165 -9.05 -2.16 5.48
C ALA B 165 -7.73 -2.03 6.24
N TYR B 166 -6.58 -2.09 5.57
CA TYR B 166 -5.30 -2.00 6.29
C TYR B 166 -5.03 -0.59 6.81
N ASN B 167 -5.78 0.40 6.34
CA ASN B 167 -5.70 1.75 6.89
C ASN B 167 -6.61 1.79 8.12
N GLU B 168 -6.11 1.16 9.19
CA GLU B 168 -6.98 0.76 10.30
C GLU B 168 -7.42 1.93 11.16
N GLY B 169 -6.65 3.02 11.18
CA GLY B 169 -7.03 4.20 11.92
C GLY B 169 -8.12 5.04 11.27
N THR B 170 -8.45 4.75 10.02
CA THR B 170 -9.49 5.48 9.30
C THR B 170 -10.63 4.59 8.85
N HIS B 171 -10.33 3.42 8.27
CA HIS B 171 -11.37 2.52 7.76
C HIS B 171 -12.25 2.03 8.91
N PRO B 172 -13.58 2.05 8.77
CA PRO B 172 -14.44 1.66 9.90
C PRO B 172 -14.63 0.16 10.08
N GLY B 173 -14.12 -0.66 9.18
CA GLY B 173 -14.29 -2.10 9.26
C GLY B 173 -15.46 -2.61 8.44
N TYR B 174 -15.45 -3.92 8.19
CA TYR B 174 -16.48 -4.54 7.36
C TYR B 174 -17.70 -4.93 8.19
N ASP B 175 -18.86 -4.84 7.54
CA ASP B 175 -20.17 -4.83 8.21
C ASP B 175 -20.96 -6.12 8.07
N TRP B 176 -20.54 -7.06 7.22
CA TRP B 176 -21.21 -8.34 7.13
C TRP B 176 -20.60 -9.31 8.15
N GLY B 177 -21.20 -10.47 8.31
CA GLY B 177 -20.79 -11.32 9.43
C GLY B 177 -19.45 -12.01 9.18
N THR B 178 -18.77 -12.39 10.27
CA THR B 178 -17.70 -13.37 10.21
C THR B 178 -18.26 -14.74 10.55
N TYR B 179 -17.63 -15.78 10.02
CA TYR B 179 -18.03 -17.12 10.40
C TYR B 179 -17.72 -17.40 11.88
N ALA B 180 -16.64 -16.83 12.41
CA ALA B 180 -16.30 -17.06 13.81
C ALA B 180 -17.41 -16.57 14.75
N GLU B 181 -18.06 -15.45 14.42
CA GLU B 181 -19.15 -14.97 15.27
C GLU B 181 -20.30 -15.97 15.28
N ARG B 182 -20.46 -16.75 14.22
CA ARG B 182 -21.50 -17.75 14.17
C ARG B 182 -21.12 -18.98 14.99
N LEU B 183 -19.87 -19.43 14.90
CA LEU B 183 -19.38 -20.47 15.79
C LEU B 183 -19.56 -20.06 17.25
N GLU B 184 -19.28 -18.80 17.54
CA GLU B 184 -19.38 -18.27 18.90
C GLU B 184 -20.81 -18.39 19.43
N LYS B 185 -21.79 -17.87 18.68
CA LYS B 185 -23.18 -17.92 19.11
C LYS B 185 -23.70 -19.35 19.17
N ALA B 186 -23.17 -20.22 18.33
CA ALA B 186 -23.53 -21.63 18.32
C ALA B 186 -22.84 -22.43 19.42
N GLY B 187 -22.02 -21.79 20.26
CA GLY B 187 -21.35 -22.50 21.32
C GLY B 187 -20.19 -23.38 20.90
N ARG B 188 -19.72 -23.29 19.66
CA ARG B 188 -18.53 -24.02 19.24
C ARG B 188 -17.28 -23.27 19.67
N SER B 189 -16.19 -24.02 19.92
CA SER B 189 -14.95 -23.42 20.40
C SER B 189 -14.02 -23.09 19.23
N TRP B 190 -13.33 -21.96 19.34
CA TRP B 190 -12.39 -21.56 18.30
C TRP B 190 -11.36 -20.62 18.90
N ARG B 191 -10.21 -20.55 18.23
CA ARG B 191 -9.13 -19.69 18.69
C ARG B 191 -8.25 -19.32 17.51
N THR B 192 -7.77 -18.09 17.50
CA THR B 192 -6.76 -17.69 16.53
C THR B 192 -5.41 -17.64 17.25
N TYR B 193 -4.42 -18.27 16.65
CA TYR B 193 -3.06 -18.30 17.20
C TYR B 193 -2.23 -17.32 16.39
N THR B 194 -1.82 -16.21 17.01
CA THR B 194 -1.09 -15.20 16.27
C THR B 194 -0.17 -14.43 17.20
N GLU B 195 1.00 -14.05 16.69
CA GLU B 195 2.03 -13.35 17.45
C GLU B 195 1.84 -11.83 17.42
N TRP B 196 2.70 -11.12 18.16
CA TRP B 196 2.65 -9.66 18.22
C TRP B 196 2.73 -9.04 16.83
N GLU B 197 3.52 -9.63 15.94
CA GLU B 197 3.54 -9.22 14.55
C GLU B 197 2.76 -10.25 13.75
N ASN B 198 1.73 -9.80 13.03
CA ASN B 198 0.99 -10.77 12.23
C ASN B 198 0.67 -10.23 10.84
N PHE B 199 1.36 -9.18 10.40
CA PHE B 199 1.44 -8.84 8.99
C PHE B 199 0.06 -8.54 8.41
N THR B 200 -0.82 -7.97 9.23
CA THR B 200 -2.16 -7.57 8.82
C THR B 200 -2.92 -8.72 8.15
N ASP B 201 -2.62 -9.96 8.56
CA ASP B 201 -3.23 -11.17 8.02
C ASP B 201 -4.30 -11.77 8.91
N ASN B 202 -4.53 -11.21 10.11
CA ASN B 202 -5.57 -11.71 10.99
C ASN B 202 -6.88 -11.02 10.63
N GLN B 203 -7.51 -11.52 9.56
CA GLN B 203 -8.56 -10.76 8.87
C GLN B 203 -9.70 -10.36 9.79
N ILE B 204 -9.98 -11.16 10.82
CA ILE B 204 -11.10 -10.88 11.73
C ILE B 204 -10.97 -9.49 12.34
N GLU B 205 -9.74 -8.98 12.46
CA GLU B 205 -9.52 -7.67 13.07
C GLU B 205 -10.19 -6.53 12.29
N PHE B 206 -10.46 -6.73 11.00
CA PHE B 206 -11.02 -5.67 10.16
C PHE B 206 -12.54 -5.73 10.04
N PHE B 207 -13.21 -6.51 10.88
CA PHE B 207 -14.66 -6.54 10.91
C PHE B 207 -15.15 -5.68 12.06
N ALA B 208 -16.26 -4.98 11.83
CA ALA B 208 -16.68 -3.88 12.72
C ALA B 208 -16.86 -4.37 14.16
N THR B 209 -17.39 -5.58 14.33
CA THR B 209 -17.57 -6.12 15.67
C THR B 209 -16.25 -6.15 16.44
N PHE B 210 -15.18 -6.58 15.78
CA PHE B 210 -13.91 -6.72 16.46
C PHE B 210 -13.16 -5.39 16.54
N LYS B 211 -13.36 -4.49 15.58
CA LYS B 211 -12.82 -3.15 15.76
C LYS B 211 -13.41 -2.48 17.00
N ALA B 212 -14.69 -2.75 17.29
CA ALA B 212 -15.33 -2.19 18.48
C ALA B 212 -14.76 -2.80 19.76
N VAL B 213 -14.55 -4.11 19.78
CA VAL B 213 -13.97 -4.74 20.96
C VAL B 213 -12.54 -4.27 21.17
N ALA B 214 -11.78 -4.13 20.08
CA ALA B 214 -10.40 -3.65 20.20
C ALA B 214 -10.35 -2.25 20.77
N ARG B 215 -11.20 -1.35 20.26
CA ARG B 215 -11.19 0.03 20.74
C ARG B 215 -11.49 0.08 22.23
N LYS B 216 -12.49 -0.70 22.68
CA LYS B 216 -12.83 -0.75 24.09
C LYS B 216 -11.71 -1.34 24.92
N ALA B 217 -11.09 -2.43 24.45
CA ALA B 217 -10.02 -3.06 25.23
C ALA B 217 -8.76 -2.21 25.29
N LEU B 218 -8.58 -1.28 24.34
CA LEU B 218 -7.42 -0.40 24.27
C LEU B 218 -7.66 0.97 24.88
N ALA B 219 -8.82 1.17 25.52
CA ALA B 219 -9.25 2.51 25.92
C ALA B 219 -8.32 3.16 26.95
N LYS B 220 -7.56 2.39 27.72
CA LYS B 220 -6.65 2.95 28.69
C LYS B 220 -5.20 2.98 28.22
N THR B 221 -4.94 2.70 26.93
CA THR B 221 -3.57 2.59 26.47
C THR B 221 -2.96 3.92 26.02
N GLY B 222 -3.67 5.03 26.19
CA GLY B 222 -3.06 6.32 25.93
C GLY B 222 -2.97 6.71 24.46
N GLY B 223 -3.91 6.27 23.63
CA GLY B 223 -3.94 6.72 22.25
C GLY B 223 -4.22 5.64 21.21
N HIS B 224 -4.07 4.38 21.56
CA HIS B 224 -4.28 3.32 20.58
C HIS B 224 -5.76 2.95 20.47
N THR B 225 -6.22 2.73 19.23
CA THR B 225 -7.60 2.35 18.96
C THR B 225 -7.76 1.07 18.17
N PHE B 226 -6.70 0.53 17.57
CA PHE B 226 -6.73 -0.78 16.96
C PHE B 226 -5.50 -1.54 17.43
N MET B 227 -5.62 -2.87 17.44
CA MET B 227 -4.64 -3.72 18.10
C MET B 227 -3.24 -3.56 17.51
N GLU B 228 -3.14 -3.47 16.18
CA GLU B 228 -1.81 -3.36 15.58
C GLU B 228 -1.09 -2.11 16.06
N SER B 229 -1.83 -1.05 16.38
CA SER B 229 -1.18 0.15 16.90
C SER B 229 -0.52 -0.13 18.25
N PHE B 230 -1.22 -0.83 19.12
CA PHE B 230 -0.67 -1.18 20.43
C PHE B 230 0.50 -2.14 20.30
N TYR B 231 0.36 -3.19 19.48
CA TYR B 231 1.41 -4.20 19.45
C TYR B 231 2.67 -3.68 18.76
N ALA B 232 2.54 -2.69 17.87
CA ALA B 232 3.73 -2.04 17.33
C ALA B 232 4.55 -1.39 18.43
N ALA B 233 3.89 -0.81 19.43
CA ALA B 233 4.61 -0.21 20.56
C ALA B 233 5.17 -1.29 21.48
N VAL B 234 4.46 -2.41 21.62
CA VAL B 234 4.97 -3.54 22.39
C VAL B 234 6.25 -4.08 21.77
N ARG B 235 6.23 -4.30 20.44
CA ARG B 235 7.39 -4.88 19.78
C ARG B 235 8.61 -3.98 19.87
N ASP B 236 8.42 -2.66 19.93
CA ASP B 236 9.55 -1.75 20.06
C ASP B 236 9.99 -1.52 21.52
N ALA B 237 9.28 -2.06 22.50
CA ALA B 237 9.47 -1.70 23.91
C ALA B 237 10.47 -2.63 24.59
N ASP B 238 11.20 -2.08 25.57
CA ASP B 238 12.00 -2.90 26.48
C ASP B 238 11.09 -3.62 27.47
N ALA B 239 11.70 -4.40 28.36
CA ALA B 239 10.92 -5.27 29.23
C ALA B 239 10.07 -4.46 30.21
N THR B 240 10.61 -3.36 30.71
CA THR B 240 9.86 -2.51 31.63
C THR B 240 8.71 -1.79 30.93
N GLU B 241 8.97 -1.24 29.74
CA GLU B 241 7.91 -0.63 28.95
C GLU B 241 6.82 -1.65 28.58
N ARG B 242 7.24 -2.86 28.21
CA ARG B 242 6.28 -3.91 27.88
C ARG B 242 5.32 -4.19 29.03
N GLU B 243 5.83 -4.30 30.25
CA GLU B 243 4.97 -4.58 31.39
C GLU B 243 3.96 -3.46 31.61
N ARG B 244 4.38 -2.21 31.40
CA ARG B 244 3.43 -1.10 31.52
C ARG B 244 2.38 -1.18 30.42
N LEU B 245 2.82 -1.46 29.18
CA LEU B 245 1.88 -1.52 28.07
C LEU B 245 0.84 -2.62 28.30
N PHE B 246 1.29 -3.81 28.72
CA PHE B 246 0.32 -4.88 28.98
C PHE B 246 -0.55 -4.56 30.19
N GLY B 247 -0.04 -3.79 31.14
CA GLY B 247 -0.89 -3.35 32.24
C GLY B 247 -1.98 -2.42 31.76
N LEU B 248 -1.61 -1.43 30.96
CA LEU B 248 -2.60 -0.55 30.34
C LEU B 248 -3.63 -1.33 29.54
N LEU B 249 -3.20 -2.34 28.78
CA LEU B 249 -4.15 -3.17 28.03
C LEU B 249 -5.12 -3.88 28.96
N GLU B 250 -4.59 -4.53 30.02
CA GLU B 250 -5.46 -5.34 30.88
C GLU B 250 -6.50 -4.50 31.60
N GLU B 251 -6.23 -3.22 31.83
CA GLU B 251 -7.23 -2.33 32.41
C GLU B 251 -8.45 -2.19 31.49
N GLY B 252 -8.21 -2.06 30.19
CA GLY B 252 -9.34 -2.01 29.27
C GLY B 252 -9.99 -3.37 29.08
N VAL B 253 -9.18 -4.42 29.05
CA VAL B 253 -9.74 -5.76 28.89
C VAL B 253 -10.69 -6.09 30.03
N ALA B 254 -10.38 -5.60 31.24
CA ALA B 254 -11.22 -5.86 32.40
C ALA B 254 -12.62 -5.27 32.26
N THR B 255 -12.80 -4.25 31.41
CA THR B 255 -14.11 -3.64 31.23
C THR B 255 -14.99 -4.38 30.23
N LEU B 256 -14.49 -5.42 29.57
CA LEU B 256 -15.30 -6.11 28.56
C LEU B 256 -16.32 -7.01 29.23
N ASP B 257 -17.54 -7.02 28.69
CA ASP B 257 -18.54 -7.94 29.20
C ASP B 257 -18.21 -9.35 28.75
N LYS B 258 -19.02 -10.32 29.18
CA LYS B 258 -18.70 -11.72 28.94
C LYS B 258 -18.49 -12.02 27.46
N THR B 259 -19.34 -11.48 26.60
CA THR B 259 -19.25 -11.80 25.17
C THR B 259 -18.09 -11.09 24.50
N GLU B 260 -17.92 -9.79 24.76
CA GLU B 260 -16.78 -9.07 24.21
C GLU B 260 -15.47 -9.68 24.68
N ARG B 261 -15.43 -10.13 25.94
CA ARG B 261 -14.22 -10.74 26.48
C ARG B 261 -13.88 -12.04 25.76
N SER B 262 -14.87 -12.88 25.47
CA SER B 262 -14.61 -14.11 24.74
C SER B 262 -14.09 -13.79 23.33
N LEU B 263 -14.72 -12.84 22.65
CA LEU B 263 -14.24 -12.41 21.34
C LEU B 263 -12.79 -11.92 21.41
N PHE B 264 -12.48 -11.08 22.42
CA PHE B 264 -11.11 -10.58 22.56
C PHE B 264 -10.11 -11.72 22.75
N GLU B 265 -10.40 -12.64 23.67
CA GLU B 265 -9.46 -13.73 23.93
C GLU B 265 -9.30 -14.64 22.72
N ARG B 266 -10.40 -14.90 22.01
CA ARG B 266 -10.32 -15.85 20.91
C ARG B 266 -9.78 -15.26 19.62
N ALA B 267 -9.90 -13.94 19.41
CA ALA B 267 -9.53 -13.34 18.13
C ALA B 267 -8.42 -12.32 18.20
N LEU B 268 -8.26 -11.63 19.33
CA LEU B 268 -7.47 -10.40 19.36
C LEU B 268 -6.21 -10.46 20.22
N ARG B 269 -6.10 -11.34 21.21
CA ARG B 269 -4.92 -11.35 22.07
C ARG B 269 -3.78 -12.09 21.37
N ARG B 270 -2.68 -11.39 21.15
CA ARG B 270 -1.54 -11.95 20.44
C ARG B 270 -0.51 -12.52 21.42
N VAL B 271 0.18 -13.57 20.99
CA VAL B 271 1.21 -14.19 21.80
C VAL B 271 2.57 -13.65 21.41
N GLU B 272 3.58 -13.97 22.21
CA GLU B 272 4.90 -13.38 22.08
C GLU B 272 5.56 -13.79 20.77
N THR B 273 6.33 -12.86 20.21
CA THR B 273 7.09 -13.11 18.99
C THR B 273 7.87 -14.42 19.09
N GLY B 274 7.67 -15.29 18.11
CA GLY B 274 8.41 -16.51 18.01
C GLY B 274 7.79 -17.71 18.68
N THR B 275 6.62 -17.55 19.32
CA THR B 275 6.05 -18.63 20.14
C THR B 275 4.73 -19.15 19.58
N LEU B 276 4.41 -18.91 18.29
CA LEU B 276 3.11 -19.33 17.76
C LEU B 276 2.96 -20.83 17.86
N ALA B 277 3.92 -21.58 17.31
CA ALA B 277 3.81 -23.04 17.36
C ALA B 277 3.90 -23.55 18.78
N ASP B 278 4.71 -22.87 19.62
CA ASP B 278 4.78 -23.19 21.05
C ASP B 278 3.42 -23.07 21.72
N GLU B 279 2.73 -21.94 21.50
CA GLU B 279 1.43 -21.78 22.15
C GLU B 279 0.39 -22.74 21.58
N PHE B 280 0.51 -23.07 20.29
CA PHE B 280 -0.34 -24.11 19.71
C PHE B 280 -0.05 -25.46 20.35
N ALA B 281 1.23 -25.80 20.49
CA ALA B 281 1.63 -27.07 21.10
C ALA B 281 1.17 -27.14 22.55
N LYS B 282 1.20 -26.02 23.28
CA LYS B 282 0.70 -26.03 24.65
C LYS B 282 -0.76 -26.45 24.69
N ASP B 283 -1.57 -25.92 23.77
CA ASP B 283 -2.99 -26.27 23.75
C ASP B 283 -3.18 -27.72 23.33
N VAL B 284 -2.36 -28.22 22.40
CA VAL B 284 -2.44 -29.62 22.03
C VAL B 284 -2.11 -30.51 23.24
N ALA B 285 -1.03 -30.18 23.93
CA ALA B 285 -0.58 -31.01 25.05
C ALA B 285 -1.58 -30.98 26.20
N ALA B 286 -2.20 -29.84 26.46
CA ALA B 286 -3.10 -29.73 27.60
C ALA B 286 -4.48 -30.30 27.31
N GLY B 287 -4.74 -30.77 26.09
CA GLY B 287 -6.06 -31.26 25.75
C GLY B 287 -7.08 -30.18 25.55
N THR B 288 -6.63 -28.93 25.32
CA THR B 288 -7.52 -27.79 25.18
C THR B 288 -7.51 -27.19 23.76
N LEU B 289 -7.17 -27.98 22.76
CA LEU B 289 -7.24 -27.47 21.39
C LEU B 289 -8.70 -27.27 20.99
N PRO B 290 -9.06 -26.11 20.41
CA PRO B 290 -10.47 -25.88 20.04
C PRO B 290 -10.93 -26.72 18.87
N GLU B 291 -12.21 -26.60 18.56
CA GLU B 291 -12.73 -27.24 17.35
C GLU B 291 -12.16 -26.59 16.09
N VAL B 292 -11.99 -25.26 16.10
CA VAL B 292 -11.53 -24.53 14.93
C VAL B 292 -10.35 -23.64 15.32
N SER B 293 -9.19 -23.87 14.72
CA SER B 293 -8.01 -23.06 14.99
C SER B 293 -7.56 -22.32 13.73
N TYR B 294 -7.45 -20.99 13.83
CA TYR B 294 -6.88 -20.15 12.79
C TYR B 294 -5.42 -19.87 13.17
N LEU B 295 -4.47 -20.34 12.37
CA LEU B 295 -3.05 -20.02 12.59
C LEU B 295 -2.66 -18.87 11.68
N VAL B 296 -2.21 -17.76 12.26
CA VAL B 296 -1.82 -16.57 11.49
C VAL B 296 -0.38 -16.21 11.80
N PRO B 297 0.59 -16.68 11.02
CA PRO B 297 2.00 -16.47 11.35
C PRO B 297 2.43 -15.02 11.17
N SER B 298 3.61 -14.74 11.69
CA SER B 298 4.19 -13.41 11.54
C SER B 298 4.59 -13.16 10.09
N ALA B 299 4.96 -11.90 9.82
CA ALA B 299 5.42 -11.52 8.49
C ALA B 299 6.58 -12.40 8.04
N VAL B 300 7.62 -12.51 8.88
CA VAL B 300 8.79 -13.29 8.50
C VAL B 300 8.47 -14.78 8.33
N ASP B 301 7.38 -15.28 8.91
CA ASP B 301 7.03 -16.70 8.79
C ASP B 301 5.93 -16.98 7.77
N SER B 302 5.40 -15.95 7.08
CA SER B 302 4.18 -16.06 6.28
C SER B 302 4.40 -16.63 4.88
N GLU B 303 5.64 -16.78 4.43
CA GLU B 303 6.02 -17.12 3.06
C GLU B 303 5.83 -15.97 2.08
N HIS B 304 5.29 -14.83 2.51
CA HIS B 304 5.10 -13.70 1.59
C HIS B 304 6.43 -13.23 1.01
N PRO B 305 6.55 -13.10 -0.31
CA PRO B 305 7.88 -12.80 -0.91
C PRO B 305 8.45 -11.43 -0.53
N SER B 306 7.70 -10.53 0.07
CA SER B 306 8.37 -9.29 0.44
C SER B 306 8.90 -9.29 1.87
N VAL B 307 8.61 -10.34 2.67
CA VAL B 307 9.01 -10.36 4.07
C VAL B 307 9.54 -11.72 4.52
N SER B 308 9.34 -12.76 3.71
CA SER B 308 9.58 -14.13 4.19
C SER B 308 10.34 -14.96 3.15
N SER B 309 10.10 -16.26 3.09
CA SER B 309 10.76 -17.17 2.16
C SER B 309 10.08 -18.54 2.26
N PRO B 310 10.29 -19.41 1.25
CA PRO B 310 9.83 -20.80 1.38
C PRO B 310 10.41 -21.52 2.60
N ILE B 311 11.69 -21.37 2.89
CA ILE B 311 12.28 -22.08 4.03
C ILE B 311 11.76 -21.52 5.35
N HIS B 312 11.48 -20.21 5.43
CA HIS B 312 10.88 -19.68 6.65
C HIS B 312 9.52 -20.32 6.88
N SER B 313 8.77 -20.52 5.80
CA SER B 313 7.44 -21.12 5.93
C SER B 313 7.55 -22.61 6.24
N ALA B 314 8.42 -23.32 5.53
CA ALA B 314 8.61 -24.74 5.81
C ALA B 314 8.99 -24.95 7.27
N THR B 315 9.77 -24.02 7.84
CA THR B 315 10.19 -24.15 9.23
C THR B 315 8.98 -24.10 10.17
N ILE B 316 8.09 -23.11 10.00
CA ILE B 316 6.95 -23.02 10.91
C ILE B 316 5.92 -24.12 10.62
N VAL B 317 5.70 -24.48 9.35
CA VAL B 317 4.77 -25.57 9.06
C VAL B 317 5.20 -26.84 9.79
N TYR B 318 6.50 -27.18 9.69
CA TYR B 318 7.00 -28.37 10.36
C TYR B 318 6.79 -28.31 11.88
N LYS B 319 6.96 -27.13 12.49
CA LYS B 319 6.77 -27.05 13.93
C LYS B 319 5.31 -27.26 14.30
N VAL B 320 4.39 -26.80 13.45
CA VAL B 320 2.98 -26.99 13.71
C VAL B 320 2.60 -28.47 13.62
N LEU B 321 3.04 -29.14 12.56
CA LEU B 321 2.71 -30.55 12.40
C LEU B 321 3.42 -31.40 13.45
N ASP B 322 4.59 -30.95 13.90
CA ASP B 322 5.33 -31.69 14.93
C ASP B 322 4.60 -31.65 16.27
N ALA B 323 4.06 -30.48 16.62
CA ALA B 323 3.26 -30.35 17.83
C ALA B 323 2.10 -31.34 17.83
N LEU B 324 1.43 -31.48 16.69
CA LEU B 324 0.31 -32.42 16.61
C LEU B 324 0.78 -33.86 16.72
N GLY B 325 1.88 -34.19 16.05
CA GLY B 325 2.35 -35.57 16.07
C GLY B 325 2.82 -36.00 17.44
N LYS B 326 3.29 -35.05 18.24
CA LYS B 326 3.73 -35.33 19.60
C LYS B 326 2.62 -35.84 20.50
N HIS B 327 1.35 -35.69 20.08
CA HIS B 327 0.21 -36.19 20.85
C HIS B 327 -0.70 -36.96 19.93
N PRO B 328 -0.42 -38.25 19.73
CA PRO B 328 -1.27 -39.08 18.86
C PRO B 328 -2.76 -39.00 19.15
N ASP B 329 -3.17 -38.88 20.42
CA ASP B 329 -4.59 -38.72 20.73
C ASP B 329 -5.21 -37.52 20.01
N VAL B 330 -4.49 -36.39 19.97
CA VAL B 330 -5.01 -35.23 19.27
C VAL B 330 -4.85 -35.40 17.76
N TRP B 331 -3.69 -35.86 17.31
CA TRP B 331 -3.45 -36.00 15.88
C TRP B 331 -4.53 -36.83 15.21
N ARG B 332 -4.94 -37.95 15.84
CA ARG B 332 -5.84 -38.88 15.19
C ARG B 332 -7.23 -38.31 14.96
N HIS B 333 -7.55 -37.15 15.53
CA HIS B 333 -8.84 -36.53 15.30
C HIS B 333 -8.72 -35.11 14.75
N THR B 334 -7.61 -34.81 14.06
CA THR B 334 -7.33 -33.47 13.58
C THR B 334 -7.14 -33.45 12.06
N ALA B 335 -7.79 -32.49 11.40
CA ALA B 335 -7.57 -32.17 10.00
C ALA B 335 -6.88 -30.81 9.89
N VAL B 336 -5.74 -30.77 9.19
CA VAL B 336 -4.97 -29.54 8.95
C VAL B 336 -5.09 -29.13 7.48
N PHE B 337 -5.56 -27.91 7.23
CA PHE B 337 -5.64 -27.35 5.88
C PHE B 337 -4.51 -26.32 5.72
N ILE B 338 -3.58 -26.59 4.81
CA ILE B 338 -2.49 -25.67 4.51
C ILE B 338 -2.71 -25.12 3.12
N ASN B 339 -2.91 -23.81 3.02
CA ASN B 339 -3.18 -23.18 1.73
C ASN B 339 -2.55 -21.79 1.70
N TYR B 340 -2.81 -21.06 0.60
CA TYR B 340 -2.29 -19.73 0.34
C TYR B 340 -3.43 -18.79 0.04
N ASP B 341 -3.26 -17.52 0.38
CA ASP B 341 -4.36 -16.58 0.22
C ASP B 341 -4.56 -16.23 -1.25
N GLU B 342 -3.48 -16.13 -2.00
CA GLU B 342 -3.53 -15.72 -3.41
C GLU B 342 -2.20 -16.12 -4.02
N ASN B 343 -2.10 -15.94 -5.32
CA ASN B 343 -0.94 -16.31 -6.11
C ASN B 343 0.09 -15.18 -6.26
N ASP B 344 -0.07 -14.06 -5.56
CA ASP B 344 0.78 -12.86 -5.74
C ASP B 344 0.61 -12.45 -7.20
N GLY B 345 1.68 -12.14 -7.92
CA GLY B 345 1.56 -11.98 -9.36
C GLY B 345 2.24 -13.10 -10.10
N PHE B 346 2.39 -14.25 -9.45
CA PHE B 346 3.09 -15.36 -10.07
C PHE B 346 2.15 -16.08 -11.03
N PHE B 347 2.69 -16.44 -12.19
CA PHE B 347 1.92 -17.12 -13.23
C PHE B 347 1.40 -18.48 -12.75
N ASP B 348 0.18 -18.82 -13.18
CA ASP B 348 -0.33 -20.19 -13.17
C ASP B 348 -1.09 -20.44 -14.46
N HIS B 349 -0.91 -21.62 -15.05
CA HIS B 349 -1.37 -21.87 -16.42
C HIS B 349 -2.85 -22.20 -16.55
N VAL B 350 -3.57 -22.42 -15.45
CA VAL B 350 -4.94 -22.91 -15.50
C VAL B 350 -5.87 -21.70 -15.46
N PRO B 351 -6.63 -21.42 -16.52
CA PRO B 351 -7.60 -20.33 -16.46
C PRO B 351 -8.67 -20.68 -15.44
N PRO B 352 -8.95 -19.78 -14.51
CA PRO B 352 -9.89 -20.13 -13.43
C PRO B 352 -11.31 -20.23 -13.96
N PRO B 353 -12.15 -21.05 -13.31
CA PRO B 353 -13.59 -20.97 -13.54
C PRO B 353 -14.09 -19.60 -13.08
N VAL B 354 -14.69 -18.86 -14.00
CA VAL B 354 -15.12 -17.52 -13.66
C VAL B 354 -16.63 -17.40 -13.83
N ALA B 355 -17.22 -16.53 -13.03
CA ALA B 355 -18.63 -16.22 -13.19
C ALA B 355 -18.84 -15.47 -14.50
N SER B 356 -19.82 -15.90 -15.28
CA SER B 356 -20.11 -15.21 -16.53
C SER B 356 -20.85 -13.90 -16.23
N PRO B 357 -20.84 -12.95 -17.18
CA PRO B 357 -21.50 -11.65 -16.94
C PRO B 357 -22.96 -11.71 -16.47
N GLU B 358 -23.67 -12.80 -16.75
CA GLU B 358 -25.02 -12.98 -16.22
C GLU B 358 -25.02 -13.02 -14.69
N VAL B 359 -23.99 -13.62 -14.11
CA VAL B 359 -23.88 -13.72 -12.65
C VAL B 359 -23.43 -12.38 -12.10
N THR B 360 -24.34 -11.40 -12.06
CA THR B 360 -23.94 -10.05 -11.70
C THR B 360 -23.48 -9.93 -10.25
N GLU B 361 -23.83 -10.90 -9.40
CA GLU B 361 -23.32 -10.85 -8.03
C GLU B 361 -21.81 -11.11 -7.97
N GLU B 362 -21.23 -11.72 -8.99
CA GLU B 362 -19.79 -11.98 -9.02
C GLU B 362 -19.12 -11.23 -10.16
N GLN B 363 -19.59 -10.01 -10.39
CA GLN B 363 -19.01 -9.12 -11.36
C GLN B 363 -18.76 -7.77 -10.70
N TRP B 364 -17.69 -7.11 -11.10
CA TRP B 364 -17.38 -5.76 -10.66
C TRP B 364 -16.56 -5.10 -11.76
N GLU B 365 -17.02 -3.94 -12.25
CA GLU B 365 -16.32 -3.21 -13.31
C GLU B 365 -16.06 -4.10 -14.53
N GLY B 366 -17.01 -4.97 -14.84
CA GLY B 366 -16.88 -5.84 -16.00
C GLY B 366 -15.95 -7.02 -15.84
N LYS B 367 -15.45 -7.28 -14.64
CA LYS B 367 -14.56 -8.40 -14.45
C LYS B 367 -15.13 -9.34 -13.40
N PRO B 368 -14.85 -10.64 -13.49
CA PRO B 368 -15.35 -11.57 -12.47
C PRO B 368 -14.62 -11.38 -11.16
N THR B 369 -15.38 -11.42 -10.06
CA THR B 369 -14.84 -11.44 -8.71
C THR B 369 -14.69 -12.86 -8.18
N GLY B 370 -14.73 -13.84 -9.09
CA GLY B 370 -15.04 -15.20 -8.74
C GLY B 370 -14.10 -16.24 -9.31
N LEU B 371 -13.36 -16.83 -8.37
CA LEU B 371 -12.24 -17.75 -8.48
C LEU B 371 -11.06 -17.02 -9.12
N GLY B 372 -10.05 -16.76 -8.28
CA GLY B 372 -8.76 -16.32 -8.75
C GLY B 372 -7.93 -17.49 -9.21
N MET B 373 -6.61 -17.26 -9.30
CA MET B 373 -5.63 -18.23 -9.74
C MET B 373 -5.49 -19.38 -8.74
N ARG B 374 -5.07 -20.54 -9.24
CA ARG B 374 -4.81 -21.66 -8.35
C ARG B 374 -3.68 -21.33 -7.38
N VAL B 375 -3.80 -21.83 -6.15
CA VAL B 375 -2.73 -21.81 -5.15
C VAL B 375 -2.58 -23.22 -4.61
N PRO B 376 -1.43 -23.55 -4.03
CA PRO B 376 -1.28 -24.87 -3.41
C PRO B 376 -2.23 -25.06 -2.25
N MET B 377 -2.82 -26.25 -2.15
CA MET B 377 -3.58 -26.60 -0.94
C MET B 377 -3.22 -28.03 -0.59
N LEU B 378 -2.84 -28.25 0.66
CA LEU B 378 -2.43 -29.54 1.19
C LEU B 378 -3.34 -29.87 2.35
N VAL B 379 -3.84 -31.11 2.38
CA VAL B 379 -4.75 -31.57 3.43
C VAL B 379 -4.03 -32.66 4.22
N VAL B 380 -3.74 -32.37 5.48
CA VAL B 380 -2.83 -33.17 6.29
C VAL B 380 -3.66 -33.73 7.44
N SER B 381 -3.79 -35.06 7.50
CA SER B 381 -4.71 -35.69 8.45
C SER B 381 -4.56 -37.21 8.40
N PRO B 382 -5.12 -37.95 9.38
CA PRO B 382 -5.12 -39.41 9.28
C PRO B 382 -5.80 -39.95 8.05
N TRP B 383 -6.75 -39.19 7.46
CA TRP B 383 -7.60 -39.69 6.37
C TRP B 383 -7.16 -39.21 4.99
N THR B 384 -6.03 -38.50 4.89
CA THR B 384 -5.55 -38.02 3.60
C THR B 384 -4.16 -38.54 3.29
N ILE B 385 -3.69 -39.59 3.98
CA ILE B 385 -2.35 -40.10 3.77
C ILE B 385 -2.32 -40.95 2.50
N GLY B 386 -1.19 -40.91 1.79
CA GLY B 386 -1.02 -41.76 0.62
C GLY B 386 -0.61 -41.05 -0.67
N GLY B 387 -0.38 -39.74 -0.61
CA GLY B 387 -0.01 -39.01 -1.80
C GLY B 387 -1.12 -38.91 -2.84
N TYR B 388 -2.35 -38.60 -2.43
CA TYR B 388 -3.41 -38.49 -3.42
C TYR B 388 -3.40 -37.09 -4.04
N VAL B 389 -3.99 -36.98 -5.22
CA VAL B 389 -4.40 -35.71 -5.80
C VAL B 389 -5.91 -35.67 -5.80
N CYS B 390 -6.47 -34.55 -5.35
CA CYS B 390 -7.89 -34.25 -5.47
C CYS B 390 -8.04 -33.11 -6.47
N SER B 391 -8.82 -33.35 -7.54
CA SER B 391 -9.00 -32.34 -8.59
C SER B 391 -10.42 -31.76 -8.63
N GLU B 392 -11.17 -31.83 -7.52
CA GLU B 392 -12.44 -31.12 -7.47
C GLU B 392 -12.20 -29.63 -7.28
N VAL B 393 -13.02 -28.81 -7.95
CA VAL B 393 -12.82 -27.37 -7.91
C VAL B 393 -13.21 -26.84 -6.54
N PHE B 394 -12.29 -26.12 -5.90
CA PHE B 394 -12.50 -25.53 -4.58
C PHE B 394 -12.06 -24.07 -4.61
N ASP B 395 -12.49 -23.30 -3.61
CA ASP B 395 -11.86 -22.02 -3.30
C ASP B 395 -11.83 -21.87 -1.78
N HIS B 396 -11.48 -20.66 -1.30
CA HIS B 396 -11.38 -20.47 0.14
C HIS B 396 -12.70 -20.73 0.83
N THR B 397 -13.83 -20.41 0.20
CA THR B 397 -15.11 -20.71 0.84
C THR B 397 -15.35 -22.21 0.97
N SER B 398 -14.61 -23.04 0.23
CA SER B 398 -14.74 -24.49 0.41
C SER B 398 -14.26 -24.95 1.78
N VAL B 399 -13.34 -24.20 2.40
CA VAL B 399 -12.96 -24.50 3.79
C VAL B 399 -14.11 -24.17 4.73
N VAL B 400 -14.75 -23.01 4.53
CA VAL B 400 -15.95 -22.68 5.30
C VAL B 400 -17.03 -23.75 5.12
N ARG B 401 -17.18 -24.25 3.89
CA ARG B 401 -18.23 -25.25 3.65
C ARG B 401 -17.91 -26.57 4.33
N PHE B 402 -16.63 -26.91 4.42
CA PHE B 402 -16.23 -28.06 5.23
C PHE B 402 -16.67 -27.87 6.69
N LEU B 403 -16.42 -26.68 7.25
CA LEU B 403 -16.87 -26.36 8.60
C LEU B 403 -18.39 -26.45 8.73
N GLU B 404 -19.13 -25.92 7.75
CA GLU B 404 -20.58 -26.12 7.70
C GLU B 404 -20.95 -27.60 7.85
N ARG B 405 -20.40 -28.43 6.96
CA ARG B 405 -20.77 -29.84 6.96
C ARG B 405 -20.33 -30.55 8.23
N TRP B 406 -19.37 -29.99 8.96
CA TRP B 406 -18.85 -30.61 10.17
C TRP B 406 -19.53 -30.11 11.43
N THR B 407 -19.75 -28.79 11.54
CA THR B 407 -20.36 -28.20 12.72
C THR B 407 -21.87 -28.02 12.61
N GLY B 408 -22.42 -27.99 11.39
CA GLY B 408 -23.80 -27.61 11.20
C GLY B 408 -24.08 -26.12 11.29
N VAL B 409 -23.07 -25.29 11.51
CA VAL B 409 -23.24 -23.85 11.50
C VAL B 409 -23.11 -23.37 10.05
N ALA B 410 -24.19 -22.84 9.50
CA ALA B 410 -24.18 -22.42 8.10
C ALA B 410 -23.59 -21.03 7.96
N GLU B 411 -23.03 -20.77 6.78
CA GLU B 411 -22.49 -19.46 6.43
C GLU B 411 -23.29 -18.91 5.25
N PRO B 412 -24.33 -18.13 5.50
CA PRO B 412 -25.17 -17.62 4.40
C PRO B 412 -24.48 -16.60 3.53
N ASN B 413 -23.31 -16.09 3.89
CA ASN B 413 -22.62 -15.12 3.05
C ASN B 413 -22.15 -15.71 1.73
N ILE B 414 -21.92 -17.03 1.65
CA ILE B 414 -21.43 -17.62 0.42
C ILE B 414 -22.47 -17.44 -0.68
N SER B 415 -22.05 -16.92 -1.83
CA SER B 415 -23.00 -16.68 -2.90
C SER B 415 -23.45 -18.00 -3.54
N ASP B 416 -24.62 -17.94 -4.20
CA ASP B 416 -25.18 -19.13 -4.86
C ASP B 416 -24.22 -19.67 -5.92
N TRP B 417 -23.63 -18.79 -6.73
CA TRP B 417 -22.68 -19.24 -7.75
C TRP B 417 -21.50 -19.96 -7.13
N ARG B 418 -20.93 -19.41 -6.05
CA ARG B 418 -19.78 -20.06 -5.41
C ARG B 418 -20.16 -21.43 -4.86
N ARG B 419 -21.34 -21.53 -4.22
CA ARG B 419 -21.82 -22.84 -3.76
C ARG B 419 -21.97 -23.81 -4.92
N THR B 420 -22.39 -23.31 -6.09
CA THR B 420 -22.58 -24.17 -7.25
C THR B 420 -21.27 -24.66 -7.82
N VAL B 421 -20.28 -23.77 -7.96
CA VAL B 421 -19.09 -24.11 -8.73
C VAL B 421 -17.98 -24.74 -7.89
N THR B 422 -17.97 -24.53 -6.58
CA THR B 422 -16.95 -25.13 -5.73
C THR B 422 -17.56 -26.14 -4.76
N GLY B 423 -16.72 -27.07 -4.30
CA GLY B 423 -17.13 -28.12 -3.39
C GLY B 423 -16.87 -27.78 -1.93
N ASP B 424 -16.98 -28.81 -1.09
CA ASP B 424 -16.88 -28.64 0.36
C ASP B 424 -15.67 -29.36 0.96
N LEU B 425 -14.73 -29.81 0.12
CA LEU B 425 -13.45 -30.38 0.52
C LEU B 425 -13.54 -31.75 1.20
N THR B 426 -14.75 -32.27 1.46
CA THR B 426 -14.82 -33.66 1.92
C THR B 426 -14.28 -34.64 0.89
N SER B 427 -14.29 -34.27 -0.39
CA SER B 427 -13.77 -35.14 -1.42
C SER B 427 -12.27 -35.40 -1.29
N ALA B 428 -11.52 -34.52 -0.61
CA ALA B 428 -10.09 -34.76 -0.45
C ALA B 428 -9.80 -35.87 0.55
N PHE B 429 -10.76 -36.24 1.40
CA PHE B 429 -10.55 -37.19 2.48
C PHE B 429 -11.06 -38.59 2.10
N ASP B 430 -10.47 -39.60 2.71
CA ASP B 430 -10.97 -40.97 2.69
C ASP B 430 -11.19 -41.36 4.15
N PHE B 431 -12.39 -41.09 4.65
CA PHE B 431 -12.69 -41.31 6.06
C PHE B 431 -12.86 -42.78 6.43
N SER B 432 -12.90 -43.67 5.45
CA SER B 432 -13.09 -45.09 5.73
C SER B 432 -11.84 -45.78 6.24
N HIS B 433 -10.64 -45.21 6.02
CA HIS B 433 -9.38 -45.92 6.26
C HIS B 433 -8.32 -44.95 6.80
N ALA B 434 -8.35 -44.75 8.13
CA ALA B 434 -7.29 -43.98 8.79
C ALA B 434 -5.98 -44.74 8.78
N ARG B 435 -4.87 -44.02 8.65
CA ARG B 435 -3.55 -44.62 8.56
C ARG B 435 -2.61 -43.94 9.55
N ARG B 436 -1.49 -44.61 9.83
CA ARG B 436 -0.59 -44.11 10.86
C ARG B 436 0.19 -42.87 10.40
N ARG B 437 0.48 -42.02 11.36
CA ARG B 437 1.23 -40.78 11.21
C ARG B 437 2.58 -41.04 10.56
N PRO B 438 2.78 -40.58 9.33
CA PRO B 438 4.12 -40.66 8.72
C PRO B 438 5.03 -39.57 9.22
N GLU B 439 6.33 -39.80 9.09
CA GLU B 439 7.34 -38.84 9.49
C GLU B 439 7.79 -38.04 8.27
N VAL B 440 8.14 -36.79 8.50
CA VAL B 440 8.52 -35.90 7.42
C VAL B 440 9.83 -35.23 7.82
N GLU B 441 10.67 -34.94 6.83
CA GLU B 441 12.00 -34.41 7.09
C GLU B 441 11.92 -32.98 7.61
N GLN B 442 12.71 -32.70 8.67
CA GLN B 442 12.79 -31.36 9.24
C GLN B 442 13.54 -30.42 8.30
N PRO B 443 13.04 -29.21 8.06
CA PRO B 443 13.76 -28.27 7.20
C PRO B 443 15.14 -27.91 7.77
N GLY B 444 16.09 -27.65 6.87
CA GLY B 444 17.42 -27.22 7.26
C GLY B 444 17.48 -25.75 7.65
N ALA B 445 18.71 -25.24 7.67
CA ALA B 445 18.97 -23.91 8.22
C ALA B 445 18.53 -22.82 7.25
N ILE B 446 18.03 -21.73 7.82
CA ILE B 446 17.59 -20.54 7.09
C ILE B 446 18.83 -19.74 6.70
N PRO B 447 19.04 -19.45 5.42
CA PRO B 447 20.23 -18.70 5.03
C PRO B 447 20.16 -17.27 5.50
N PRO B 448 21.30 -16.60 5.69
CA PRO B 448 21.29 -15.18 6.06
C PRO B 448 20.67 -14.34 4.95
N PHE B 449 19.87 -13.37 5.34
CA PHE B 449 19.16 -12.54 4.37
C PHE B 449 20.15 -11.70 3.57
N SER B 450 20.07 -11.78 2.24
CA SER B 450 20.99 -11.06 1.36
C SER B 450 20.27 -10.12 0.38
N GLY B 451 19.03 -9.73 0.68
CA GLY B 451 18.33 -8.76 -0.17
C GLY B 451 17.31 -9.33 -1.14
N ARG B 452 16.18 -8.63 -1.30
CA ARG B 452 15.19 -8.99 -2.31
C ARG B 452 15.71 -8.71 -3.72
N TRP B 453 15.22 -9.49 -4.69
CA TRP B 453 15.68 -9.40 -6.07
C TRP B 453 14.60 -9.94 -6.99
N SER B 454 14.74 -9.65 -8.28
CA SER B 454 13.75 -10.04 -9.29
C SER B 454 14.38 -11.00 -10.29
N PRO B 455 13.94 -12.26 -10.30
CA PRO B 455 14.50 -13.23 -11.26
C PRO B 455 14.20 -12.83 -12.69
N LYS B 456 15.21 -13.00 -13.56
CA LYS B 456 15.10 -12.71 -14.99
C LYS B 456 15.20 -14.01 -15.81
N PRO B 457 14.40 -14.14 -16.87
CA PRO B 457 14.42 -15.37 -17.65
C PRO B 457 15.76 -15.58 -18.30
N PRO B 458 16.17 -16.84 -18.49
CA PRO B 458 17.47 -17.10 -19.12
C PRO B 458 17.47 -16.73 -20.60
N ALA B 459 18.68 -16.55 -21.13
CA ALA B 459 18.82 -16.22 -22.55
C ALA B 459 18.36 -17.39 -23.41
N VAL B 460 18.71 -18.61 -23.03
CA VAL B 460 18.24 -19.81 -23.71
C VAL B 460 17.08 -20.36 -22.88
N GLN B 461 15.89 -20.41 -23.47
CA GLN B 461 14.71 -20.84 -22.74
C GLN B 461 14.44 -22.32 -22.98
N HIS B 462 13.93 -22.97 -21.94
CA HIS B 462 13.58 -24.38 -21.97
C HIS B 462 12.26 -24.56 -21.24
N MET B 463 11.39 -25.29 -21.85
CA MET B 463 10.14 -25.64 -21.22
C MET B 463 10.48 -26.60 -20.06
N PRO B 464 9.95 -26.40 -18.83
CA PRO B 464 10.30 -27.32 -17.73
C PRO B 464 9.68 -28.68 -17.96
N VAL B 465 10.28 -29.70 -17.36
CA VAL B 465 9.72 -31.05 -17.40
C VAL B 465 9.16 -31.39 -16.02
N GLN B 466 7.90 -31.78 -16.00
CA GLN B 466 7.25 -32.24 -14.78
C GLN B 466 7.79 -33.61 -14.40
N GLU B 467 7.88 -33.87 -13.10
CA GLU B 467 8.30 -35.18 -12.63
C GLU B 467 7.40 -36.25 -13.23
N PRO B 468 7.96 -37.37 -13.68
CA PRO B 468 7.14 -38.39 -14.33
C PRO B 468 6.43 -39.28 -13.31
N GLY B 469 5.28 -39.78 -13.74
CA GLY B 469 4.46 -40.70 -12.94
C GLY B 469 3.04 -40.19 -12.80
N ALA B 470 2.20 -41.07 -12.28
CA ALA B 470 0.84 -40.71 -11.92
C ALA B 470 0.66 -40.88 -10.42
N ARG B 471 -0.39 -40.27 -9.88
CA ARG B 471 -0.74 -40.36 -8.48
C ARG B 471 -2.11 -41.02 -8.36
N PRO B 472 -2.41 -41.63 -7.22
CA PRO B 472 -3.80 -41.96 -6.91
C PRO B 472 -4.64 -40.69 -6.84
N ALA B 473 -5.88 -40.78 -7.33
CA ALA B 473 -6.74 -39.61 -7.42
C ALA B 473 -8.08 -39.88 -6.74
N ARG B 474 -8.59 -38.88 -6.05
CA ARG B 474 -9.92 -38.99 -5.47
C ARG B 474 -11.01 -39.06 -6.54
N ALA B 475 -12.10 -39.75 -6.22
CA ALA B 475 -13.25 -39.78 -7.10
C ALA B 475 -13.90 -38.40 -7.14
N LEU B 476 -14.34 -37.97 -8.33
CA LEU B 476 -14.85 -36.62 -8.50
C LEU B 476 -16.35 -36.63 -8.82
N PRO B 477 -17.08 -35.56 -8.50
CA PRO B 477 -18.53 -35.57 -8.68
C PRO B 477 -18.99 -34.98 -10.02
N TYR B 478 -18.22 -35.23 -11.07
CA TYR B 478 -18.50 -34.74 -12.41
C TYR B 478 -18.57 -35.90 -13.39
N GLN B 479 -19.26 -35.66 -14.50
CA GLN B 479 -19.26 -36.58 -15.65
C GLN B 479 -19.62 -35.78 -16.88
N PRO B 480 -18.68 -35.02 -17.42
CA PRO B 480 -18.99 -34.09 -18.51
C PRO B 480 -18.93 -34.74 -19.88
N ASP B 481 -19.68 -34.16 -20.81
CA ASP B 481 -19.51 -34.44 -22.23
C ASP B 481 -19.98 -33.24 -23.04
N ALA B 482 -19.52 -33.18 -24.29
CA ALA B 482 -19.85 -32.11 -25.21
C ALA B 482 -19.74 -32.64 -26.63
N GLN B 483 -20.73 -32.35 -27.46
CA GLN B 483 -20.70 -32.74 -28.87
C GLN B 483 -21.31 -31.62 -29.69
N ALA B 484 -21.02 -31.64 -30.99
CA ALA B 484 -21.37 -30.54 -31.88
C ALA B 484 -22.16 -31.06 -33.07
N THR B 485 -23.00 -30.16 -33.60
CA THR B 485 -23.70 -30.36 -34.86
C THR B 485 -23.51 -29.08 -35.67
N VAL B 486 -23.00 -29.20 -36.89
CA VAL B 486 -22.84 -28.04 -37.75
C VAL B 486 -24.19 -27.67 -38.33
N GLU B 487 -24.53 -26.39 -38.23
CA GLU B 487 -25.75 -25.84 -38.81
C GLU B 487 -25.37 -24.67 -39.69
N ASP B 488 -26.36 -24.08 -40.33
CA ASP B 488 -26.11 -22.99 -41.27
C ASP B 488 -25.78 -21.73 -40.47
N GLY B 489 -24.54 -21.28 -40.55
CA GLY B 489 -24.11 -20.09 -39.83
C GLY B 489 -23.84 -20.27 -38.35
N ALA B 490 -23.84 -21.50 -37.85
CA ALA B 490 -23.54 -21.72 -36.44
C ALA B 490 -23.21 -23.19 -36.22
N VAL B 491 -22.34 -23.43 -35.23
CA VAL B 491 -22.12 -24.76 -34.68
C VAL B 491 -22.81 -24.82 -33.33
N ARG B 492 -23.64 -25.83 -33.15
CA ARG B 492 -24.40 -26.01 -31.93
C ARG B 492 -23.68 -27.02 -31.06
N VAL B 493 -23.40 -26.64 -29.81
CA VAL B 493 -22.61 -27.46 -28.88
C VAL B 493 -23.52 -27.88 -27.74
N ASP B 494 -23.76 -29.18 -27.62
CA ASP B 494 -24.60 -29.73 -26.57
C ASP B 494 -23.70 -30.19 -25.42
N LEU B 495 -23.77 -29.49 -24.30
CA LEU B 495 -23.02 -29.82 -23.09
C LEU B 495 -23.87 -30.67 -22.18
N SER B 496 -23.23 -31.62 -21.51
CA SER B 496 -23.95 -32.40 -20.52
C SER B 496 -23.03 -32.76 -19.35
N ASN B 497 -23.62 -32.86 -18.18
CA ASN B 497 -22.91 -33.32 -16.99
C ASN B 497 -23.91 -34.08 -16.14
N THR B 498 -23.67 -35.37 -15.96
CA THR B 498 -24.55 -36.24 -15.19
C THR B 498 -24.04 -36.48 -13.77
N GLY B 499 -23.07 -35.69 -13.30
CA GLY B 499 -22.58 -35.82 -11.94
C GLY B 499 -23.43 -35.05 -10.94
N ARG B 500 -23.17 -35.30 -9.67
CA ARG B 500 -23.94 -34.63 -8.62
C ARG B 500 -23.51 -33.19 -8.39
N SER B 501 -22.39 -32.75 -8.94
CA SER B 501 -21.97 -31.36 -8.78
C SER B 501 -21.88 -30.68 -10.14
N SER B 502 -22.20 -29.40 -10.15
CA SER B 502 -22.06 -28.61 -11.36
C SER B 502 -20.62 -28.65 -11.85
N ALA B 503 -20.46 -28.77 -13.16
CA ALA B 503 -19.17 -28.80 -13.83
C ALA B 503 -19.00 -27.53 -14.65
N HIS B 504 -17.79 -26.98 -14.67
CA HIS B 504 -17.51 -25.71 -15.35
C HIS B 504 -16.92 -25.97 -16.72
N PHE B 505 -17.54 -25.38 -17.74
CA PHE B 505 -17.09 -25.51 -19.12
C PHE B 505 -16.62 -24.16 -19.65
N ALA B 506 -15.54 -24.18 -20.42
CA ALA B 506 -15.07 -22.97 -21.07
C ALA B 506 -14.83 -23.25 -22.55
N LEU B 507 -15.13 -22.27 -23.39
CA LEU B 507 -15.01 -22.41 -24.84
C LEU B 507 -13.99 -21.39 -25.32
N TYR B 508 -12.97 -21.86 -26.02
CA TYR B 508 -11.94 -20.97 -26.51
C TYR B 508 -12.06 -20.86 -28.02
N PRO B 509 -12.34 -19.67 -28.54
CA PRO B 509 -12.52 -19.51 -30.00
C PRO B 509 -11.22 -19.19 -30.71
N TYR B 510 -10.92 -19.92 -31.77
CA TYR B 510 -9.72 -19.67 -32.56
C TYR B 510 -10.03 -19.28 -33.99
N ALA B 511 -11.27 -18.91 -34.29
CA ALA B 511 -11.66 -18.52 -35.64
C ALA B 511 -12.65 -17.37 -35.62
N GLY B 512 -12.60 -16.54 -34.58
CA GLY B 512 -13.44 -15.37 -34.53
C GLY B 512 -14.85 -15.62 -34.03
N GLU B 513 -15.14 -16.81 -33.53
CA GLU B 513 -16.50 -17.14 -33.12
C GLU B 513 -16.99 -16.18 -32.03
N PHE B 514 -16.13 -15.87 -31.07
CA PHE B 514 -16.37 -14.89 -30.01
C PHE B 514 -15.08 -14.11 -29.83
N PRO B 515 -15.15 -12.90 -29.25
CA PRO B 515 -13.92 -12.14 -29.02
C PRO B 515 -13.10 -12.64 -27.82
N VAL B 516 -13.73 -13.30 -26.84
CA VAL B 516 -13.05 -13.82 -25.65
C VAL B 516 -13.61 -15.20 -25.32
N PRO B 517 -12.96 -15.97 -24.44
CA PRO B 517 -13.51 -17.28 -24.09
C PRO B 517 -14.84 -17.14 -23.36
N GLN B 518 -15.67 -18.18 -23.47
CA GLN B 518 -17.00 -18.22 -22.86
C GLN B 518 -17.02 -19.28 -21.75
N HIS B 519 -17.82 -19.02 -20.72
CA HIS B 519 -17.80 -19.83 -19.52
C HIS B 519 -19.22 -20.19 -19.11
N ARG B 520 -19.42 -21.47 -18.78
CA ARG B 520 -20.73 -22.00 -18.44
C ARG B 520 -20.62 -22.96 -17.25
N ASP B 521 -21.61 -22.90 -16.37
CA ASP B 521 -21.77 -23.90 -15.33
C ASP B 521 -22.97 -24.77 -15.66
N VAL B 522 -22.78 -26.08 -15.58
CA VAL B 522 -23.71 -27.05 -16.15
C VAL B 522 -23.89 -28.21 -15.17
N LYS B 523 -25.12 -28.36 -14.67
CA LYS B 523 -25.57 -29.63 -14.10
C LYS B 523 -26.78 -30.10 -14.89
N GLY B 524 -26.64 -31.23 -15.59
CA GLY B 524 -27.67 -31.66 -16.51
C GLY B 524 -27.26 -31.40 -17.95
N THR B 525 -28.03 -30.60 -18.66
CA THR B 525 -27.71 -30.31 -20.05
C THR B 525 -27.79 -28.82 -20.29
N ALA B 526 -27.05 -28.37 -21.29
CA ALA B 526 -27.02 -26.98 -21.69
C ALA B 526 -26.46 -26.95 -23.11
N ARG B 527 -26.60 -25.80 -23.75
CA ARG B 527 -26.24 -25.72 -25.16
C ARG B 527 -25.64 -24.35 -25.47
N TRP B 528 -24.53 -24.36 -26.20
CA TRP B 528 -23.92 -23.16 -26.75
C TRP B 528 -24.28 -23.07 -28.23
N THR B 529 -24.48 -21.86 -28.72
CA THR B 529 -24.64 -21.61 -30.14
C THR B 529 -23.45 -20.80 -30.60
N VAL B 530 -22.57 -21.43 -31.38
CA VAL B 530 -21.29 -20.84 -31.76
C VAL B 530 -21.46 -20.24 -33.15
N PRO B 531 -21.50 -18.91 -33.30
CA PRO B 531 -21.69 -18.32 -34.63
C PRO B 531 -20.50 -18.61 -35.52
N VAL B 532 -20.80 -19.06 -36.73
CA VAL B 532 -19.81 -19.26 -37.78
C VAL B 532 -20.13 -18.27 -38.89
N THR B 533 -19.28 -17.26 -39.04
CA THR B 533 -19.45 -16.23 -40.05
C THR B 533 -18.61 -16.47 -41.31
N GLY B 534 -17.62 -17.34 -41.24
CA GLY B 534 -16.69 -17.51 -42.35
C GLY B 534 -16.74 -18.91 -42.94
N ALA B 535 -15.66 -19.33 -43.58
CA ALA B 535 -15.64 -20.62 -44.25
C ALA B 535 -15.38 -21.79 -43.30
N ALA B 536 -14.86 -21.52 -42.10
CA ALA B 536 -14.48 -22.61 -41.20
C ALA B 536 -14.61 -22.16 -39.76
N TYR B 537 -14.58 -23.14 -38.85
CA TYR B 537 -14.64 -22.90 -37.42
C TYR B 537 -13.53 -23.69 -36.72
N ARG B 538 -13.08 -23.18 -35.57
CA ARG B 538 -12.12 -23.92 -34.73
C ARG B 538 -12.22 -23.40 -33.30
N PHE B 539 -12.59 -24.29 -32.38
CA PHE B 539 -12.69 -23.88 -31.00
C PHE B 539 -12.50 -25.09 -30.11
N THR B 540 -12.10 -24.83 -28.85
CA THR B 540 -11.84 -25.87 -27.86
C THR B 540 -12.72 -25.63 -26.64
N VAL B 541 -13.32 -26.70 -26.12
CA VAL B 541 -14.07 -26.68 -24.87
C VAL B 541 -13.30 -27.49 -23.85
N THR B 542 -13.02 -26.88 -22.69
CA THR B 542 -12.40 -27.57 -21.57
C THR B 542 -13.44 -27.78 -20.47
N GLY B 543 -13.12 -28.75 -19.60
CA GLY B 543 -13.90 -29.01 -18.42
C GLY B 543 -13.02 -29.50 -17.28
N PRO B 544 -13.62 -29.82 -16.15
CA PRO B 544 -12.83 -30.27 -14.99
C PRO B 544 -12.01 -31.53 -15.28
N ASN B 545 -10.90 -31.65 -14.56
CA ASN B 545 -10.05 -32.85 -14.55
C ASN B 545 -9.70 -33.36 -15.94
N GLY B 546 -9.06 -32.49 -16.73
CA GLY B 546 -8.53 -32.92 -18.00
C GLY B 546 -9.54 -33.08 -19.12
N PHE B 547 -10.79 -32.65 -18.93
CA PHE B 547 -11.79 -32.79 -19.99
C PHE B 547 -11.52 -31.80 -21.12
N ARG B 548 -11.50 -32.32 -22.36
CA ARG B 548 -11.27 -31.49 -23.53
C ARG B 548 -12.15 -31.97 -24.69
N ARG B 549 -12.65 -31.01 -25.49
CA ARG B 549 -13.32 -31.31 -26.74
C ARG B 549 -12.89 -30.26 -27.75
N GLU B 550 -12.16 -30.68 -28.78
CA GLU B 550 -11.74 -29.79 -29.85
C GLU B 550 -12.67 -29.99 -31.04
N PHE B 551 -13.14 -28.88 -31.60
CA PHE B 551 -14.00 -28.87 -32.78
C PHE B 551 -13.36 -28.01 -33.84
N ALA B 552 -13.15 -28.57 -35.03
CA ALA B 552 -12.69 -27.80 -36.17
C ALA B 552 -13.29 -28.40 -37.43
N GLY B 553 -13.53 -27.56 -38.44
CA GLY B 553 -14.03 -28.02 -39.71
C GLY B 553 -14.51 -26.92 -40.63
N PRO B 554 -14.94 -27.29 -41.84
CA PRO B 554 -15.48 -26.30 -42.77
C PRO B 554 -16.92 -25.94 -42.43
N ALA B 555 -17.28 -24.71 -42.77
CA ALA B 555 -18.63 -24.23 -42.50
C ALA B 555 -19.67 -24.95 -43.36
N LYS B 556 -19.38 -25.11 -44.65
CA LYS B 556 -20.28 -25.78 -45.57
C LYS B 556 -19.50 -26.16 -46.82
N ASP B 557 -20.03 -27.13 -47.56
CA ASP B 557 -19.58 -27.46 -48.92
C ASP B 557 -18.07 -27.73 -48.99
N GLY B 558 -17.58 -28.61 -48.12
CA GLY B 558 -16.23 -29.11 -48.22
C GLY B 558 -16.22 -30.62 -48.04
N ALA B 559 -15.02 -31.19 -48.08
CA ALA B 559 -14.83 -32.64 -48.14
C ALA B 559 -15.41 -33.40 -46.95
N SER B 560 -16.07 -32.69 -46.01
CA SER B 560 -16.55 -33.33 -44.79
C SER B 560 -17.76 -32.61 -44.17
N ALA B 561 -18.59 -31.93 -44.99
CA ALA B 561 -19.78 -31.23 -44.48
C ALA B 561 -20.63 -32.12 -43.59
N GLY B 562 -20.88 -33.33 -44.04
CA GLY B 562 -21.71 -34.28 -43.36
C GLY B 562 -21.04 -35.04 -42.27
N ALA B 563 -19.74 -34.83 -42.06
CA ALA B 563 -19.05 -35.50 -40.95
C ALA B 563 -19.63 -35.02 -39.64
N GLU B 564 -20.12 -35.95 -38.83
CA GLU B 564 -20.71 -35.60 -37.55
C GLU B 564 -20.32 -36.68 -36.55
N VAL B 565 -19.93 -36.26 -35.35
CA VAL B 565 -19.52 -37.18 -34.29
C VAL B 565 -20.43 -36.97 -33.09
N ALA B 566 -20.93 -38.07 -32.54
CA ALA B 566 -21.63 -38.06 -31.27
C ALA B 566 -20.91 -39.02 -30.33
N SER B 567 -21.13 -38.84 -29.03
CA SER B 567 -20.44 -39.66 -28.05
C SER B 567 -21.33 -39.88 -26.84
N ARG B 568 -21.14 -41.04 -26.21
CA ARG B 568 -21.87 -41.41 -25.01
C ARG B 568 -20.90 -42.13 -24.08
N VAL B 569 -20.77 -41.62 -22.86
CA VAL B 569 -19.91 -42.23 -21.85
C VAL B 569 -20.76 -43.16 -21.00
N ASP B 570 -20.30 -44.40 -20.80
CA ASP B 570 -20.91 -45.29 -19.83
C ASP B 570 -19.94 -45.57 -18.69
N ALA B 571 -20.35 -45.21 -17.47
CA ALA B 571 -19.45 -45.28 -16.32
C ALA B 571 -19.24 -46.70 -15.83
N ARG B 572 -20.18 -47.61 -16.06
CA ARG B 572 -20.02 -48.94 -15.48
C ARG B 572 -18.97 -49.76 -16.22
N GLU B 573 -18.84 -49.56 -17.52
CA GLU B 573 -17.79 -50.21 -18.29
C GLU B 573 -16.59 -49.30 -18.54
N ARG B 574 -16.69 -48.02 -18.18
CA ARG B 574 -15.74 -46.99 -18.59
C ARG B 574 -15.48 -47.09 -20.10
N ASP B 575 -16.58 -46.98 -20.83
CA ASP B 575 -16.59 -47.12 -22.27
C ASP B 575 -17.01 -45.81 -22.88
N LEU B 576 -16.37 -45.47 -23.99
CA LEU B 576 -16.75 -44.34 -24.82
C LEU B 576 -17.37 -44.90 -26.09
N HIS B 577 -18.67 -44.65 -26.28
CA HIS B 577 -19.38 -45.03 -27.50
C HIS B 577 -19.32 -43.88 -28.48
N LEU B 578 -18.60 -44.07 -29.58
CA LEU B 578 -18.47 -43.07 -30.63
C LEU B 578 -19.42 -43.40 -31.78
N THR B 579 -20.28 -42.45 -32.12
CA THR B 579 -21.16 -42.62 -33.26
C THR B 579 -20.73 -41.66 -34.36
N LEU B 580 -20.36 -42.23 -35.51
CA LEU B 580 -19.84 -41.48 -36.65
C LEU B 580 -20.91 -41.49 -37.74
N ARG B 581 -21.39 -40.32 -38.13
CA ARG B 581 -22.46 -40.29 -39.11
C ARG B 581 -22.15 -39.32 -40.24
N ASN B 582 -22.73 -39.64 -41.39
CA ASN B 582 -22.51 -38.96 -42.66
C ASN B 582 -23.86 -38.38 -43.07
N THR B 583 -24.02 -37.08 -42.88
CA THR B 583 -25.24 -36.40 -43.28
C THR B 583 -25.10 -35.71 -44.63
N GLY B 584 -23.99 -35.92 -45.32
CA GLY B 584 -23.74 -35.37 -46.63
C GLY B 584 -24.07 -36.37 -47.71
N ARG B 585 -23.46 -36.16 -48.88
CA ARG B 585 -23.78 -36.95 -50.06
C ARG B 585 -22.61 -37.75 -50.60
N THR B 586 -21.42 -37.60 -50.03
CA THR B 586 -20.24 -38.35 -50.43
C THR B 586 -19.93 -39.36 -49.34
N THR B 587 -19.27 -40.46 -49.70
CA THR B 587 -18.83 -41.41 -48.71
C THR B 587 -17.63 -40.85 -47.92
N LEU B 588 -17.64 -41.07 -46.61
CA LEU B 588 -16.57 -40.61 -45.73
C LEU B 588 -15.85 -41.79 -45.08
N THR B 589 -14.53 -41.69 -44.96
CA THR B 589 -13.74 -42.61 -44.17
C THR B 589 -13.27 -41.88 -42.92
N PHE B 590 -13.78 -42.29 -41.77
CA PHE B 590 -13.31 -41.76 -40.49
C PHE B 590 -12.11 -42.55 -40.01
N THR B 591 -11.21 -41.87 -39.30
CA THR B 591 -10.17 -42.54 -38.52
C THR B 591 -10.29 -42.08 -37.07
N VAL B 592 -10.33 -43.05 -36.17
CA VAL B 592 -10.35 -42.80 -34.73
C VAL B 592 -9.00 -43.25 -34.20
N ARG B 593 -8.19 -42.30 -33.72
CA ARG B 593 -6.82 -42.61 -33.30
C ARG B 593 -6.59 -42.16 -31.87
N PRO B 594 -6.09 -43.03 -31.01
CA PRO B 594 -5.71 -42.59 -29.67
C PRO B 594 -4.46 -41.71 -29.72
N LEU B 595 -4.53 -40.56 -29.05
CA LEU B 595 -3.36 -39.70 -28.91
C LEU B 595 -2.61 -39.97 -27.61
N GLY B 596 -3.22 -40.68 -26.67
CA GLY B 596 -2.56 -41.05 -25.43
C GLY B 596 -3.29 -42.21 -24.80
N TYR B 597 -2.72 -42.72 -23.71
CA TYR B 597 -3.29 -43.75 -22.86
C TYR B 597 -3.40 -45.10 -23.54
N VAL B 598 -2.73 -45.29 -24.67
CA VAL B 598 -2.62 -46.59 -25.32
C VAL B 598 -1.15 -46.89 -25.52
N ASP B 599 -0.73 -48.09 -25.14
CA ASP B 599 0.66 -48.49 -25.30
C ASP B 599 1.09 -48.33 -26.75
N GLU B 600 2.20 -47.60 -26.95
CA GLU B 600 2.66 -47.28 -28.30
C GLU B 600 2.74 -48.52 -29.17
N ALA B 601 3.10 -49.66 -28.60
CA ALA B 601 3.14 -50.89 -29.38
C ALA B 601 1.75 -51.32 -29.83
N ASP B 602 0.70 -50.93 -29.11
CA ASP B 602 -0.67 -51.36 -29.38
C ASP B 602 -1.48 -50.33 -30.15
N LEU B 603 -0.86 -49.25 -30.65
CA LEU B 603 -1.63 -48.15 -31.22
C LEU B 603 -2.51 -48.63 -32.34
N ARG B 604 -1.99 -49.53 -33.18
CA ARG B 604 -2.68 -49.99 -34.36
C ARG B 604 -3.92 -50.80 -34.07
N ASP B 605 -3.88 -51.63 -33.03
CA ASP B 605 -5.07 -52.40 -32.66
C ASP B 605 -6.17 -51.52 -32.10
N TRP B 606 -5.86 -50.32 -31.61
CA TRP B 606 -6.86 -49.42 -31.08
C TRP B 606 -7.14 -48.26 -32.01
N THR B 607 -6.60 -48.29 -33.22
CA THR B 607 -6.91 -47.31 -34.25
C THR B 607 -7.95 -47.90 -35.18
N ARG B 608 -9.07 -47.19 -35.35
CA ARG B 608 -10.20 -47.65 -36.16
C ARG B 608 -10.32 -46.79 -37.41
N THR B 609 -10.36 -47.44 -38.56
CA THR B 609 -10.69 -46.80 -39.83
C THR B 609 -12.02 -47.36 -40.31
N VAL B 610 -13.03 -46.50 -40.42
CA VAL B 610 -14.39 -46.96 -40.73
C VAL B 610 -14.96 -46.11 -41.85
N LYS B 611 -15.54 -46.77 -42.85
CA LYS B 611 -16.23 -46.13 -43.98
C LYS B 611 -17.67 -45.88 -43.58
N VAL B 612 -18.17 -44.68 -43.83
CA VAL B 612 -19.56 -44.32 -43.51
C VAL B 612 -20.19 -43.69 -44.75
N LYS B 613 -21.08 -44.45 -45.41
CA LYS B 613 -21.73 -43.99 -46.61
C LYS B 613 -22.82 -42.97 -46.28
N PRO B 614 -23.29 -42.20 -47.28
CA PRO B 614 -24.21 -41.10 -46.98
C PRO B 614 -25.47 -41.56 -46.27
N GLY B 615 -25.96 -40.72 -45.36
CA GLY B 615 -27.18 -40.99 -44.62
C GLY B 615 -27.11 -42.12 -43.63
N ARG B 616 -25.97 -42.77 -43.48
CA ARG B 616 -25.82 -43.87 -42.53
C ARG B 616 -24.91 -43.46 -41.38
N SER B 617 -24.66 -44.42 -40.50
CA SER B 617 -23.86 -44.12 -39.33
C SER B 617 -23.35 -45.43 -38.75
N ARG B 618 -22.19 -45.35 -38.10
CA ARG B 618 -21.55 -46.52 -37.54
C ARG B 618 -21.00 -46.16 -36.16
N THR B 619 -20.84 -47.18 -35.33
CA THR B 619 -20.54 -47.01 -33.92
C THR B 619 -19.23 -47.69 -33.59
N VAL B 620 -18.32 -46.94 -32.98
CA VAL B 620 -17.06 -47.45 -32.47
C VAL B 620 -17.12 -47.36 -30.95
N VAL B 621 -16.69 -48.42 -30.29
CA VAL B 621 -16.66 -48.49 -28.84
C VAL B 621 -15.21 -48.45 -28.40
N HIS B 622 -14.83 -47.38 -27.69
CA HIS B 622 -13.49 -47.25 -27.14
C HIS B 622 -13.50 -47.62 -25.66
N SER B 623 -12.69 -48.60 -25.29
CA SER B 623 -12.62 -49.11 -23.92
C SER B 623 -11.53 -48.37 -23.15
N ALA B 624 -11.93 -47.55 -22.18
CA ALA B 624 -10.97 -46.83 -21.35
C ALA B 624 -10.64 -47.56 -20.06
N ALA B 625 -11.23 -48.75 -19.83
CA ALA B 625 -11.17 -49.40 -18.53
C ALA B 625 -9.74 -49.75 -18.14
N ASP B 626 -8.92 -50.12 -19.10
CA ASP B 626 -7.53 -50.47 -18.78
C ASP B 626 -6.65 -49.24 -18.60
N ALA B 627 -7.12 -48.06 -19.02
CA ALA B 627 -6.45 -46.80 -18.75
C ALA B 627 -7.07 -46.07 -17.56
N HIS B 628 -7.81 -46.80 -16.71
CA HIS B 628 -8.40 -46.25 -15.48
C HIS B 628 -9.39 -45.12 -15.79
N GLY B 629 -10.02 -45.19 -16.95
CA GLY B 629 -11.03 -44.23 -17.31
C GLY B 629 -10.54 -43.08 -18.15
N TRP B 630 -9.24 -43.03 -18.45
CA TRP B 630 -8.65 -41.97 -19.23
C TRP B 630 -8.74 -42.29 -20.71
N TYR B 631 -8.97 -41.27 -21.51
CA TYR B 631 -9.05 -41.45 -22.96
C TYR B 631 -8.61 -40.14 -23.62
N ASP B 632 -7.97 -40.26 -24.79
CA ASP B 632 -7.62 -39.11 -25.63
C ASP B 632 -7.67 -39.58 -27.07
N LEU B 633 -8.71 -39.19 -27.80
CA LEU B 633 -8.99 -39.70 -29.14
C LEU B 633 -9.04 -38.57 -30.15
N ASP B 634 -8.46 -38.82 -31.31
CA ASP B 634 -8.53 -37.91 -32.44
C ASP B 634 -9.41 -38.55 -33.52
N VAL B 635 -10.44 -37.83 -33.95
CA VAL B 635 -11.32 -38.30 -35.02
C VAL B 635 -11.19 -37.34 -36.20
N THR B 636 -10.77 -37.87 -37.34
CA THR B 636 -10.60 -37.10 -38.56
C THR B 636 -11.26 -37.84 -39.72
N VAL B 637 -11.41 -37.13 -40.83
CA VAL B 637 -11.98 -37.65 -42.08
C VAL B 637 -10.88 -37.60 -43.14
N ASP B 638 -10.63 -38.74 -43.78
CA ASP B 638 -9.59 -38.78 -44.80
C ASP B 638 -9.92 -37.80 -45.91
N GLY B 639 -8.94 -36.98 -46.29
CA GLY B 639 -9.13 -36.03 -47.36
C GLY B 639 -9.64 -34.66 -46.96
N ASP B 640 -9.99 -34.44 -45.69
CA ASP B 640 -10.35 -33.12 -45.22
C ASP B 640 -9.30 -32.67 -44.20
N ASP B 641 -8.63 -31.57 -44.51
CA ASP B 641 -7.63 -31.03 -43.59
C ASP B 641 -8.24 -30.26 -42.45
N ALA B 642 -9.44 -29.71 -42.62
CA ALA B 642 -10.03 -28.89 -41.57
C ALA B 642 -10.67 -29.73 -40.47
N PHE B 643 -11.35 -30.82 -40.83
CA PHE B 643 -12.25 -31.46 -39.90
C PHE B 643 -11.49 -32.20 -38.80
N ARG B 644 -11.88 -31.95 -37.54
CA ARG B 644 -11.31 -32.68 -36.42
C ARG B 644 -12.30 -32.65 -35.26
N ARG B 645 -12.34 -33.76 -34.55
CA ARG B 645 -13.01 -33.86 -33.25
C ARG B 645 -12.03 -34.55 -32.33
N ARG B 646 -11.54 -33.85 -31.32
CA ARG B 646 -10.71 -34.49 -30.32
C ARG B 646 -11.53 -34.72 -29.05
N LEU B 647 -11.36 -35.90 -28.47
CA LEU B 647 -12.09 -36.27 -27.25
C LEU B 647 -11.10 -36.77 -26.22
N MET B 648 -11.01 -36.06 -25.11
CA MET B 648 -10.10 -36.41 -24.04
C MET B 648 -10.83 -36.22 -22.71
N GLY B 649 -10.51 -37.08 -21.75
CA GLY B 649 -11.07 -36.91 -20.42
C GLY B 649 -10.91 -38.18 -19.61
N HIS B 650 -11.63 -38.21 -18.50
CA HIS B 650 -11.56 -39.29 -17.54
C HIS B 650 -12.97 -39.67 -17.14
N ILE B 651 -13.34 -40.93 -17.39
CA ILE B 651 -14.67 -41.42 -17.05
C ILE B 651 -14.71 -41.73 -15.56
N GLU B 652 -15.57 -41.04 -14.82
CA GLU B 652 -15.75 -41.32 -13.40
C GLU B 652 -16.67 -42.53 -13.19
N ASN B 653 -16.41 -43.28 -12.11
CA ASN B 653 -17.23 -44.41 -11.76
C ASN B 653 -17.51 -44.48 -10.26
N GLY B 654 -17.32 -43.37 -9.55
CA GLY B 654 -17.57 -43.36 -8.12
C GLY B 654 -16.44 -43.88 -7.26
N ARG B 655 -15.41 -44.48 -7.84
CA ARG B 655 -14.29 -45.01 -7.07
C ARG B 655 -13.04 -44.19 -7.31
N ALA B 656 -12.16 -44.18 -6.31
CA ALA B 656 -10.84 -43.61 -6.45
C ALA B 656 -10.14 -44.19 -7.68
N SER B 657 -9.35 -43.36 -8.33
CA SER B 657 -8.76 -43.71 -9.62
C SER B 657 -7.30 -43.28 -9.65
N VAL B 658 -6.82 -42.83 -10.82
CA VAL B 658 -5.46 -42.33 -10.97
C VAL B 658 -5.52 -41.01 -11.72
N SER B 659 -4.44 -40.22 -11.58
CA SER B 659 -4.36 -38.98 -12.32
C SER B 659 -4.00 -39.28 -13.77
N GLY B 660 -4.00 -38.22 -14.59
CA GLY B 660 -3.91 -38.33 -16.05
C GLY B 660 -2.53 -38.49 -16.62
N HIS B 661 -1.50 -38.60 -15.78
CA HIS B 661 -0.15 -38.76 -16.28
C HIS B 661 0.19 -40.23 -16.50
CA CA C . 4.40 28.61 -6.42
C1 GOL D . 3.06 31.71 -7.85
O1 GOL D . 3.42 30.56 -7.26
C2 GOL D . 4.09 31.96 -8.88
O2 GOL D . 5.23 32.26 -8.18
C3 GOL D . 4.10 30.58 -9.74
O3 GOL D . 5.09 30.59 -10.75
CA CA E . -1.41 -12.17 0.18
C1 GOL F . 0.30 -9.01 -0.64
O1 GOL F . -0.03 -10.18 0.02
C2 GOL F . -0.93 -8.56 -1.21
O2 GOL F . -1.63 -9.63 -1.76
C3 GOL F . -1.56 -7.96 -0.03
O3 GOL F . -2.70 -7.36 -0.43
#